data_6R75
# 
_entry.id   6R75 
# 
_audit_conform.dict_name       mmcif_pdbx.dic 
_audit_conform.dict_version    5.383 
_audit_conform.dict_location   http://mmcif.pdb.org/dictionaries/ascii/mmcif_pdbx.dic 
# 
loop_
_database_2.database_id 
_database_2.database_code 
_database_2.pdbx_database_accession 
_database_2.pdbx_DOI 
PDB   6R75         pdb_00006r75 10.2210/pdb6r75/pdb 
WWPDB D_1292101499 ?            ?                   
# 
loop_
_pdbx_audit_revision_history.ordinal 
_pdbx_audit_revision_history.data_content_type 
_pdbx_audit_revision_history.major_revision 
_pdbx_audit_revision_history.minor_revision 
_pdbx_audit_revision_history.revision_date 
1 'Structure model' 1 0 2019-10-16 
2 'Structure model' 1 1 2020-01-22 
3 'Structure model' 1 2 2020-03-04 
4 'Structure model' 1 3 2024-01-24 
# 
_pdbx_audit_revision_details.ordinal             1 
_pdbx_audit_revision_details.revision_ordinal    1 
_pdbx_audit_revision_details.data_content_type   'Structure model' 
_pdbx_audit_revision_details.provider            repository 
_pdbx_audit_revision_details.type                'Initial release' 
_pdbx_audit_revision_details.description         ? 
_pdbx_audit_revision_details.details             ? 
# 
loop_
_pdbx_audit_revision_group.ordinal 
_pdbx_audit_revision_group.revision_ordinal 
_pdbx_audit_revision_group.data_content_type 
_pdbx_audit_revision_group.group 
1 2 'Structure model' 'Database references'    
2 3 'Structure model' 'Database references'    
3 4 'Structure model' 'Data collection'        
4 4 'Structure model' 'Database references'    
5 4 'Structure model' 'Refinement description' 
# 
loop_
_pdbx_audit_revision_category.ordinal 
_pdbx_audit_revision_category.revision_ordinal 
_pdbx_audit_revision_category.data_content_type 
_pdbx_audit_revision_category.category 
1 2 'Structure model' citation                      
2 2 'Structure model' citation_author               
3 3 'Structure model' citation                      
4 3 'Structure model' citation_author               
5 4 'Structure model' chem_comp_atom                
6 4 'Structure model' chem_comp_bond                
7 4 'Structure model' database_2                    
8 4 'Structure model' pdbx_initial_refinement_model 
# 
loop_
_pdbx_audit_revision_item.ordinal 
_pdbx_audit_revision_item.revision_ordinal 
_pdbx_audit_revision_item.data_content_type 
_pdbx_audit_revision_item.item 
1  2 'Structure model' '_citation.country'                   
2  2 'Structure model' '_citation.journal_abbrev'            
3  2 'Structure model' '_citation.journal_id_CSD'            
4  2 'Structure model' '_citation.journal_id_ISSN'           
5  2 'Structure model' '_citation.pdbx_database_id_DOI'      
6  2 'Structure model' '_citation.pdbx_database_id_PubMed'   
7  2 'Structure model' '_citation.title'                     
8  2 'Structure model' '_citation.year'                      
9  3 'Structure model' '_citation.journal_volume'            
10 3 'Structure model' '_citation.page_first'                
11 3 'Structure model' '_citation.page_last'                 
12 3 'Structure model' '_citation.year'                      
13 3 'Structure model' '_citation_author.identifier_ORCID'   
14 4 'Structure model' '_database_2.pdbx_DOI'                
15 4 'Structure model' '_database_2.pdbx_database_accession' 
# 
_pdbx_database_status.status_code                     REL 
_pdbx_database_status.status_code_sf                  REL 
_pdbx_database_status.status_code_mr                  ? 
_pdbx_database_status.entry_id                        6R75 
_pdbx_database_status.recvd_initial_deposition_date   2019-03-28 
_pdbx_database_status.SG_entry                        N 
_pdbx_database_status.deposit_site                    PDBE 
_pdbx_database_status.process_site                    PDBE 
_pdbx_database_status.status_code_cs                  ? 
_pdbx_database_status.methods_development_category    ? 
_pdbx_database_status.pdb_format_compatible           Y 
_pdbx_database_status.status_code_nmr_data            ? 
# 
loop_
_audit_author.name 
_audit_author.pdbx_ordinal 
_audit_author.identifier_ORCID 
'Chaugule, V.K.' 1 0000-0001-7814-5865 
'Rennie, M.L.'   2 0000-0002-0799-3450 
'Walden, H.'     3 0000-0002-4289-4810 
'Arkinson, C.'   4 0000-0003-3665-2484 
'Kamarainen, O.' 5 0000-0003-3248-4778 
'Toth, R.'       6 ?                   
# 
_citation.abstract                  ? 
_citation.abstract_id_CAS           ? 
_citation.book_id_ISBN              ? 
_citation.book_publisher            ? 
_citation.book_publisher_city       ? 
_citation.book_title                ? 
_citation.coordinate_linkage        ? 
_citation.country                   US 
_citation.database_id_Medline       ? 
_citation.details                   ? 
_citation.id                        primary 
_citation.journal_abbrev            Nat.Chem.Biol. 
_citation.journal_id_ASTM           ? 
_citation.journal_id_CSD            ? 
_citation.journal_id_ISSN           1552-4469 
_citation.journal_full              ? 
_citation.journal_issue             ? 
_citation.journal_volume            16 
_citation.language                  ? 
_citation.page_first                291 
_citation.page_last                 301 
_citation.title                     'Allosteric mechanism for site-specific ubiquitination of FANCD2.' 
_citation.year                      2020 
_citation.database_id_CSD           ? 
_citation.pdbx_database_id_DOI      10.1038/s41589-019-0426-z 
_citation.pdbx_database_id_PubMed   31873223 
_citation.unpublished_flag          ? 
# 
loop_
_citation_author.citation_id 
_citation_author.name 
_citation_author.ordinal 
_citation_author.identifier_ORCID 
primary 'Chaugule, V.K.' 1 ? 
primary 'Arkinson, C.'   2 ? 
primary 'Rennie, M.L.'   3 ? 
primary 'Kamarainen, O.' 4 ? 
primary 'Toth, R.'       5 ? 
primary 'Walden, H.'     6 ? 
# 
loop_
_entity.id 
_entity.type 
_entity.src_method 
_entity.pdbx_description 
_entity.formula_weight 
_entity.pdbx_number_of_molecules 
_entity.pdbx_ec 
_entity.pdbx_mutation 
_entity.pdbx_fragment 
_entity.details 
1 polymer man 'Ubiquitin-conjugating enzyme E2 T' 22880.250 1  2.3.2.23 E54R ? ? 
2 water   nat water                               18.015    57 ?        ?    ? ? 
# 
_entity_name_com.entity_id   1 
_entity_name_com.name        
;Cell proliferation-inducing gene 50 protein,E2 ubiquitin-conjugating enzyme T,Ubiquitin carrier protein T,Ubiquitin-protein ligase T
;
# 
_entity_poly.entity_id                      1 
_entity_poly.type                           'polypeptide(L)' 
_entity_poly.nstd_linkage                   no 
_entity_poly.nstd_monomer                   no 
_entity_poly.pdbx_seq_one_letter_code       
;GPGSMQRASRLKRELHMLATEPPPGITCWQDKDQMDDLRAQILGGANTPYEKGVFKLRVIIPERYPFEPPQIRFLTPIYH
PNIDSAGRICLDVLKLPPKGAWRPSLNIATVLTSIQLLMSEPNPDDPLMADISSEFKYNKPAFLKNARQWTEKHARQKQK
ADEEEMLDNLPEAGDSRVHNSTQKRKASQLVGIEKKFHPDV
;
_entity_poly.pdbx_seq_one_letter_code_can   
;GPGSMQRASRLKRELHMLATEPPPGITCWQDKDQMDDLRAQILGGANTPYEKGVFKLRVIIPERYPFEPPQIRFLTPIYH
PNIDSAGRICLDVLKLPPKGAWRPSLNIATVLTSIQLLMSEPNPDDPLMADISSEFKYNKPAFLKNARQWTEKHARQKQK
ADEEEMLDNLPEAGDSRVHNSTQKRKASQLVGIEKKFHPDV
;
_entity_poly.pdbx_strand_id                 A 
_entity_poly.pdbx_target_identifier         ? 
# 
_pdbx_entity_nonpoly.entity_id   2 
_pdbx_entity_nonpoly.name        water 
_pdbx_entity_nonpoly.comp_id     HOH 
# 
loop_
_entity_poly_seq.entity_id 
_entity_poly_seq.num 
_entity_poly_seq.mon_id 
_entity_poly_seq.hetero 
1 1   GLY n 
1 2   PRO n 
1 3   GLY n 
1 4   SER n 
1 5   MET n 
1 6   GLN n 
1 7   ARG n 
1 8   ALA n 
1 9   SER n 
1 10  ARG n 
1 11  LEU n 
1 12  LYS n 
1 13  ARG n 
1 14  GLU n 
1 15  LEU n 
1 16  HIS n 
1 17  MET n 
1 18  LEU n 
1 19  ALA n 
1 20  THR n 
1 21  GLU n 
1 22  PRO n 
1 23  PRO n 
1 24  PRO n 
1 25  GLY n 
1 26  ILE n 
1 27  THR n 
1 28  CYS n 
1 29  TRP n 
1 30  GLN n 
1 31  ASP n 
1 32  LYS n 
1 33  ASP n 
1 34  GLN n 
1 35  MET n 
1 36  ASP n 
1 37  ASP n 
1 38  LEU n 
1 39  ARG n 
1 40  ALA n 
1 41  GLN n 
1 42  ILE n 
1 43  LEU n 
1 44  GLY n 
1 45  GLY n 
1 46  ALA n 
1 47  ASN n 
1 48  THR n 
1 49  PRO n 
1 50  TYR n 
1 51  GLU n 
1 52  LYS n 
1 53  GLY n 
1 54  VAL n 
1 55  PHE n 
1 56  LYS n 
1 57  LEU n 
1 58  ARG n 
1 59  VAL n 
1 60  ILE n 
1 61  ILE n 
1 62  PRO n 
1 63  GLU n 
1 64  ARG n 
1 65  TYR n 
1 66  PRO n 
1 67  PHE n 
1 68  GLU n 
1 69  PRO n 
1 70  PRO n 
1 71  GLN n 
1 72  ILE n 
1 73  ARG n 
1 74  PHE n 
1 75  LEU n 
1 76  THR n 
1 77  PRO n 
1 78  ILE n 
1 79  TYR n 
1 80  HIS n 
1 81  PRO n 
1 82  ASN n 
1 83  ILE n 
1 84  ASP n 
1 85  SER n 
1 86  ALA n 
1 87  GLY n 
1 88  ARG n 
1 89  ILE n 
1 90  CYS n 
1 91  LEU n 
1 92  ASP n 
1 93  VAL n 
1 94  LEU n 
1 95  LYS n 
1 96  LEU n 
1 97  PRO n 
1 98  PRO n 
1 99  LYS n 
1 100 GLY n 
1 101 ALA n 
1 102 TRP n 
1 103 ARG n 
1 104 PRO n 
1 105 SER n 
1 106 LEU n 
1 107 ASN n 
1 108 ILE n 
1 109 ALA n 
1 110 THR n 
1 111 VAL n 
1 112 LEU n 
1 113 THR n 
1 114 SER n 
1 115 ILE n 
1 116 GLN n 
1 117 LEU n 
1 118 LEU n 
1 119 MET n 
1 120 SER n 
1 121 GLU n 
1 122 PRO n 
1 123 ASN n 
1 124 PRO n 
1 125 ASP n 
1 126 ASP n 
1 127 PRO n 
1 128 LEU n 
1 129 MET n 
1 130 ALA n 
1 131 ASP n 
1 132 ILE n 
1 133 SER n 
1 134 SER n 
1 135 GLU n 
1 136 PHE n 
1 137 LYS n 
1 138 TYR n 
1 139 ASN n 
1 140 LYS n 
1 141 PRO n 
1 142 ALA n 
1 143 PHE n 
1 144 LEU n 
1 145 LYS n 
1 146 ASN n 
1 147 ALA n 
1 148 ARG n 
1 149 GLN n 
1 150 TRP n 
1 151 THR n 
1 152 GLU n 
1 153 LYS n 
1 154 HIS n 
1 155 ALA n 
1 156 ARG n 
1 157 GLN n 
1 158 LYS n 
1 159 GLN n 
1 160 LYS n 
1 161 ALA n 
1 162 ASP n 
1 163 GLU n 
1 164 GLU n 
1 165 GLU n 
1 166 MET n 
1 167 LEU n 
1 168 ASP n 
1 169 ASN n 
1 170 LEU n 
1 171 PRO n 
1 172 GLU n 
1 173 ALA n 
1 174 GLY n 
1 175 ASP n 
1 176 SER n 
1 177 ARG n 
1 178 VAL n 
1 179 HIS n 
1 180 ASN n 
1 181 SER n 
1 182 THR n 
1 183 GLN n 
1 184 LYS n 
1 185 ARG n 
1 186 LYS n 
1 187 ALA n 
1 188 SER n 
1 189 GLN n 
1 190 LEU n 
1 191 VAL n 
1 192 GLY n 
1 193 ILE n 
1 194 GLU n 
1 195 LYS n 
1 196 LYS n 
1 197 PHE n 
1 198 HIS n 
1 199 PRO n 
1 200 ASP n 
1 201 VAL n 
# 
_entity_src_gen.entity_id                          1 
_entity_src_gen.pdbx_src_id                        1 
_entity_src_gen.pdbx_alt_source_flag               sample 
_entity_src_gen.pdbx_seq_type                      'Biological sequence' 
_entity_src_gen.pdbx_beg_seq_num                   1 
_entity_src_gen.pdbx_end_seq_num                   201 
_entity_src_gen.gene_src_common_name               Human 
_entity_src_gen.gene_src_genus                     ? 
_entity_src_gen.pdbx_gene_src_gene                 'UBE2T, HSPC150, PIG50' 
_entity_src_gen.gene_src_species                   ? 
_entity_src_gen.gene_src_strain                    ? 
_entity_src_gen.gene_src_tissue                    ? 
_entity_src_gen.gene_src_tissue_fraction           ? 
_entity_src_gen.gene_src_details                   ? 
_entity_src_gen.pdbx_gene_src_fragment             ? 
_entity_src_gen.pdbx_gene_src_scientific_name      'Homo sapiens' 
_entity_src_gen.pdbx_gene_src_ncbi_taxonomy_id     9606 
_entity_src_gen.pdbx_gene_src_variant              ? 
_entity_src_gen.pdbx_gene_src_cell_line            ? 
_entity_src_gen.pdbx_gene_src_atcc                 ? 
_entity_src_gen.pdbx_gene_src_organ                ? 
_entity_src_gen.pdbx_gene_src_organelle            ? 
_entity_src_gen.pdbx_gene_src_cell                 ? 
_entity_src_gen.pdbx_gene_src_cellular_location    ? 
_entity_src_gen.host_org_common_name               ? 
_entity_src_gen.pdbx_host_org_scientific_name      'Escherichia coli' 
_entity_src_gen.pdbx_host_org_ncbi_taxonomy_id     562 
_entity_src_gen.host_org_genus                     ? 
_entity_src_gen.pdbx_host_org_gene                 ? 
_entity_src_gen.pdbx_host_org_organ                ? 
_entity_src_gen.host_org_species                   ? 
_entity_src_gen.pdbx_host_org_tissue               ? 
_entity_src_gen.pdbx_host_org_tissue_fraction      ? 
_entity_src_gen.pdbx_host_org_strain               ? 
_entity_src_gen.pdbx_host_org_variant              ? 
_entity_src_gen.pdbx_host_org_cell_line            ? 
_entity_src_gen.pdbx_host_org_atcc                 ? 
_entity_src_gen.pdbx_host_org_culture_collection   ? 
_entity_src_gen.pdbx_host_org_cell                 ? 
_entity_src_gen.pdbx_host_org_organelle            ? 
_entity_src_gen.pdbx_host_org_cellular_location    ? 
_entity_src_gen.pdbx_host_org_vector_type          ? 
_entity_src_gen.pdbx_host_org_vector               ? 
_entity_src_gen.host_org_details                   ? 
_entity_src_gen.expression_system_id               ? 
_entity_src_gen.plasmid_name                       ? 
_entity_src_gen.plasmid_details                    ? 
_entity_src_gen.pdbx_description                   ? 
# 
loop_
_chem_comp.id 
_chem_comp.type 
_chem_comp.mon_nstd_flag 
_chem_comp.name 
_chem_comp.pdbx_synonyms 
_chem_comp.formula 
_chem_comp.formula_weight 
ALA 'L-peptide linking' y ALANINE         ? 'C3 H7 N O2'     89.093  
ARG 'L-peptide linking' y ARGININE        ? 'C6 H15 N4 O2 1' 175.209 
ASN 'L-peptide linking' y ASPARAGINE      ? 'C4 H8 N2 O3'    132.118 
ASP 'L-peptide linking' y 'ASPARTIC ACID' ? 'C4 H7 N O4'     133.103 
CYS 'L-peptide linking' y CYSTEINE        ? 'C3 H7 N O2 S'   121.158 
GLN 'L-peptide linking' y GLUTAMINE       ? 'C5 H10 N2 O3'   146.144 
GLU 'L-peptide linking' y 'GLUTAMIC ACID' ? 'C5 H9 N O4'     147.129 
GLY 'peptide linking'   y GLYCINE         ? 'C2 H5 N O2'     75.067  
HIS 'L-peptide linking' y HISTIDINE       ? 'C6 H10 N3 O2 1' 156.162 
HOH non-polymer         . WATER           ? 'H2 O'           18.015  
ILE 'L-peptide linking' y ISOLEUCINE      ? 'C6 H13 N O2'    131.173 
LEU 'L-peptide linking' y LEUCINE         ? 'C6 H13 N O2'    131.173 
LYS 'L-peptide linking' y LYSINE          ? 'C6 H15 N2 O2 1' 147.195 
MET 'L-peptide linking' y METHIONINE      ? 'C5 H11 N O2 S'  149.211 
PHE 'L-peptide linking' y PHENYLALANINE   ? 'C9 H11 N O2'    165.189 
PRO 'L-peptide linking' y PROLINE         ? 'C5 H9 N O2'     115.130 
SER 'L-peptide linking' y SERINE          ? 'C3 H7 N O3'     105.093 
THR 'L-peptide linking' y THREONINE       ? 'C4 H9 N O3'     119.119 
TRP 'L-peptide linking' y TRYPTOPHAN      ? 'C11 H12 N2 O2'  204.225 
TYR 'L-peptide linking' y TYROSINE        ? 'C9 H11 N O3'    181.189 
VAL 'L-peptide linking' y VALINE          ? 'C5 H11 N O2'    117.146 
# 
loop_
_pdbx_poly_seq_scheme.asym_id 
_pdbx_poly_seq_scheme.entity_id 
_pdbx_poly_seq_scheme.seq_id 
_pdbx_poly_seq_scheme.mon_id 
_pdbx_poly_seq_scheme.ndb_seq_num 
_pdbx_poly_seq_scheme.pdb_seq_num 
_pdbx_poly_seq_scheme.auth_seq_num 
_pdbx_poly_seq_scheme.pdb_mon_id 
_pdbx_poly_seq_scheme.auth_mon_id 
_pdbx_poly_seq_scheme.pdb_strand_id 
_pdbx_poly_seq_scheme.pdb_ins_code 
_pdbx_poly_seq_scheme.hetero 
A 1 1   GLY 1   -3  -3  GLY GLY A . n 
A 1 2   PRO 2   -2  -2  PRO PRO A . n 
A 1 3   GLY 3   -1  -1  GLY GLY A . n 
A 1 4   SER 4   0   0   SER SER A . n 
A 1 5   MET 5   1   1   MET MET A . n 
A 1 6   GLN 6   2   2   GLN GLN A . n 
A 1 7   ARG 7   3   3   ARG ARG A . n 
A 1 8   ALA 8   4   4   ALA ALA A . n 
A 1 9   SER 9   5   5   SER SER A . n 
A 1 10  ARG 10  6   6   ARG ARG A . n 
A 1 11  LEU 11  7   7   LEU LEU A . n 
A 1 12  LYS 12  8   8   LYS LYS A . n 
A 1 13  ARG 13  9   9   ARG ARG A . n 
A 1 14  GLU 14  10  10  GLU GLU A . n 
A 1 15  LEU 15  11  11  LEU LEU A . n 
A 1 16  HIS 16  12  12  HIS HIS A . n 
A 1 17  MET 17  13  13  MET MET A . n 
A 1 18  LEU 18  14  14  LEU LEU A . n 
A 1 19  ALA 19  15  15  ALA ALA A . n 
A 1 20  THR 20  16  16  THR THR A . n 
A 1 21  GLU 21  17  17  GLU GLU A . n 
A 1 22  PRO 22  18  18  PRO PRO A . n 
A 1 23  PRO 23  19  19  PRO PRO A . n 
A 1 24  PRO 24  20  20  PRO PRO A . n 
A 1 25  GLY 25  21  21  GLY GLY A . n 
A 1 26  ILE 26  22  22  ILE ILE A . n 
A 1 27  THR 27  23  23  THR THR A . n 
A 1 28  CYS 28  24  24  CYS CYS A . n 
A 1 29  TRP 29  25  25  TRP TRP A . n 
A 1 30  GLN 30  26  26  GLN GLN A . n 
A 1 31  ASP 31  27  27  ASP ASP A . n 
A 1 32  LYS 32  28  28  LYS LYS A . n 
A 1 33  ASP 33  29  29  ASP ASP A . n 
A 1 34  GLN 34  30  30  GLN GLN A . n 
A 1 35  MET 35  31  31  MET MET A . n 
A 1 36  ASP 36  32  32  ASP ASP A . n 
A 1 37  ASP 37  33  33  ASP ASP A . n 
A 1 38  LEU 38  34  34  LEU LEU A . n 
A 1 39  ARG 39  35  35  ARG ARG A . n 
A 1 40  ALA 40  36  36  ALA ALA A . n 
A 1 41  GLN 41  37  37  GLN GLN A . n 
A 1 42  ILE 42  38  38  ILE ILE A . n 
A 1 43  LEU 43  39  39  LEU LEU A . n 
A 1 44  GLY 44  40  40  GLY GLY A . n 
A 1 45  GLY 45  41  41  GLY GLY A . n 
A 1 46  ALA 46  42  42  ALA ALA A . n 
A 1 47  ASN 47  43  43  ASN ASN A . n 
A 1 48  THR 48  44  44  THR THR A . n 
A 1 49  PRO 49  45  45  PRO PRO A . n 
A 1 50  TYR 50  46  46  TYR TYR A . n 
A 1 51  GLU 51  47  47  GLU GLU A . n 
A 1 52  LYS 52  48  48  LYS LYS A . n 
A 1 53  GLY 53  49  49  GLY GLY A . n 
A 1 54  VAL 54  50  50  VAL VAL A . n 
A 1 55  PHE 55  51  51  PHE PHE A . n 
A 1 56  LYS 56  52  52  LYS LYS A . n 
A 1 57  LEU 57  53  53  LEU LEU A . n 
A 1 58  ARG 58  54  54  ARG ARG A . n 
A 1 59  VAL 59  55  55  VAL VAL A . n 
A 1 60  ILE 60  56  56  ILE ILE A . n 
A 1 61  ILE 61  57  57  ILE ILE A . n 
A 1 62  PRO 62  58  58  PRO PRO A . n 
A 1 63  GLU 63  59  59  GLU GLU A . n 
A 1 64  ARG 64  60  60  ARG ARG A . n 
A 1 65  TYR 65  61  61  TYR TYR A . n 
A 1 66  PRO 66  62  62  PRO PRO A . n 
A 1 67  PHE 67  63  63  PHE PHE A . n 
A 1 68  GLU 68  64  64  GLU GLU A . n 
A 1 69  PRO 69  65  65  PRO PRO A . n 
A 1 70  PRO 70  66  66  PRO PRO A . n 
A 1 71  GLN 71  67  67  GLN GLN A . n 
A 1 72  ILE 72  68  68  ILE ILE A . n 
A 1 73  ARG 73  69  69  ARG ARG A . n 
A 1 74  PHE 74  70  70  PHE PHE A . n 
A 1 75  LEU 75  71  71  LEU LEU A . n 
A 1 76  THR 76  72  72  THR THR A . n 
A 1 77  PRO 77  73  73  PRO PRO A . n 
A 1 78  ILE 78  74  74  ILE ILE A . n 
A 1 79  TYR 79  75  75  TYR TYR A . n 
A 1 80  HIS 80  76  76  HIS HIS A . n 
A 1 81  PRO 81  77  77  PRO PRO A . n 
A 1 82  ASN 82  78  78  ASN ASN A . n 
A 1 83  ILE 83  79  79  ILE ILE A . n 
A 1 84  ASP 84  80  80  ASP ASP A . n 
A 1 85  SER 85  81  81  SER SER A . n 
A 1 86  ALA 86  82  82  ALA ALA A . n 
A 1 87  GLY 87  83  83  GLY GLY A . n 
A 1 88  ARG 88  84  84  ARG ARG A . n 
A 1 89  ILE 89  85  85  ILE ILE A . n 
A 1 90  CYS 90  86  86  CYS CYS A . n 
A 1 91  LEU 91  87  87  LEU LEU A . n 
A 1 92  ASP 92  88  88  ASP ASP A . n 
A 1 93  VAL 93  89  89  VAL VAL A . n 
A 1 94  LEU 94  90  90  LEU LEU A . n 
A 1 95  LYS 95  91  91  LYS LYS A . n 
A 1 96  LEU 96  92  92  LEU LEU A . n 
A 1 97  PRO 97  93  93  PRO PRO A . n 
A 1 98  PRO 98  94  94  PRO PRO A . n 
A 1 99  LYS 99  95  95  LYS LYS A . n 
A 1 100 GLY 100 96  96  GLY GLY A . n 
A 1 101 ALA 101 97  97  ALA ALA A . n 
A 1 102 TRP 102 98  98  TRP TRP A . n 
A 1 103 ARG 103 99  99  ARG ARG A . n 
A 1 104 PRO 104 100 100 PRO PRO A . n 
A 1 105 SER 105 101 101 SER SER A . n 
A 1 106 LEU 106 102 102 LEU LEU A . n 
A 1 107 ASN 107 103 103 ASN ASN A . n 
A 1 108 ILE 108 104 104 ILE ILE A . n 
A 1 109 ALA 109 105 105 ALA ALA A . n 
A 1 110 THR 110 106 106 THR THR A . n 
A 1 111 VAL 111 107 107 VAL VAL A . n 
A 1 112 LEU 112 108 108 LEU LEU A . n 
A 1 113 THR 113 109 109 THR THR A . n 
A 1 114 SER 114 110 110 SER SER A . n 
A 1 115 ILE 115 111 111 ILE ILE A . n 
A 1 116 GLN 116 112 112 GLN GLN A . n 
A 1 117 LEU 117 113 113 LEU LEU A . n 
A 1 118 LEU 118 114 114 LEU LEU A . n 
A 1 119 MET 119 115 115 MET MET A . n 
A 1 120 SER 120 116 116 SER SER A . n 
A 1 121 GLU 121 117 117 GLU GLU A . n 
A 1 122 PRO 122 118 118 PRO PRO A . n 
A 1 123 ASN 123 119 119 ASN ASN A . n 
A 1 124 PRO 124 120 120 PRO PRO A . n 
A 1 125 ASP 125 121 121 ASP ASP A . n 
A 1 126 ASP 126 122 122 ASP ASP A . n 
A 1 127 PRO 127 123 123 PRO PRO A . n 
A 1 128 LEU 128 124 124 LEU LEU A . n 
A 1 129 MET 129 125 125 MET MET A . n 
A 1 130 ALA 130 126 126 ALA ALA A . n 
A 1 131 ASP 131 127 127 ASP ASP A . n 
A 1 132 ILE 132 128 128 ILE ILE A . n 
A 1 133 SER 133 129 129 SER SER A . n 
A 1 134 SER 134 130 130 SER SER A . n 
A 1 135 GLU 135 131 131 GLU GLU A . n 
A 1 136 PHE 136 132 132 PHE PHE A . n 
A 1 137 LYS 137 133 133 LYS LYS A . n 
A 1 138 TYR 138 134 134 TYR TYR A . n 
A 1 139 ASN 139 135 135 ASN ASN A . n 
A 1 140 LYS 140 136 136 LYS LYS A . n 
A 1 141 PRO 141 137 137 PRO PRO A . n 
A 1 142 ALA 142 138 138 ALA ALA A . n 
A 1 143 PHE 143 139 139 PHE PHE A . n 
A 1 144 LEU 144 140 140 LEU LEU A . n 
A 1 145 LYS 145 141 141 LYS LYS A . n 
A 1 146 ASN 146 142 142 ASN ASN A . n 
A 1 147 ALA 147 143 143 ALA ALA A . n 
A 1 148 ARG 148 144 144 ARG ARG A . n 
A 1 149 GLN 149 145 145 GLN GLN A . n 
A 1 150 TRP 150 146 146 TRP TRP A . n 
A 1 151 THR 151 147 147 THR THR A . n 
A 1 152 GLU 152 148 148 GLU GLU A . n 
A 1 153 LYS 153 149 149 LYS LYS A . n 
A 1 154 HIS 154 150 150 HIS HIS A . n 
A 1 155 ALA 155 151 151 ALA ALA A . n 
A 1 156 ARG 156 152 152 ARG ARG A . n 
A 1 157 GLN 157 153 153 GLN GLN A . n 
A 1 158 LYS 158 154 ?   ?   ?   A . n 
A 1 159 GLN 159 155 ?   ?   ?   A . n 
A 1 160 LYS 160 156 ?   ?   ?   A . n 
A 1 161 ALA 161 157 ?   ?   ?   A . n 
A 1 162 ASP 162 158 ?   ?   ?   A . n 
A 1 163 GLU 163 159 ?   ?   ?   A . n 
A 1 164 GLU 164 160 ?   ?   ?   A . n 
A 1 165 GLU 165 161 ?   ?   ?   A . n 
A 1 166 MET 166 162 ?   ?   ?   A . n 
A 1 167 LEU 167 163 ?   ?   ?   A . n 
A 1 168 ASP 168 164 ?   ?   ?   A . n 
A 1 169 ASN 169 165 ?   ?   ?   A . n 
A 1 170 LEU 170 166 ?   ?   ?   A . n 
A 1 171 PRO 171 167 ?   ?   ?   A . n 
A 1 172 GLU 172 168 ?   ?   ?   A . n 
A 1 173 ALA 173 169 ?   ?   ?   A . n 
A 1 174 GLY 174 170 ?   ?   ?   A . n 
A 1 175 ASP 175 171 ?   ?   ?   A . n 
A 1 176 SER 176 172 ?   ?   ?   A . n 
A 1 177 ARG 177 173 ?   ?   ?   A . n 
A 1 178 VAL 178 174 ?   ?   ?   A . n 
A 1 179 HIS 179 175 ?   ?   ?   A . n 
A 1 180 ASN 180 176 ?   ?   ?   A . n 
A 1 181 SER 181 177 ?   ?   ?   A . n 
A 1 182 THR 182 178 ?   ?   ?   A . n 
A 1 183 GLN 183 179 ?   ?   ?   A . n 
A 1 184 LYS 184 180 ?   ?   ?   A . n 
A 1 185 ARG 185 181 ?   ?   ?   A . n 
A 1 186 LYS 186 182 ?   ?   ?   A . n 
A 1 187 ALA 187 183 ?   ?   ?   A . n 
A 1 188 SER 188 184 ?   ?   ?   A . n 
A 1 189 GLN 189 185 ?   ?   ?   A . n 
A 1 190 LEU 190 186 ?   ?   ?   A . n 
A 1 191 VAL 191 187 ?   ?   ?   A . n 
A 1 192 GLY 192 188 ?   ?   ?   A . n 
A 1 193 ILE 193 189 ?   ?   ?   A . n 
A 1 194 GLU 194 190 ?   ?   ?   A . n 
A 1 195 LYS 195 191 ?   ?   ?   A . n 
A 1 196 LYS 196 192 ?   ?   ?   A . n 
A 1 197 PHE 197 193 ?   ?   ?   A . n 
A 1 198 HIS 198 194 ?   ?   ?   A . n 
A 1 199 PRO 199 195 ?   ?   ?   A . n 
A 1 200 ASP 200 196 ?   ?   ?   A . n 
A 1 201 VAL 201 197 ?   ?   ?   A . n 
# 
loop_
_pdbx_nonpoly_scheme.asym_id 
_pdbx_nonpoly_scheme.entity_id 
_pdbx_nonpoly_scheme.mon_id 
_pdbx_nonpoly_scheme.ndb_seq_num 
_pdbx_nonpoly_scheme.pdb_seq_num 
_pdbx_nonpoly_scheme.auth_seq_num 
_pdbx_nonpoly_scheme.pdb_mon_id 
_pdbx_nonpoly_scheme.auth_mon_id 
_pdbx_nonpoly_scheme.pdb_strand_id 
_pdbx_nonpoly_scheme.pdb_ins_code 
B 2 HOH 1  201 33 HOH HOH A . 
B 2 HOH 2  202 26 HOH HOH A . 
B 2 HOH 3  203 16 HOH HOH A . 
B 2 HOH 4  204 55 HOH HOH A . 
B 2 HOH 5  205 20 HOH HOH A . 
B 2 HOH 6  206 51 HOH HOH A . 
B 2 HOH 7  207 59 HOH HOH A . 
B 2 HOH 8  208 48 HOH HOH A . 
B 2 HOH 9  209 21 HOH HOH A . 
B 2 HOH 10 210 35 HOH HOH A . 
B 2 HOH 11 211 36 HOH HOH A . 
B 2 HOH 12 212 49 HOH HOH A . 
B 2 HOH 13 213 25 HOH HOH A . 
B 2 HOH 14 214 10 HOH HOH A . 
B 2 HOH 15 215 41 HOH HOH A . 
B 2 HOH 16 216 43 HOH HOH A . 
B 2 HOH 17 217 9  HOH HOH A . 
B 2 HOH 18 218 50 HOH HOH A . 
B 2 HOH 19 219 24 HOH HOH A . 
B 2 HOH 20 220 11 HOH HOH A . 
B 2 HOH 21 221 27 HOH HOH A . 
B 2 HOH 22 222 31 HOH HOH A . 
B 2 HOH 23 223 5  HOH HOH A . 
B 2 HOH 24 224 28 HOH HOH A . 
B 2 HOH 25 225 47 HOH HOH A . 
B 2 HOH 26 226 17 HOH HOH A . 
B 2 HOH 27 227 8  HOH HOH A . 
B 2 HOH 28 228 23 HOH HOH A . 
B 2 HOH 29 229 14 HOH HOH A . 
B 2 HOH 30 230 19 HOH HOH A . 
B 2 HOH 31 231 46 HOH HOH A . 
B 2 HOH 32 232 54 HOH HOH A . 
B 2 HOH 33 233 22 HOH HOH A . 
B 2 HOH 34 234 56 HOH HOH A . 
B 2 HOH 35 235 45 HOH HOH A . 
B 2 HOH 36 236 2  HOH HOH A . 
B 2 HOH 37 237 29 HOH HOH A . 
B 2 HOH 38 238 18 HOH HOH A . 
B 2 HOH 39 239 4  HOH HOH A . 
B 2 HOH 40 240 6  HOH HOH A . 
B 2 HOH 41 241 13 HOH HOH A . 
B 2 HOH 42 242 12 HOH HOH A . 
B 2 HOH 43 243 40 HOH HOH A . 
B 2 HOH 44 244 37 HOH HOH A . 
B 2 HOH 45 245 30 HOH HOH A . 
B 2 HOH 46 246 52 HOH HOH A . 
B 2 HOH 47 247 15 HOH HOH A . 
B 2 HOH 48 248 39 HOH HOH A . 
B 2 HOH 49 249 3  HOH HOH A . 
B 2 HOH 50 250 57 HOH HOH A . 
B 2 HOH 51 251 38 HOH HOH A . 
B 2 HOH 52 252 1  HOH HOH A . 
B 2 HOH 53 253 44 HOH HOH A . 
B 2 HOH 54 254 7  HOH HOH A . 
B 2 HOH 55 255 32 HOH HOH A . 
B 2 HOH 56 256 53 HOH HOH A . 
B 2 HOH 57 257 34 HOH HOH A . 
# 
loop_
_software.citation_id 
_software.classification 
_software.compiler_name 
_software.compiler_version 
_software.contact_author 
_software.contact_author_email 
_software.date 
_software.description 
_software.dependencies 
_software.hardware 
_software.language 
_software.location 
_software.mods 
_software.name 
_software.os 
_software.os_version 
_software.type 
_software.version 
_software.pdbx_ordinal 
? 'data reduction'  ? ? 'Andrew G.W. Leslie' andrew@mrc-lmb.cam.ac.uk    ?              ? ? ? ?          
http://www.mrc-lmb.cam.ac.uk/harry/mosflm/          ? MOSFLM      ? ? package .     1 
? 'data scaling'    ? ? 'Phil Evans'         ?                           15/08/18       ? ? ? ?          
http://www.mrc-lmb.cam.ac.uk/harry/pre/aimless.html ? Aimless     ? ? program 0.7.3 2 
? phasing           ? ? 'Randy J. Read'      cimr-phaser@lists.cam.ac.uk ?              ? ? ? ?          
http://www-structmed.cimr.cam.ac.uk/phaser/         ? PHASER      ? ? program .     3 
? refinement        ? ? 'Garib N. Murshudov' garib@ysbl.york.ac.uk       ?              ? ? ? Fortran_77 
http://www.ccp4.ac.uk/dist/html/refmac5.html        ? REFMAC      ? ? program .     4 
? 'data extraction' ? ? PDB                  deposit@deposit.rcsb.org    'Sep. 1, 2017' ? ? ? C++        
http://sw-tools.pdb.org/apps/PDB_EXTRACT/           ? PDB_EXTRACT ? ? package 3.24  5 
# 
_cell.angle_alpha                  90.000 
_cell.angle_alpha_esd              ? 
_cell.angle_beta                   90.000 
_cell.angle_beta_esd               ? 
_cell.angle_gamma                  90.000 
_cell.angle_gamma_esd              ? 
_cell.entry_id                     6R75 
_cell.details                      ? 
_cell.formula_units_Z              ? 
_cell.length_a                     46.130 
_cell.length_a_esd                 ? 
_cell.length_b                     46.190 
_cell.length_b_esd                 ? 
_cell.length_c                     74.200 
_cell.length_c_esd                 ? 
_cell.volume                       ? 
_cell.volume_esd                   ? 
_cell.Z_PDB                        4 
_cell.reciprocal_angle_alpha       ? 
_cell.reciprocal_angle_beta        ? 
_cell.reciprocal_angle_gamma       ? 
_cell.reciprocal_angle_alpha_esd   ? 
_cell.reciprocal_angle_beta_esd    ? 
_cell.reciprocal_angle_gamma_esd   ? 
_cell.reciprocal_length_a          ? 
_cell.reciprocal_length_b          ? 
_cell.reciprocal_length_c          ? 
_cell.reciprocal_length_a_esd      ? 
_cell.reciprocal_length_b_esd      ? 
_cell.reciprocal_length_c_esd      ? 
_cell.pdbx_unique_axis             ? 
# 
_symmetry.entry_id                         6R75 
_symmetry.cell_setting                     ? 
_symmetry.Int_Tables_number                19 
_symmetry.space_group_name_Hall            ? 
_symmetry.space_group_name_H-M             'P 21 21 21' 
_symmetry.pdbx_full_space_group_name_H-M   ? 
# 
_exptl.absorpt_coefficient_mu     ? 
_exptl.absorpt_correction_T_max   ? 
_exptl.absorpt_correction_T_min   ? 
_exptl.absorpt_correction_type    ? 
_exptl.absorpt_process_details    ? 
_exptl.entry_id                   6R75 
_exptl.crystals_number            1 
_exptl.details                    ? 
_exptl.method                     'X-RAY DIFFRACTION' 
_exptl.method_details             ? 
# 
_exptl_crystal.colour                      ? 
_exptl_crystal.density_diffrn              ? 
_exptl_crystal.density_Matthews            2.21 
_exptl_crystal.density_method              ? 
_exptl_crystal.density_percent_sol         44.35 
_exptl_crystal.description                 ? 
_exptl_crystal.F_000                       ? 
_exptl_crystal.id                          1 
_exptl_crystal.preparation                 ? 
_exptl_crystal.size_max                    ? 
_exptl_crystal.size_mid                    ? 
_exptl_crystal.size_min                    ? 
_exptl_crystal.size_rad                    ? 
_exptl_crystal.colour_lustre               ? 
_exptl_crystal.colour_modifier             ? 
_exptl_crystal.colour_primary              ? 
_exptl_crystal.density_meas                ? 
_exptl_crystal.density_meas_esd            ? 
_exptl_crystal.density_meas_gt             ? 
_exptl_crystal.density_meas_lt             ? 
_exptl_crystal.density_meas_temp           ? 
_exptl_crystal.density_meas_temp_esd       ? 
_exptl_crystal.density_meas_temp_gt        ? 
_exptl_crystal.density_meas_temp_lt        ? 
_exptl_crystal.pdbx_crystal_image_url      ? 
_exptl_crystal.pdbx_crystal_image_format   ? 
_exptl_crystal.pdbx_mosaicity              ? 
_exptl_crystal.pdbx_mosaicity_esd          ? 
# 
_exptl_crystal_grow.apparatus       ? 
_exptl_crystal_grow.atmosphere      ? 
_exptl_crystal_grow.crystal_id      1 
_exptl_crystal_grow.details         ? 
_exptl_crystal_grow.method          'VAPOR DIFFUSION, SITTING DROP' 
_exptl_crystal_grow.method_ref      ? 
_exptl_crystal_grow.pH              ? 
_exptl_crystal_grow.pressure        ? 
_exptl_crystal_grow.pressure_esd    ? 
_exptl_crystal_grow.seeding         ? 
_exptl_crystal_grow.seeding_ref     ? 
_exptl_crystal_grow.temp            277 
_exptl_crystal_grow.temp_details    ? 
_exptl_crystal_grow.temp_esd        ? 
_exptl_crystal_grow.time            ? 
_exptl_crystal_grow.pdbx_details    '0.1 M Tris-HCl pH 8.5, 20% v/v glycerol ethoxylate, 3% v/v poly(ethylene imine)' 
_exptl_crystal_grow.pdbx_pH_range   ? 
# 
_diffrn.ambient_environment              ? 
_diffrn.ambient_temp                     100 
_diffrn.ambient_temp_details             ? 
_diffrn.ambient_temp_esd                 ? 
_diffrn.crystal_id                       1 
_diffrn.crystal_support                  ? 
_diffrn.crystal_treatment                ? 
_diffrn.details                          ? 
_diffrn.id                               1 
_diffrn.ambient_pressure                 ? 
_diffrn.ambient_pressure_esd             ? 
_diffrn.ambient_pressure_gt              ? 
_diffrn.ambient_pressure_lt              ? 
_diffrn.ambient_temp_gt                  ? 
_diffrn.ambient_temp_lt                  ? 
_diffrn.pdbx_serial_crystal_experiment   N 
# 
_diffrn_detector.details                      ? 
_diffrn_detector.detector                     PIXEL 
_diffrn_detector.diffrn_id                    1 
_diffrn_detector.type                         'DECTRIS PILATUS3 2M' 
_diffrn_detector.area_resol_mean              ? 
_diffrn_detector.dtime                        ? 
_diffrn_detector.pdbx_frames_total            ? 
_diffrn_detector.pdbx_collection_time_total   ? 
_diffrn_detector.pdbx_collection_date         2017-06-14 
_diffrn_detector.pdbx_frequency               ? 
# 
_diffrn_radiation.collimation                      ? 
_diffrn_radiation.diffrn_id                        1 
_diffrn_radiation.filter_edge                      ? 
_diffrn_radiation.inhomogeneity                    ? 
_diffrn_radiation.monochromator                    ? 
_diffrn_radiation.polarisn_norm                    ? 
_diffrn_radiation.polarisn_ratio                   ? 
_diffrn_radiation.probe                            ? 
_diffrn_radiation.type                             ? 
_diffrn_radiation.xray_symbol                      ? 
_diffrn_radiation.wavelength_id                    1 
_diffrn_radiation.pdbx_monochromatic_or_laue_m_l   M 
_diffrn_radiation.pdbx_wavelength_list             ? 
_diffrn_radiation.pdbx_wavelength                  ? 
_diffrn_radiation.pdbx_diffrn_protocol             'SINGLE WAVELENGTH' 
_diffrn_radiation.pdbx_analyzer                    ? 
_diffrn_radiation.pdbx_scattering_type             x-ray 
# 
_diffrn_radiation_wavelength.id           1 
_diffrn_radiation_wavelength.wavelength   0.966 
_diffrn_radiation_wavelength.wt           1.0 
# 
_diffrn_source.current                     ? 
_diffrn_source.details                     ? 
_diffrn_source.diffrn_id                   1 
_diffrn_source.power                       ? 
_diffrn_source.size                        ? 
_diffrn_source.source                      SYNCHROTRON 
_diffrn_source.target                      ? 
_diffrn_source.type                        'ESRF BEAMLINE MASSIF-1' 
_diffrn_source.voltage                     ? 
_diffrn_source.take-off_angle              ? 
_diffrn_source.pdbx_wavelength_list        0.966 
_diffrn_source.pdbx_wavelength             ? 
_diffrn_source.pdbx_synchrotron_beamline   MASSIF-1 
_diffrn_source.pdbx_synchrotron_site       ESRF 
# 
_reflns.B_iso_Wilson_estimate            ? 
_reflns.entry_id                         6R75 
_reflns.data_reduction_details           ? 
_reflns.data_reduction_method            ? 
_reflns.d_resolution_high                2.000 
_reflns.d_resolution_low                 46.190 
_reflns.details                          ? 
_reflns.limit_h_max                      ? 
_reflns.limit_h_min                      ? 
_reflns.limit_k_max                      ? 
_reflns.limit_k_min                      ? 
_reflns.limit_l_max                      ? 
_reflns.limit_l_min                      ? 
_reflns.number_all                       ? 
_reflns.number_obs                       9878 
_reflns.observed_criterion               ? 
_reflns.observed_criterion_F_max         ? 
_reflns.observed_criterion_F_min         ? 
_reflns.observed_criterion_I_max         ? 
_reflns.observed_criterion_I_min         ? 
_reflns.observed_criterion_sigma_F       ? 
_reflns.observed_criterion_sigma_I       ? 
_reflns.percent_possible_obs             88.700 
_reflns.R_free_details                   ? 
_reflns.Rmerge_F_all                     ? 
_reflns.Rmerge_F_obs                     ? 
_reflns.Friedel_coverage                 ? 
_reflns.number_gt                        ? 
_reflns.threshold_expression             ? 
_reflns.pdbx_redundancy                  3.500 
_reflns.pdbx_Rmerge_I_obs                0.045 
_reflns.pdbx_Rmerge_I_all                ? 
_reflns.pdbx_Rsym_value                  ? 
_reflns.pdbx_netI_over_av_sigmaI         ? 
_reflns.pdbx_netI_over_sigmaI            16.700 
_reflns.pdbx_res_netI_over_av_sigmaI_2   ? 
_reflns.pdbx_res_netI_over_sigmaI_2      ? 
_reflns.pdbx_chi_squared                 ? 
_reflns.pdbx_scaling_rejects             182 
_reflns.pdbx_d_res_high_opt              ? 
_reflns.pdbx_d_res_low_opt               ? 
_reflns.pdbx_d_res_opt_method            ? 
_reflns.phase_calculation_details        ? 
_reflns.pdbx_Rrim_I_all                  0.053 
_reflns.pdbx_Rpim_I_all                  0.028 
_reflns.pdbx_d_opt                       ? 
_reflns.pdbx_number_measured_all         34140 
_reflns.pdbx_diffrn_id                   1 
_reflns.pdbx_ordinal                     1 
_reflns.pdbx_CC_half                     0.997 
_reflns.pdbx_R_split                     ? 
# 
loop_
_reflns_shell.d_res_high 
_reflns_shell.d_res_low 
_reflns_shell.meanI_over_sigI_all 
_reflns_shell.meanI_over_sigI_obs 
_reflns_shell.number_measured_all 
_reflns_shell.number_measured_obs 
_reflns_shell.number_possible 
_reflns_shell.number_unique_all 
_reflns_shell.number_unique_obs 
_reflns_shell.percent_possible_all 
_reflns_shell.percent_possible_obs 
_reflns_shell.Rmerge_F_all 
_reflns_shell.Rmerge_F_obs 
_reflns_shell.Rmerge_I_all 
_reflns_shell.Rmerge_I_obs 
_reflns_shell.meanI_over_sigI_gt 
_reflns_shell.meanI_over_uI_all 
_reflns_shell.meanI_over_uI_gt 
_reflns_shell.number_measured_gt 
_reflns_shell.number_unique_gt 
_reflns_shell.percent_possible_gt 
_reflns_shell.Rmerge_F_gt 
_reflns_shell.Rmerge_I_gt 
_reflns_shell.pdbx_redundancy 
_reflns_shell.pdbx_Rsym_value 
_reflns_shell.pdbx_chi_squared 
_reflns_shell.pdbx_netI_over_sigmaI_all 
_reflns_shell.pdbx_netI_over_sigmaI_obs 
_reflns_shell.pdbx_Rrim_I_all 
_reflns_shell.pdbx_Rpim_I_all 
_reflns_shell.pdbx_rejects 
_reflns_shell.pdbx_ordinal 
_reflns_shell.pdbx_diffrn_id 
_reflns_shell.pdbx_CC_half 
_reflns_shell.pdbx_R_split 
2.000 2.050  ? ? ? ? ? ? 769 94.600 ? ? ? ? 0.100 ? ? ? ? ? ? ? ? 3.600 ? ? ? ? 0.115 0.056 ? 1 1 0.988 ? 
8.940 46.190 ? ? ? ? ? ? 137 87.500 ? ? ? ? 0.036 ? ? ? ? ? ? ? ? 3.500 ? ? ? ? 0.042 0.021 ? 2 1 0.999 ? 
# 
_refine.aniso_B[1][1]                            2.8400 
_refine.aniso_B[1][2]                            0.0000 
_refine.aniso_B[1][3]                            0.0000 
_refine.aniso_B[2][2]                            -1.0800 
_refine.aniso_B[2][3]                            0.0000 
_refine.aniso_B[3][3]                            -1.7600 
_refine.B_iso_max                                67.640 
_refine.B_iso_mean                               24.3260 
_refine.B_iso_min                                14.210 
_refine.correlation_coeff_Fo_to_Fc               0.9130 
_refine.correlation_coeff_Fo_to_Fc_free          0.8800 
_refine.details                                  
'HYDROGENS HAVE BEEN ADDED IN THE RIDING POSITIONS U VALUES      : REFINED INDIVIDUALLY' 
_refine.diff_density_max                         ? 
_refine.diff_density_max_esd                     ? 
_refine.diff_density_min                         ? 
_refine.diff_density_min_esd                     ? 
_refine.diff_density_rms                         ? 
_refine.diff_density_rms_esd                     ? 
_refine.entry_id                                 6R75 
_refine.pdbx_refine_id                           'X-RAY DIFFRACTION' 
_refine.ls_abs_structure_details                 ? 
_refine.ls_abs_structure_Flack                   ? 
_refine.ls_abs_structure_Flack_esd               ? 
_refine.ls_abs_structure_Rogers                  ? 
_refine.ls_abs_structure_Rogers_esd              ? 
_refine.ls_d_res_high                            2.0000 
_refine.ls_d_res_low                             39.2100 
_refine.ls_extinction_coef                       ? 
_refine.ls_extinction_coef_esd                   ? 
_refine.ls_extinction_expression                 ? 
_refine.ls_extinction_method                     ? 
_refine.ls_goodness_of_fit_all                   ? 
_refine.ls_goodness_of_fit_all_esd               ? 
_refine.ls_goodness_of_fit_obs                   ? 
_refine.ls_goodness_of_fit_obs_esd               ? 
_refine.ls_hydrogen_treatment                    ? 
_refine.ls_matrix_type                           ? 
_refine.ls_number_constraints                    ? 
_refine.ls_number_parameters                     ? 
_refine.ls_number_reflns_all                     ? 
_refine.ls_number_reflns_obs                     9330 
_refine.ls_number_reflns_R_free                  451 
_refine.ls_number_reflns_R_work                  ? 
_refine.ls_number_restraints                     ? 
_refine.ls_percent_reflns_obs                    87.2400 
_refine.ls_percent_reflns_R_free                 4.6000 
_refine.ls_R_factor_all                          ? 
_refine.ls_R_factor_obs                          0.2271 
_refine.ls_R_factor_R_free                       0.2644 
_refine.ls_R_factor_R_free_error                 ? 
_refine.ls_R_factor_R_free_error_details         ? 
_refine.ls_R_factor_R_work                       0.2252 
_refine.ls_R_Fsqd_factor_obs                     ? 
_refine.ls_R_I_factor_obs                        ? 
_refine.ls_redundancy_reflns_all                 ? 
_refine.ls_redundancy_reflns_obs                 ? 
_refine.ls_restrained_S_all                      ? 
_refine.ls_restrained_S_obs                      ? 
_refine.ls_shift_over_esd_max                    ? 
_refine.ls_shift_over_esd_mean                   ? 
_refine.ls_structure_factor_coef                 ? 
_refine.ls_weighting_details                     ? 
_refine.ls_weighting_scheme                      ? 
_refine.ls_wR_factor_all                         ? 
_refine.ls_wR_factor_obs                         ? 
_refine.ls_wR_factor_R_free                      ? 
_refine.ls_wR_factor_R_work                      ? 
_refine.occupancy_max                            ? 
_refine.occupancy_min                            ? 
_refine.solvent_model_details                    ? 
_refine.solvent_model_param_bsol                 ? 
_refine.solvent_model_param_ksol                 ? 
_refine.ls_R_factor_gt                           ? 
_refine.ls_goodness_of_fit_gt                    ? 
_refine.ls_goodness_of_fit_ref                   ? 
_refine.ls_shift_over_su_max                     ? 
_refine.ls_shift_over_su_max_lt                  ? 
_refine.ls_shift_over_su_mean                    ? 
_refine.ls_shift_over_su_mean_lt                 ? 
_refine.pdbx_ls_sigma_I                          ? 
_refine.pdbx_ls_sigma_F                          0.000 
_refine.pdbx_ls_sigma_Fsqd                       ? 
_refine.pdbx_data_cutoff_high_absF               ? 
_refine.pdbx_data_cutoff_high_rms_absF           ? 
_refine.pdbx_data_cutoff_low_absF                ? 
_refine.pdbx_isotropic_thermal_model             ? 
_refine.pdbx_ls_cross_valid_method               THROUGHOUT 
_refine.pdbx_method_to_determine_struct          'MOLECULAR REPLACEMENT' 
_refine.pdbx_starting_model                      1yh2 
_refine.pdbx_stereochemistry_target_values       ? 
_refine.pdbx_R_Free_selection_details            RANDOM 
_refine.pdbx_stereochem_target_val_spec_case     ? 
_refine.pdbx_overall_ESU_R                       0.2720 
_refine.pdbx_overall_ESU_R_Free                  0.2110 
_refine.pdbx_solvent_vdw_probe_radii             1.2000 
_refine.pdbx_solvent_ion_probe_radii             0.8000 
_refine.pdbx_solvent_shrinkage_radii             0.8000 
_refine.pdbx_real_space_R                        ? 
_refine.pdbx_density_correlation                 ? 
_refine.pdbx_pd_number_of_powder_patterns        ? 
_refine.pdbx_pd_number_of_points                 ? 
_refine.pdbx_pd_meas_number_of_points            ? 
_refine.pdbx_pd_proc_ls_prof_R_factor            ? 
_refine.pdbx_pd_proc_ls_prof_wR_factor           ? 
_refine.pdbx_pd_Marquardt_correlation_coeff      ? 
_refine.pdbx_pd_Fsqrd_R_factor                   ? 
_refine.pdbx_pd_ls_matrix_band_width             ? 
_refine.pdbx_overall_phase_error                 ? 
_refine.pdbx_overall_SU_R_free_Cruickshank_DPI   ? 
_refine.pdbx_overall_SU_R_free_Blow_DPI          ? 
_refine.pdbx_overall_SU_R_Blow_DPI               ? 
_refine.pdbx_TLS_residual_ADP_flag               ? 
_refine.pdbx_diffrn_id                           1 
_refine.overall_SU_B                             5.0570 
_refine.overall_SU_ML                            0.1370 
_refine.overall_SU_R_Cruickshank_DPI             0.2717 
_refine.overall_SU_R_free                        ? 
_refine.overall_FOM_free_R_set                   ? 
_refine.overall_FOM_work_R_set                   ? 
_refine.pdbx_average_fsc_overall                 ? 
_refine.pdbx_average_fsc_work                    ? 
_refine.pdbx_average_fsc_free                    ? 
# 
_refine_hist.pdbx_refine_id                   'X-RAY DIFFRACTION' 
_refine_hist.cycle_id                         final 
_refine_hist.details                          ? 
_refine_hist.d_res_high                       2.0000 
_refine_hist.d_res_low                        39.2100 
_refine_hist.number_atoms_solvent             57 
_refine_hist.number_atoms_total               1313 
_refine_hist.number_reflns_all                ? 
_refine_hist.number_reflns_obs                ? 
_refine_hist.number_reflns_R_free             ? 
_refine_hist.number_reflns_R_work             ? 
_refine_hist.R_factor_all                     ? 
_refine_hist.R_factor_obs                     ? 
_refine_hist.R_factor_R_free                  ? 
_refine_hist.R_factor_R_work                  ? 
_refine_hist.pdbx_number_residues_total       157 
_refine_hist.pdbx_B_iso_mean_ligand           ? 
_refine_hist.pdbx_B_iso_mean_solvent          28.65 
_refine_hist.pdbx_number_atoms_protein        1256 
_refine_hist.pdbx_number_atoms_nucleic_acid   0 
_refine_hist.pdbx_number_atoms_ligand         0 
_refine_hist.pdbx_number_atoms_lipid          ? 
_refine_hist.pdbx_number_atoms_carb           ? 
_refine_hist.pdbx_pseudo_atom_details         ? 
# 
loop_
_refine_ls_restr.pdbx_refine_id 
_refine_ls_restr.criterion 
_refine_ls_restr.dev_ideal 
_refine_ls_restr.dev_ideal_target 
_refine_ls_restr.number 
_refine_ls_restr.rejects 
_refine_ls_restr.type 
_refine_ls_restr.weight 
_refine_ls_restr.pdbx_restraint_function 
'X-RAY DIFFRACTION' ? 0.007  0.013  1291 ? r_bond_refined_d       ? ? 
'X-RAY DIFFRACTION' ? 0.001  0.017  1221 ? r_bond_other_d         ? ? 
'X-RAY DIFFRACTION' ? 1.406  1.661  1754 ? r_angle_refined_deg    ? ? 
'X-RAY DIFFRACTION' ? 1.244  1.576  2851 ? r_angle_other_deg      ? ? 
'X-RAY DIFFRACTION' ? 6.958  5.000  156  ? r_dihedral_angle_1_deg ? ? 
'X-RAY DIFFRACTION' ? 30.343 21.324 68   ? r_dihedral_angle_2_deg ? ? 
'X-RAY DIFFRACTION' ? 16.607 15.000 225  ? r_dihedral_angle_3_deg ? ? 
'X-RAY DIFFRACTION' ? 16.251 15.000 11   ? r_dihedral_angle_4_deg ? ? 
'X-RAY DIFFRACTION' ? 0.067  0.200  167  ? r_chiral_restr         ? ? 
'X-RAY DIFFRACTION' ? 0.006  0.020  1415 ? r_gen_planes_refined   ? ? 
'X-RAY DIFFRACTION' ? 0.001  0.020  258  ? r_gen_planes_other     ? ? 
# 
_refine_ls_shell.pdbx_refine_id                   'X-RAY DIFFRACTION' 
_refine_ls_shell.d_res_high                       2.0000 
_refine_ls_shell.d_res_low                        2.0520 
_refine_ls_shell.number_reflns_all                765 
_refine_ls_shell.number_reflns_obs                ? 
_refine_ls_shell.number_reflns_R_free             29 
_refine_ls_shell.number_reflns_R_work             736 
_refine_ls_shell.percent_reflns_obs               94.1000 
_refine_ls_shell.percent_reflns_R_free            ? 
_refine_ls_shell.R_factor_all                     ? 
_refine_ls_shell.R_factor_obs                     ? 
_refine_ls_shell.R_factor_R_free                  0.2840 
_refine_ls_shell.R_factor_R_free_error            0.0000 
_refine_ls_shell.R_factor_R_work                  0.2420 
_refine_ls_shell.redundancy_reflns_all            ? 
_refine_ls_shell.redundancy_reflns_obs            ? 
_refine_ls_shell.wR_factor_all                    ? 
_refine_ls_shell.wR_factor_obs                    ? 
_refine_ls_shell.wR_factor_R_free                 ? 
_refine_ls_shell.wR_factor_R_work                 ? 
_refine_ls_shell.pdbx_total_number_of_bins_used   20 
_refine_ls_shell.pdbx_phase_error                 ? 
_refine_ls_shell.pdbx_fsc_work                    ? 
_refine_ls_shell.pdbx_fsc_free                    ? 
# 
_struct.entry_id                     6R75 
_struct.title                        'Crystal structure of human Ube2T E54R mutant' 
_struct.pdbx_model_details           ? 
_struct.pdbx_formula_weight          ? 
_struct.pdbx_formula_weight_method   ? 
_struct.pdbx_model_type_details      ? 
_struct.pdbx_CASP_flag               N 
# 
_struct_keywords.entry_id        6R75 
_struct_keywords.text            'DNA repair, E2, Ubiquitination, allostery, LIGASE' 
_struct_keywords.pdbx_keywords   LIGASE 
# 
loop_
_struct_asym.id 
_struct_asym.pdbx_blank_PDB_chainid_flag 
_struct_asym.pdbx_modified 
_struct_asym.entity_id 
_struct_asym.details 
A N N 1 ? 
B N N 2 ? 
# 
_struct_ref.id                         1 
_struct_ref.db_name                    UNP 
_struct_ref.db_code                    UBE2T_HUMAN 
_struct_ref.pdbx_db_accession          Q9NPD8 
_struct_ref.pdbx_db_isoform            ? 
_struct_ref.entity_id                  1 
_struct_ref.pdbx_seq_one_letter_code   
;MQRASRLKRELHMLATEPPPGITCWQDKDQMDDLRAQILGGANTPYEKGVFKLEVIIPERYPFEPPQIRFLTPIYHPNID
SAGRICLDVLKLPPKGAWRPSLNIATVLTSIQLLMSEPNPDDPLMADISSEFKYNKPAFLKNARQWTEKHARQKQKADEE
EMLDNLPEAGDSRVHNSTQKRKASQLVGIEKKFHPDV
;
_struct_ref.pdbx_align_begin           1 
# 
_struct_ref_seq.align_id                      1 
_struct_ref_seq.ref_id                        1 
_struct_ref_seq.pdbx_PDB_id_code              6R75 
_struct_ref_seq.pdbx_strand_id                A 
_struct_ref_seq.seq_align_beg                 5 
_struct_ref_seq.pdbx_seq_align_beg_ins_code   ? 
_struct_ref_seq.seq_align_end                 201 
_struct_ref_seq.pdbx_seq_align_end_ins_code   ? 
_struct_ref_seq.pdbx_db_accession             Q9NPD8 
_struct_ref_seq.db_align_beg                  1 
_struct_ref_seq.pdbx_db_align_beg_ins_code    ? 
_struct_ref_seq.db_align_end                  197 
_struct_ref_seq.pdbx_db_align_end_ins_code    ? 
_struct_ref_seq.pdbx_auth_seq_align_beg       1 
_struct_ref_seq.pdbx_auth_seq_align_end       197 
# 
loop_
_struct_ref_seq_dif.align_id 
_struct_ref_seq_dif.pdbx_pdb_id_code 
_struct_ref_seq_dif.mon_id 
_struct_ref_seq_dif.pdbx_pdb_strand_id 
_struct_ref_seq_dif.seq_num 
_struct_ref_seq_dif.pdbx_pdb_ins_code 
_struct_ref_seq_dif.pdbx_seq_db_name 
_struct_ref_seq_dif.pdbx_seq_db_accession_code 
_struct_ref_seq_dif.db_mon_id 
_struct_ref_seq_dif.pdbx_seq_db_seq_num 
_struct_ref_seq_dif.details 
_struct_ref_seq_dif.pdbx_auth_seq_num 
_struct_ref_seq_dif.pdbx_ordinal 
1 6R75 GLY A 1  ? UNP Q9NPD8 ?   ?  'expression tag'      -3 1 
1 6R75 PRO A 2  ? UNP Q9NPD8 ?   ?  'expression tag'      -2 2 
1 6R75 GLY A 3  ? UNP Q9NPD8 ?   ?  'expression tag'      -1 3 
1 6R75 SER A 4  ? UNP Q9NPD8 ?   ?  'expression tag'      0  4 
1 6R75 ARG A 58 ? UNP Q9NPD8 GLU 54 'engineered mutation' 54 5 
# 
_pdbx_struct_assembly.id                   1 
_pdbx_struct_assembly.details              author_and_software_defined_assembly 
_pdbx_struct_assembly.method_details       PISA 
_pdbx_struct_assembly.oligomeric_details   monomeric 
_pdbx_struct_assembly.oligomeric_count     1 
# 
loop_
_pdbx_struct_assembly_prop.biol_id 
_pdbx_struct_assembly_prop.type 
_pdbx_struct_assembly_prop.value 
_pdbx_struct_assembly_prop.details 
1 'ABSA (A^2)' 0    ? 
1 MORE         0    ? 
1 'SSA (A^2)'  8940 ? 
# 
_pdbx_struct_assembly_gen.assembly_id       1 
_pdbx_struct_assembly_gen.oper_expression   1 
_pdbx_struct_assembly_gen.asym_id_list      A,B 
# 
_pdbx_struct_assembly_auth_evidence.id                     1 
_pdbx_struct_assembly_auth_evidence.assembly_id            1 
_pdbx_struct_assembly_auth_evidence.experimental_support   'gel filtration' 
_pdbx_struct_assembly_auth_evidence.details                ? 
# 
_pdbx_struct_oper_list.id                   1 
_pdbx_struct_oper_list.type                 'identity operation' 
_pdbx_struct_oper_list.name                 1_555 
_pdbx_struct_oper_list.symmetry_operation   x,y,z 
_pdbx_struct_oper_list.matrix[1][1]         1.0000000000 
_pdbx_struct_oper_list.matrix[1][2]         0.0000000000 
_pdbx_struct_oper_list.matrix[1][3]         0.0000000000 
_pdbx_struct_oper_list.vector[1]            0.0000000000 
_pdbx_struct_oper_list.matrix[2][1]         0.0000000000 
_pdbx_struct_oper_list.matrix[2][2]         1.0000000000 
_pdbx_struct_oper_list.matrix[2][3]         0.0000000000 
_pdbx_struct_oper_list.vector[2]            0.0000000000 
_pdbx_struct_oper_list.matrix[3][1]         0.0000000000 
_pdbx_struct_oper_list.matrix[3][2]         0.0000000000 
_pdbx_struct_oper_list.matrix[3][3]         1.0000000000 
_pdbx_struct_oper_list.vector[3]            0.0000000000 
# 
loop_
_struct_conf.conf_type_id 
_struct_conf.id 
_struct_conf.pdbx_PDB_helix_id 
_struct_conf.beg_label_comp_id 
_struct_conf.beg_label_asym_id 
_struct_conf.beg_label_seq_id 
_struct_conf.pdbx_beg_PDB_ins_code 
_struct_conf.end_label_comp_id 
_struct_conf.end_label_asym_id 
_struct_conf.end_label_seq_id 
_struct_conf.pdbx_end_PDB_ins_code 
_struct_conf.beg_auth_comp_id 
_struct_conf.beg_auth_asym_id 
_struct_conf.beg_auth_seq_id 
_struct_conf.end_auth_comp_id 
_struct_conf.end_auth_asym_id 
_struct_conf.end_auth_seq_id 
_struct_conf.pdbx_PDB_helix_class 
_struct_conf.details 
_struct_conf.pdbx_PDB_helix_length 
HELX_P HELX_P1 AA1 GLY A 1   ? GLU A 21  ? GLY A -3  GLU A 17  1 ? 21 
HELX_P HELX_P2 AA2 LEU A 91  ? LYS A 95  ? LEU A 87  LYS A 91  5 ? 5  
HELX_P HELX_P3 AA3 ASN A 107 ? GLU A 121 ? ASN A 103 GLU A 117 1 ? 15 
HELX_P HELX_P4 AA4 MET A 129 ? ASN A 139 ? MET A 125 ASN A 135 1 ? 11 
HELX_P HELX_P5 AA5 ASN A 139 ? ALA A 155 ? ASN A 135 ALA A 151 1 ? 17 
# 
_struct_conf_type.id          HELX_P 
_struct_conf_type.criteria    ? 
_struct_conf_type.reference   ? 
# 
loop_
_struct_mon_prot_cis.pdbx_id 
_struct_mon_prot_cis.label_comp_id 
_struct_mon_prot_cis.label_seq_id 
_struct_mon_prot_cis.label_asym_id 
_struct_mon_prot_cis.label_alt_id 
_struct_mon_prot_cis.pdbx_PDB_ins_code 
_struct_mon_prot_cis.auth_comp_id 
_struct_mon_prot_cis.auth_seq_id 
_struct_mon_prot_cis.auth_asym_id 
_struct_mon_prot_cis.pdbx_label_comp_id_2 
_struct_mon_prot_cis.pdbx_label_seq_id_2 
_struct_mon_prot_cis.pdbx_label_asym_id_2 
_struct_mon_prot_cis.pdbx_PDB_ins_code_2 
_struct_mon_prot_cis.pdbx_auth_comp_id_2 
_struct_mon_prot_cis.pdbx_auth_seq_id_2 
_struct_mon_prot_cis.pdbx_auth_asym_id_2 
_struct_mon_prot_cis.pdbx_PDB_model_num 
_struct_mon_prot_cis.pdbx_omega_angle 
1 TYR 65 A . ? TYR 61 A PRO 66 A ? PRO 62 A 1 -1.06 
2 PRO 97 A . ? PRO 93 A PRO 98 A ? PRO 94 A 1 3.78  
# 
_struct_sheet.id               AA1 
_struct_sheet.type             ? 
_struct_sheet.number_strands   4 
_struct_sheet.details          ? 
# 
loop_
_struct_sheet_order.sheet_id 
_struct_sheet_order.range_id_1 
_struct_sheet_order.range_id_2 
_struct_sheet_order.offset 
_struct_sheet_order.sense 
AA1 1 2 ? anti-parallel 
AA1 2 3 ? anti-parallel 
AA1 3 4 ? anti-parallel 
# 
loop_
_struct_sheet_range.sheet_id 
_struct_sheet_range.id 
_struct_sheet_range.beg_label_comp_id 
_struct_sheet_range.beg_label_asym_id 
_struct_sheet_range.beg_label_seq_id 
_struct_sheet_range.pdbx_beg_PDB_ins_code 
_struct_sheet_range.end_label_comp_id 
_struct_sheet_range.end_label_asym_id 
_struct_sheet_range.end_label_seq_id 
_struct_sheet_range.pdbx_end_PDB_ins_code 
_struct_sheet_range.beg_auth_comp_id 
_struct_sheet_range.beg_auth_asym_id 
_struct_sheet_range.beg_auth_seq_id 
_struct_sheet_range.end_auth_comp_id 
_struct_sheet_range.end_auth_asym_id 
_struct_sheet_range.end_auth_seq_id 
AA1 1 ILE A 26 ? TRP A 29 ? ILE A 22 TRP A 25 
AA1 2 ASP A 37 ? LEU A 43 ? ASP A 33 LEU A 39 
AA1 3 VAL A 54 ? ILE A 60 ? VAL A 50 ILE A 56 
AA1 4 GLN A 71 ? PHE A 74 ? GLN A 67 PHE A 70 
# 
loop_
_pdbx_struct_sheet_hbond.sheet_id 
_pdbx_struct_sheet_hbond.range_id_1 
_pdbx_struct_sheet_hbond.range_id_2 
_pdbx_struct_sheet_hbond.range_1_label_atom_id 
_pdbx_struct_sheet_hbond.range_1_label_comp_id 
_pdbx_struct_sheet_hbond.range_1_label_asym_id 
_pdbx_struct_sheet_hbond.range_1_label_seq_id 
_pdbx_struct_sheet_hbond.range_1_PDB_ins_code 
_pdbx_struct_sheet_hbond.range_1_auth_atom_id 
_pdbx_struct_sheet_hbond.range_1_auth_comp_id 
_pdbx_struct_sheet_hbond.range_1_auth_asym_id 
_pdbx_struct_sheet_hbond.range_1_auth_seq_id 
_pdbx_struct_sheet_hbond.range_2_label_atom_id 
_pdbx_struct_sheet_hbond.range_2_label_comp_id 
_pdbx_struct_sheet_hbond.range_2_label_asym_id 
_pdbx_struct_sheet_hbond.range_2_label_seq_id 
_pdbx_struct_sheet_hbond.range_2_PDB_ins_code 
_pdbx_struct_sheet_hbond.range_2_auth_atom_id 
_pdbx_struct_sheet_hbond.range_2_auth_comp_id 
_pdbx_struct_sheet_hbond.range_2_auth_asym_id 
_pdbx_struct_sheet_hbond.range_2_auth_seq_id 
AA1 1 2 N THR A 27 ? N THR A 23 O GLN A 41 ? O GLN A 37 
AA1 2 3 N LEU A 38 ? N LEU A 34 O VAL A 59 ? O VAL A 55 
AA1 3 4 N ILE A 60 ? N ILE A 56 O GLN A 71 ? O GLN A 67 
# 
loop_
_pdbx_validate_torsion.id 
_pdbx_validate_torsion.PDB_model_num 
_pdbx_validate_torsion.auth_comp_id 
_pdbx_validate_torsion.auth_asym_id 
_pdbx_validate_torsion.auth_seq_id 
_pdbx_validate_torsion.PDB_ins_code 
_pdbx_validate_torsion.label_alt_id 
_pdbx_validate_torsion.phi 
_pdbx_validate_torsion.psi 
1 1 LYS A 48  ? ? 74.11   -5.33 
2 1 ASN A 119 ? ? -111.63 72.99 
3 1 ASP A 122 ? ? -108.51 68.38 
# 
_phasing.method   MR 
# 
loop_
_pdbx_unobs_or_zero_occ_residues.id 
_pdbx_unobs_or_zero_occ_residues.PDB_model_num 
_pdbx_unobs_or_zero_occ_residues.polymer_flag 
_pdbx_unobs_or_zero_occ_residues.occupancy_flag 
_pdbx_unobs_or_zero_occ_residues.auth_asym_id 
_pdbx_unobs_or_zero_occ_residues.auth_comp_id 
_pdbx_unobs_or_zero_occ_residues.auth_seq_id 
_pdbx_unobs_or_zero_occ_residues.PDB_ins_code 
_pdbx_unobs_or_zero_occ_residues.label_asym_id 
_pdbx_unobs_or_zero_occ_residues.label_comp_id 
_pdbx_unobs_or_zero_occ_residues.label_seq_id 
1  1 Y 1 A LYS 154 ? A LYS 158 
2  1 Y 1 A GLN 155 ? A GLN 159 
3  1 Y 1 A LYS 156 ? A LYS 160 
4  1 Y 1 A ALA 157 ? A ALA 161 
5  1 Y 1 A ASP 158 ? A ASP 162 
6  1 Y 1 A GLU 159 ? A GLU 163 
7  1 Y 1 A GLU 160 ? A GLU 164 
8  1 Y 1 A GLU 161 ? A GLU 165 
9  1 Y 1 A MET 162 ? A MET 166 
10 1 Y 1 A LEU 163 ? A LEU 167 
11 1 Y 1 A ASP 164 ? A ASP 168 
12 1 Y 1 A ASN 165 ? A ASN 169 
13 1 Y 1 A LEU 166 ? A LEU 170 
14 1 Y 1 A PRO 167 ? A PRO 171 
15 1 Y 1 A GLU 168 ? A GLU 172 
16 1 Y 1 A ALA 169 ? A ALA 173 
17 1 Y 1 A GLY 170 ? A GLY 174 
18 1 Y 1 A ASP 171 ? A ASP 175 
19 1 Y 1 A SER 172 ? A SER 176 
20 1 Y 1 A ARG 173 ? A ARG 177 
21 1 Y 1 A VAL 174 ? A VAL 178 
22 1 Y 1 A HIS 175 ? A HIS 179 
23 1 Y 1 A ASN 176 ? A ASN 180 
24 1 Y 1 A SER 177 ? A SER 181 
25 1 Y 1 A THR 178 ? A THR 182 
26 1 Y 1 A GLN 179 ? A GLN 183 
27 1 Y 1 A LYS 180 ? A LYS 184 
28 1 Y 1 A ARG 181 ? A ARG 185 
29 1 Y 1 A LYS 182 ? A LYS 186 
30 1 Y 1 A ALA 183 ? A ALA 187 
31 1 Y 1 A SER 184 ? A SER 188 
32 1 Y 1 A GLN 185 ? A GLN 189 
33 1 Y 1 A LEU 186 ? A LEU 190 
34 1 Y 1 A VAL 187 ? A VAL 191 
35 1 Y 1 A GLY 188 ? A GLY 192 
36 1 Y 1 A ILE 189 ? A ILE 193 
37 1 Y 1 A GLU 190 ? A GLU 194 
38 1 Y 1 A LYS 191 ? A LYS 195 
39 1 Y 1 A LYS 192 ? A LYS 196 
40 1 Y 1 A PHE 193 ? A PHE 197 
41 1 Y 1 A HIS 194 ? A HIS 198 
42 1 Y 1 A PRO 195 ? A PRO 199 
43 1 Y 1 A ASP 196 ? A ASP 200 
44 1 Y 1 A VAL 197 ? A VAL 201 
# 
loop_
_chem_comp_atom.comp_id 
_chem_comp_atom.atom_id 
_chem_comp_atom.type_symbol 
_chem_comp_atom.pdbx_aromatic_flag 
_chem_comp_atom.pdbx_stereo_config 
_chem_comp_atom.pdbx_ordinal 
ALA N    N N N 1   
ALA CA   C N S 2   
ALA C    C N N 3   
ALA O    O N N 4   
ALA CB   C N N 5   
ALA OXT  O N N 6   
ALA H    H N N 7   
ALA H2   H N N 8   
ALA HA   H N N 9   
ALA HB1  H N N 10  
ALA HB2  H N N 11  
ALA HB3  H N N 12  
ALA HXT  H N N 13  
ARG N    N N N 14  
ARG CA   C N S 15  
ARG C    C N N 16  
ARG O    O N N 17  
ARG CB   C N N 18  
ARG CG   C N N 19  
ARG CD   C N N 20  
ARG NE   N N N 21  
ARG CZ   C N N 22  
ARG NH1  N N N 23  
ARG NH2  N N N 24  
ARG OXT  O N N 25  
ARG H    H N N 26  
ARG H2   H N N 27  
ARG HA   H N N 28  
ARG HB2  H N N 29  
ARG HB3  H N N 30  
ARG HG2  H N N 31  
ARG HG3  H N N 32  
ARG HD2  H N N 33  
ARG HD3  H N N 34  
ARG HE   H N N 35  
ARG HH11 H N N 36  
ARG HH12 H N N 37  
ARG HH21 H N N 38  
ARG HH22 H N N 39  
ARG HXT  H N N 40  
ASN N    N N N 41  
ASN CA   C N S 42  
ASN C    C N N 43  
ASN O    O N N 44  
ASN CB   C N N 45  
ASN CG   C N N 46  
ASN OD1  O N N 47  
ASN ND2  N N N 48  
ASN OXT  O N N 49  
ASN H    H N N 50  
ASN H2   H N N 51  
ASN HA   H N N 52  
ASN HB2  H N N 53  
ASN HB3  H N N 54  
ASN HD21 H N N 55  
ASN HD22 H N N 56  
ASN HXT  H N N 57  
ASP N    N N N 58  
ASP CA   C N S 59  
ASP C    C N N 60  
ASP O    O N N 61  
ASP CB   C N N 62  
ASP CG   C N N 63  
ASP OD1  O N N 64  
ASP OD2  O N N 65  
ASP OXT  O N N 66  
ASP H    H N N 67  
ASP H2   H N N 68  
ASP HA   H N N 69  
ASP HB2  H N N 70  
ASP HB3  H N N 71  
ASP HD2  H N N 72  
ASP HXT  H N N 73  
CYS N    N N N 74  
CYS CA   C N R 75  
CYS C    C N N 76  
CYS O    O N N 77  
CYS CB   C N N 78  
CYS SG   S N N 79  
CYS OXT  O N N 80  
CYS H    H N N 81  
CYS H2   H N N 82  
CYS HA   H N N 83  
CYS HB2  H N N 84  
CYS HB3  H N N 85  
CYS HG   H N N 86  
CYS HXT  H N N 87  
GLN N    N N N 88  
GLN CA   C N S 89  
GLN C    C N N 90  
GLN O    O N N 91  
GLN CB   C N N 92  
GLN CG   C N N 93  
GLN CD   C N N 94  
GLN OE1  O N N 95  
GLN NE2  N N N 96  
GLN OXT  O N N 97  
GLN H    H N N 98  
GLN H2   H N N 99  
GLN HA   H N N 100 
GLN HB2  H N N 101 
GLN HB3  H N N 102 
GLN HG2  H N N 103 
GLN HG3  H N N 104 
GLN HE21 H N N 105 
GLN HE22 H N N 106 
GLN HXT  H N N 107 
GLU N    N N N 108 
GLU CA   C N S 109 
GLU C    C N N 110 
GLU O    O N N 111 
GLU CB   C N N 112 
GLU CG   C N N 113 
GLU CD   C N N 114 
GLU OE1  O N N 115 
GLU OE2  O N N 116 
GLU OXT  O N N 117 
GLU H    H N N 118 
GLU H2   H N N 119 
GLU HA   H N N 120 
GLU HB2  H N N 121 
GLU HB3  H N N 122 
GLU HG2  H N N 123 
GLU HG3  H N N 124 
GLU HE2  H N N 125 
GLU HXT  H N N 126 
GLY N    N N N 127 
GLY CA   C N N 128 
GLY C    C N N 129 
GLY O    O N N 130 
GLY OXT  O N N 131 
GLY H    H N N 132 
GLY H2   H N N 133 
GLY HA2  H N N 134 
GLY HA3  H N N 135 
GLY HXT  H N N 136 
HIS N    N N N 137 
HIS CA   C N S 138 
HIS C    C N N 139 
HIS O    O N N 140 
HIS CB   C N N 141 
HIS CG   C Y N 142 
HIS ND1  N Y N 143 
HIS CD2  C Y N 144 
HIS CE1  C Y N 145 
HIS NE2  N Y N 146 
HIS OXT  O N N 147 
HIS H    H N N 148 
HIS H2   H N N 149 
HIS HA   H N N 150 
HIS HB2  H N N 151 
HIS HB3  H N N 152 
HIS HD1  H N N 153 
HIS HD2  H N N 154 
HIS HE1  H N N 155 
HIS HE2  H N N 156 
HIS HXT  H N N 157 
HOH O    O N N 158 
HOH H1   H N N 159 
HOH H2   H N N 160 
ILE N    N N N 161 
ILE CA   C N S 162 
ILE C    C N N 163 
ILE O    O N N 164 
ILE CB   C N S 165 
ILE CG1  C N N 166 
ILE CG2  C N N 167 
ILE CD1  C N N 168 
ILE OXT  O N N 169 
ILE H    H N N 170 
ILE H2   H N N 171 
ILE HA   H N N 172 
ILE HB   H N N 173 
ILE HG12 H N N 174 
ILE HG13 H N N 175 
ILE HG21 H N N 176 
ILE HG22 H N N 177 
ILE HG23 H N N 178 
ILE HD11 H N N 179 
ILE HD12 H N N 180 
ILE HD13 H N N 181 
ILE HXT  H N N 182 
LEU N    N N N 183 
LEU CA   C N S 184 
LEU C    C N N 185 
LEU O    O N N 186 
LEU CB   C N N 187 
LEU CG   C N N 188 
LEU CD1  C N N 189 
LEU CD2  C N N 190 
LEU OXT  O N N 191 
LEU H    H N N 192 
LEU H2   H N N 193 
LEU HA   H N N 194 
LEU HB2  H N N 195 
LEU HB3  H N N 196 
LEU HG   H N N 197 
LEU HD11 H N N 198 
LEU HD12 H N N 199 
LEU HD13 H N N 200 
LEU HD21 H N N 201 
LEU HD22 H N N 202 
LEU HD23 H N N 203 
LEU HXT  H N N 204 
LYS N    N N N 205 
LYS CA   C N S 206 
LYS C    C N N 207 
LYS O    O N N 208 
LYS CB   C N N 209 
LYS CG   C N N 210 
LYS CD   C N N 211 
LYS CE   C N N 212 
LYS NZ   N N N 213 
LYS OXT  O N N 214 
LYS H    H N N 215 
LYS H2   H N N 216 
LYS HA   H N N 217 
LYS HB2  H N N 218 
LYS HB3  H N N 219 
LYS HG2  H N N 220 
LYS HG3  H N N 221 
LYS HD2  H N N 222 
LYS HD3  H N N 223 
LYS HE2  H N N 224 
LYS HE3  H N N 225 
LYS HZ1  H N N 226 
LYS HZ2  H N N 227 
LYS HZ3  H N N 228 
LYS HXT  H N N 229 
MET N    N N N 230 
MET CA   C N S 231 
MET C    C N N 232 
MET O    O N N 233 
MET CB   C N N 234 
MET CG   C N N 235 
MET SD   S N N 236 
MET CE   C N N 237 
MET OXT  O N N 238 
MET H    H N N 239 
MET H2   H N N 240 
MET HA   H N N 241 
MET HB2  H N N 242 
MET HB3  H N N 243 
MET HG2  H N N 244 
MET HG3  H N N 245 
MET HE1  H N N 246 
MET HE2  H N N 247 
MET HE3  H N N 248 
MET HXT  H N N 249 
PHE N    N N N 250 
PHE CA   C N S 251 
PHE C    C N N 252 
PHE O    O N N 253 
PHE CB   C N N 254 
PHE CG   C Y N 255 
PHE CD1  C Y N 256 
PHE CD2  C Y N 257 
PHE CE1  C Y N 258 
PHE CE2  C Y N 259 
PHE CZ   C Y N 260 
PHE OXT  O N N 261 
PHE H    H N N 262 
PHE H2   H N N 263 
PHE HA   H N N 264 
PHE HB2  H N N 265 
PHE HB3  H N N 266 
PHE HD1  H N N 267 
PHE HD2  H N N 268 
PHE HE1  H N N 269 
PHE HE2  H N N 270 
PHE HZ   H N N 271 
PHE HXT  H N N 272 
PRO N    N N N 273 
PRO CA   C N S 274 
PRO C    C N N 275 
PRO O    O N N 276 
PRO CB   C N N 277 
PRO CG   C N N 278 
PRO CD   C N N 279 
PRO OXT  O N N 280 
PRO H    H N N 281 
PRO HA   H N N 282 
PRO HB2  H N N 283 
PRO HB3  H N N 284 
PRO HG2  H N N 285 
PRO HG3  H N N 286 
PRO HD2  H N N 287 
PRO HD3  H N N 288 
PRO HXT  H N N 289 
SER N    N N N 290 
SER CA   C N S 291 
SER C    C N N 292 
SER O    O N N 293 
SER CB   C N N 294 
SER OG   O N N 295 
SER OXT  O N N 296 
SER H    H N N 297 
SER H2   H N N 298 
SER HA   H N N 299 
SER HB2  H N N 300 
SER HB3  H N N 301 
SER HG   H N N 302 
SER HXT  H N N 303 
THR N    N N N 304 
THR CA   C N S 305 
THR C    C N N 306 
THR O    O N N 307 
THR CB   C N R 308 
THR OG1  O N N 309 
THR CG2  C N N 310 
THR OXT  O N N 311 
THR H    H N N 312 
THR H2   H N N 313 
THR HA   H N N 314 
THR HB   H N N 315 
THR HG1  H N N 316 
THR HG21 H N N 317 
THR HG22 H N N 318 
THR HG23 H N N 319 
THR HXT  H N N 320 
TRP N    N N N 321 
TRP CA   C N S 322 
TRP C    C N N 323 
TRP O    O N N 324 
TRP CB   C N N 325 
TRP CG   C Y N 326 
TRP CD1  C Y N 327 
TRP CD2  C Y N 328 
TRP NE1  N Y N 329 
TRP CE2  C Y N 330 
TRP CE3  C Y N 331 
TRP CZ2  C Y N 332 
TRP CZ3  C Y N 333 
TRP CH2  C Y N 334 
TRP OXT  O N N 335 
TRP H    H N N 336 
TRP H2   H N N 337 
TRP HA   H N N 338 
TRP HB2  H N N 339 
TRP HB3  H N N 340 
TRP HD1  H N N 341 
TRP HE1  H N N 342 
TRP HE3  H N N 343 
TRP HZ2  H N N 344 
TRP HZ3  H N N 345 
TRP HH2  H N N 346 
TRP HXT  H N N 347 
TYR N    N N N 348 
TYR CA   C N S 349 
TYR C    C N N 350 
TYR O    O N N 351 
TYR CB   C N N 352 
TYR CG   C Y N 353 
TYR CD1  C Y N 354 
TYR CD2  C Y N 355 
TYR CE1  C Y N 356 
TYR CE2  C Y N 357 
TYR CZ   C Y N 358 
TYR OH   O N N 359 
TYR OXT  O N N 360 
TYR H    H N N 361 
TYR H2   H N N 362 
TYR HA   H N N 363 
TYR HB2  H N N 364 
TYR HB3  H N N 365 
TYR HD1  H N N 366 
TYR HD2  H N N 367 
TYR HE1  H N N 368 
TYR HE2  H N N 369 
TYR HH   H N N 370 
TYR HXT  H N N 371 
VAL N    N N N 372 
VAL CA   C N S 373 
VAL C    C N N 374 
VAL O    O N N 375 
VAL CB   C N N 376 
VAL CG1  C N N 377 
VAL CG2  C N N 378 
VAL OXT  O N N 379 
VAL H    H N N 380 
VAL H2   H N N 381 
VAL HA   H N N 382 
VAL HB   H N N 383 
VAL HG11 H N N 384 
VAL HG12 H N N 385 
VAL HG13 H N N 386 
VAL HG21 H N N 387 
VAL HG22 H N N 388 
VAL HG23 H N N 389 
VAL HXT  H N N 390 
# 
loop_
_chem_comp_bond.comp_id 
_chem_comp_bond.atom_id_1 
_chem_comp_bond.atom_id_2 
_chem_comp_bond.value_order 
_chem_comp_bond.pdbx_aromatic_flag 
_chem_comp_bond.pdbx_stereo_config 
_chem_comp_bond.pdbx_ordinal 
ALA N   CA   sing N N 1   
ALA N   H    sing N N 2   
ALA N   H2   sing N N 3   
ALA CA  C    sing N N 4   
ALA CA  CB   sing N N 5   
ALA CA  HA   sing N N 6   
ALA C   O    doub N N 7   
ALA C   OXT  sing N N 8   
ALA CB  HB1  sing N N 9   
ALA CB  HB2  sing N N 10  
ALA CB  HB3  sing N N 11  
ALA OXT HXT  sing N N 12  
ARG N   CA   sing N N 13  
ARG N   H    sing N N 14  
ARG N   H2   sing N N 15  
ARG CA  C    sing N N 16  
ARG CA  CB   sing N N 17  
ARG CA  HA   sing N N 18  
ARG C   O    doub N N 19  
ARG C   OXT  sing N N 20  
ARG CB  CG   sing N N 21  
ARG CB  HB2  sing N N 22  
ARG CB  HB3  sing N N 23  
ARG CG  CD   sing N N 24  
ARG CG  HG2  sing N N 25  
ARG CG  HG3  sing N N 26  
ARG CD  NE   sing N N 27  
ARG CD  HD2  sing N N 28  
ARG CD  HD3  sing N N 29  
ARG NE  CZ   sing N N 30  
ARG NE  HE   sing N N 31  
ARG CZ  NH1  sing N N 32  
ARG CZ  NH2  doub N N 33  
ARG NH1 HH11 sing N N 34  
ARG NH1 HH12 sing N N 35  
ARG NH2 HH21 sing N N 36  
ARG NH2 HH22 sing N N 37  
ARG OXT HXT  sing N N 38  
ASN N   CA   sing N N 39  
ASN N   H    sing N N 40  
ASN N   H2   sing N N 41  
ASN CA  C    sing N N 42  
ASN CA  CB   sing N N 43  
ASN CA  HA   sing N N 44  
ASN C   O    doub N N 45  
ASN C   OXT  sing N N 46  
ASN CB  CG   sing N N 47  
ASN CB  HB2  sing N N 48  
ASN CB  HB3  sing N N 49  
ASN CG  OD1  doub N N 50  
ASN CG  ND2  sing N N 51  
ASN ND2 HD21 sing N N 52  
ASN ND2 HD22 sing N N 53  
ASN OXT HXT  sing N N 54  
ASP N   CA   sing N N 55  
ASP N   H    sing N N 56  
ASP N   H2   sing N N 57  
ASP CA  C    sing N N 58  
ASP CA  CB   sing N N 59  
ASP CA  HA   sing N N 60  
ASP C   O    doub N N 61  
ASP C   OXT  sing N N 62  
ASP CB  CG   sing N N 63  
ASP CB  HB2  sing N N 64  
ASP CB  HB3  sing N N 65  
ASP CG  OD1  doub N N 66  
ASP CG  OD2  sing N N 67  
ASP OD2 HD2  sing N N 68  
ASP OXT HXT  sing N N 69  
CYS N   CA   sing N N 70  
CYS N   H    sing N N 71  
CYS N   H2   sing N N 72  
CYS CA  C    sing N N 73  
CYS CA  CB   sing N N 74  
CYS CA  HA   sing N N 75  
CYS C   O    doub N N 76  
CYS C   OXT  sing N N 77  
CYS CB  SG   sing N N 78  
CYS CB  HB2  sing N N 79  
CYS CB  HB3  sing N N 80  
CYS SG  HG   sing N N 81  
CYS OXT HXT  sing N N 82  
GLN N   CA   sing N N 83  
GLN N   H    sing N N 84  
GLN N   H2   sing N N 85  
GLN CA  C    sing N N 86  
GLN CA  CB   sing N N 87  
GLN CA  HA   sing N N 88  
GLN C   O    doub N N 89  
GLN C   OXT  sing N N 90  
GLN CB  CG   sing N N 91  
GLN CB  HB2  sing N N 92  
GLN CB  HB3  sing N N 93  
GLN CG  CD   sing N N 94  
GLN CG  HG2  sing N N 95  
GLN CG  HG3  sing N N 96  
GLN CD  OE1  doub N N 97  
GLN CD  NE2  sing N N 98  
GLN NE2 HE21 sing N N 99  
GLN NE2 HE22 sing N N 100 
GLN OXT HXT  sing N N 101 
GLU N   CA   sing N N 102 
GLU N   H    sing N N 103 
GLU N   H2   sing N N 104 
GLU CA  C    sing N N 105 
GLU CA  CB   sing N N 106 
GLU CA  HA   sing N N 107 
GLU C   O    doub N N 108 
GLU C   OXT  sing N N 109 
GLU CB  CG   sing N N 110 
GLU CB  HB2  sing N N 111 
GLU CB  HB3  sing N N 112 
GLU CG  CD   sing N N 113 
GLU CG  HG2  sing N N 114 
GLU CG  HG3  sing N N 115 
GLU CD  OE1  doub N N 116 
GLU CD  OE2  sing N N 117 
GLU OE2 HE2  sing N N 118 
GLU OXT HXT  sing N N 119 
GLY N   CA   sing N N 120 
GLY N   H    sing N N 121 
GLY N   H2   sing N N 122 
GLY CA  C    sing N N 123 
GLY CA  HA2  sing N N 124 
GLY CA  HA3  sing N N 125 
GLY C   O    doub N N 126 
GLY C   OXT  sing N N 127 
GLY OXT HXT  sing N N 128 
HIS N   CA   sing N N 129 
HIS N   H    sing N N 130 
HIS N   H2   sing N N 131 
HIS CA  C    sing N N 132 
HIS CA  CB   sing N N 133 
HIS CA  HA   sing N N 134 
HIS C   O    doub N N 135 
HIS C   OXT  sing N N 136 
HIS CB  CG   sing N N 137 
HIS CB  HB2  sing N N 138 
HIS CB  HB3  sing N N 139 
HIS CG  ND1  sing Y N 140 
HIS CG  CD2  doub Y N 141 
HIS ND1 CE1  doub Y N 142 
HIS ND1 HD1  sing N N 143 
HIS CD2 NE2  sing Y N 144 
HIS CD2 HD2  sing N N 145 
HIS CE1 NE2  sing Y N 146 
HIS CE1 HE1  sing N N 147 
HIS NE2 HE2  sing N N 148 
HIS OXT HXT  sing N N 149 
HOH O   H1   sing N N 150 
HOH O   H2   sing N N 151 
ILE N   CA   sing N N 152 
ILE N   H    sing N N 153 
ILE N   H2   sing N N 154 
ILE CA  C    sing N N 155 
ILE CA  CB   sing N N 156 
ILE CA  HA   sing N N 157 
ILE C   O    doub N N 158 
ILE C   OXT  sing N N 159 
ILE CB  CG1  sing N N 160 
ILE CB  CG2  sing N N 161 
ILE CB  HB   sing N N 162 
ILE CG1 CD1  sing N N 163 
ILE CG1 HG12 sing N N 164 
ILE CG1 HG13 sing N N 165 
ILE CG2 HG21 sing N N 166 
ILE CG2 HG22 sing N N 167 
ILE CG2 HG23 sing N N 168 
ILE CD1 HD11 sing N N 169 
ILE CD1 HD12 sing N N 170 
ILE CD1 HD13 sing N N 171 
ILE OXT HXT  sing N N 172 
LEU N   CA   sing N N 173 
LEU N   H    sing N N 174 
LEU N   H2   sing N N 175 
LEU CA  C    sing N N 176 
LEU CA  CB   sing N N 177 
LEU CA  HA   sing N N 178 
LEU C   O    doub N N 179 
LEU C   OXT  sing N N 180 
LEU CB  CG   sing N N 181 
LEU CB  HB2  sing N N 182 
LEU CB  HB3  sing N N 183 
LEU CG  CD1  sing N N 184 
LEU CG  CD2  sing N N 185 
LEU CG  HG   sing N N 186 
LEU CD1 HD11 sing N N 187 
LEU CD1 HD12 sing N N 188 
LEU CD1 HD13 sing N N 189 
LEU CD2 HD21 sing N N 190 
LEU CD2 HD22 sing N N 191 
LEU CD2 HD23 sing N N 192 
LEU OXT HXT  sing N N 193 
LYS N   CA   sing N N 194 
LYS N   H    sing N N 195 
LYS N   H2   sing N N 196 
LYS CA  C    sing N N 197 
LYS CA  CB   sing N N 198 
LYS CA  HA   sing N N 199 
LYS C   O    doub N N 200 
LYS C   OXT  sing N N 201 
LYS CB  CG   sing N N 202 
LYS CB  HB2  sing N N 203 
LYS CB  HB3  sing N N 204 
LYS CG  CD   sing N N 205 
LYS CG  HG2  sing N N 206 
LYS CG  HG3  sing N N 207 
LYS CD  CE   sing N N 208 
LYS CD  HD2  sing N N 209 
LYS CD  HD3  sing N N 210 
LYS CE  NZ   sing N N 211 
LYS CE  HE2  sing N N 212 
LYS CE  HE3  sing N N 213 
LYS NZ  HZ1  sing N N 214 
LYS NZ  HZ2  sing N N 215 
LYS NZ  HZ3  sing N N 216 
LYS OXT HXT  sing N N 217 
MET N   CA   sing N N 218 
MET N   H    sing N N 219 
MET N   H2   sing N N 220 
MET CA  C    sing N N 221 
MET CA  CB   sing N N 222 
MET CA  HA   sing N N 223 
MET C   O    doub N N 224 
MET C   OXT  sing N N 225 
MET CB  CG   sing N N 226 
MET CB  HB2  sing N N 227 
MET CB  HB3  sing N N 228 
MET CG  SD   sing N N 229 
MET CG  HG2  sing N N 230 
MET CG  HG3  sing N N 231 
MET SD  CE   sing N N 232 
MET CE  HE1  sing N N 233 
MET CE  HE2  sing N N 234 
MET CE  HE3  sing N N 235 
MET OXT HXT  sing N N 236 
PHE N   CA   sing N N 237 
PHE N   H    sing N N 238 
PHE N   H2   sing N N 239 
PHE CA  C    sing N N 240 
PHE CA  CB   sing N N 241 
PHE CA  HA   sing N N 242 
PHE C   O    doub N N 243 
PHE C   OXT  sing N N 244 
PHE CB  CG   sing N N 245 
PHE CB  HB2  sing N N 246 
PHE CB  HB3  sing N N 247 
PHE CG  CD1  doub Y N 248 
PHE CG  CD2  sing Y N 249 
PHE CD1 CE1  sing Y N 250 
PHE CD1 HD1  sing N N 251 
PHE CD2 CE2  doub Y N 252 
PHE CD2 HD2  sing N N 253 
PHE CE1 CZ   doub Y N 254 
PHE CE1 HE1  sing N N 255 
PHE CE2 CZ   sing Y N 256 
PHE CE2 HE2  sing N N 257 
PHE CZ  HZ   sing N N 258 
PHE OXT HXT  sing N N 259 
PRO N   CA   sing N N 260 
PRO N   CD   sing N N 261 
PRO N   H    sing N N 262 
PRO CA  C    sing N N 263 
PRO CA  CB   sing N N 264 
PRO CA  HA   sing N N 265 
PRO C   O    doub N N 266 
PRO C   OXT  sing N N 267 
PRO CB  CG   sing N N 268 
PRO CB  HB2  sing N N 269 
PRO CB  HB3  sing N N 270 
PRO CG  CD   sing N N 271 
PRO CG  HG2  sing N N 272 
PRO CG  HG3  sing N N 273 
PRO CD  HD2  sing N N 274 
PRO CD  HD3  sing N N 275 
PRO OXT HXT  sing N N 276 
SER N   CA   sing N N 277 
SER N   H    sing N N 278 
SER N   H2   sing N N 279 
SER CA  C    sing N N 280 
SER CA  CB   sing N N 281 
SER CA  HA   sing N N 282 
SER C   O    doub N N 283 
SER C   OXT  sing N N 284 
SER CB  OG   sing N N 285 
SER CB  HB2  sing N N 286 
SER CB  HB3  sing N N 287 
SER OG  HG   sing N N 288 
SER OXT HXT  sing N N 289 
THR N   CA   sing N N 290 
THR N   H    sing N N 291 
THR N   H2   sing N N 292 
THR CA  C    sing N N 293 
THR CA  CB   sing N N 294 
THR CA  HA   sing N N 295 
THR C   O    doub N N 296 
THR C   OXT  sing N N 297 
THR CB  OG1  sing N N 298 
THR CB  CG2  sing N N 299 
THR CB  HB   sing N N 300 
THR OG1 HG1  sing N N 301 
THR CG2 HG21 sing N N 302 
THR CG2 HG22 sing N N 303 
THR CG2 HG23 sing N N 304 
THR OXT HXT  sing N N 305 
TRP N   CA   sing N N 306 
TRP N   H    sing N N 307 
TRP N   H2   sing N N 308 
TRP CA  C    sing N N 309 
TRP CA  CB   sing N N 310 
TRP CA  HA   sing N N 311 
TRP C   O    doub N N 312 
TRP C   OXT  sing N N 313 
TRP CB  CG   sing N N 314 
TRP CB  HB2  sing N N 315 
TRP CB  HB3  sing N N 316 
TRP CG  CD1  doub Y N 317 
TRP CG  CD2  sing Y N 318 
TRP CD1 NE1  sing Y N 319 
TRP CD1 HD1  sing N N 320 
TRP CD2 CE2  doub Y N 321 
TRP CD2 CE3  sing Y N 322 
TRP NE1 CE2  sing Y N 323 
TRP NE1 HE1  sing N N 324 
TRP CE2 CZ2  sing Y N 325 
TRP CE3 CZ3  doub Y N 326 
TRP CE3 HE3  sing N N 327 
TRP CZ2 CH2  doub Y N 328 
TRP CZ2 HZ2  sing N N 329 
TRP CZ3 CH2  sing Y N 330 
TRP CZ3 HZ3  sing N N 331 
TRP CH2 HH2  sing N N 332 
TRP OXT HXT  sing N N 333 
TYR N   CA   sing N N 334 
TYR N   H    sing N N 335 
TYR N   H2   sing N N 336 
TYR CA  C    sing N N 337 
TYR CA  CB   sing N N 338 
TYR CA  HA   sing N N 339 
TYR C   O    doub N N 340 
TYR C   OXT  sing N N 341 
TYR CB  CG   sing N N 342 
TYR CB  HB2  sing N N 343 
TYR CB  HB3  sing N N 344 
TYR CG  CD1  doub Y N 345 
TYR CG  CD2  sing Y N 346 
TYR CD1 CE1  sing Y N 347 
TYR CD1 HD1  sing N N 348 
TYR CD2 CE2  doub Y N 349 
TYR CD2 HD2  sing N N 350 
TYR CE1 CZ   doub Y N 351 
TYR CE1 HE1  sing N N 352 
TYR CE2 CZ   sing Y N 353 
TYR CE2 HE2  sing N N 354 
TYR CZ  OH   sing N N 355 
TYR OH  HH   sing N N 356 
TYR OXT HXT  sing N N 357 
VAL N   CA   sing N N 358 
VAL N   H    sing N N 359 
VAL N   H2   sing N N 360 
VAL CA  C    sing N N 361 
VAL CA  CB   sing N N 362 
VAL CA  HA   sing N N 363 
VAL C   O    doub N N 364 
VAL C   OXT  sing N N 365 
VAL CB  CG1  sing N N 366 
VAL CB  CG2  sing N N 367 
VAL CB  HB   sing N N 368 
VAL CG1 HG11 sing N N 369 
VAL CG1 HG12 sing N N 370 
VAL CG1 HG13 sing N N 371 
VAL CG2 HG21 sing N N 372 
VAL CG2 HG22 sing N N 373 
VAL CG2 HG23 sing N N 374 
VAL OXT HXT  sing N N 375 
# 
loop_
_pdbx_audit_support.funding_organization 
_pdbx_audit_support.country 
_pdbx_audit_support.grant_number 
_pdbx_audit_support.ordinal 
'Medical Research Council (United Kingdom)' 'United Kingdom' MC_UU_12016/12      1 
'European Research Council'                 'United Kingdom' ERC-2015-CoG-681582 2 
# 
_pdbx_initial_refinement_model.id               1 
_pdbx_initial_refinement_model.entity_id_list   ? 
_pdbx_initial_refinement_model.type             'experimental model' 
_pdbx_initial_refinement_model.source_name      PDB 
_pdbx_initial_refinement_model.accession_code   1YH2 
_pdbx_initial_refinement_model.details          ? 
# 
_atom_sites.entry_id                    6R75 
_atom_sites.fract_transf_matrix[1][1]   0.01829980 
_atom_sites.fract_transf_matrix[1][2]   0.01161324 
_atom_sites.fract_transf_matrix[1][3]   0.00043074 
_atom_sites.fract_transf_matrix[2][1]   0.00566564 
_atom_sites.fract_transf_matrix[2][2]   -0.00821514 
_atom_sites.fract_transf_matrix[2][3]   -0.01921288 
_atom_sites.fract_transf_matrix[3][1]   -0.00630550 
_atom_sites.fract_transf_matrix[3][2]   0.01016621 
_atom_sites.fract_transf_matrix[3][3]   -0.00620633 
_atom_sites.fract_transf_vector[1]      0.052593 
_atom_sites.fract_transf_vector[2]      0.321361 
_atom_sites.fract_transf_vector[3]      0.021797 
# 
loop_
_atom_type.symbol 
C 
N 
O 
S 
# 
loop_
_atom_site.group_PDB 
_atom_site.id 
_atom_site.type_symbol 
_atom_site.label_atom_id 
_atom_site.label_alt_id 
_atom_site.label_comp_id 
_atom_site.label_asym_id 
_atom_site.label_entity_id 
_atom_site.label_seq_id 
_atom_site.pdbx_PDB_ins_code 
_atom_site.Cartn_x 
_atom_site.Cartn_y 
_atom_site.Cartn_z 
_atom_site.occupancy 
_atom_site.B_iso_or_equiv 
_atom_site.pdbx_formal_charge 
_atom_site.auth_seq_id 
_atom_site.auth_comp_id 
_atom_site.auth_asym_id 
_atom_site.auth_atom_id 
_atom_site.pdbx_PDB_model_num 
ATOM   1    N N   . GLY A 1 1   ? -20.900 19.615  -6.192  1.00 49.28 ? -3  GLY A N   1 
ATOM   2    C CA  . GLY A 1 1   ? -20.558 21.012  -5.786  1.00 46.71 ? -3  GLY A CA  1 
ATOM   3    C C   . GLY A 1 1   ? -19.107 21.341  -6.113  1.00 42.40 ? -3  GLY A C   1 
ATOM   4    O O   . GLY A 1 1   ? -18.404 20.503  -6.674  1.00 38.88 ? -3  GLY A O   1 
ATOM   5    N N   . PRO A 1 2   ? -18.617 22.559  -5.783  1.00 40.70 ? -2  PRO A N   1 
ATOM   6    C CA  . PRO A 1 2   ? -17.218 22.913  -6.033  1.00 39.67 ? -2  PRO A CA  1 
ATOM   7    C C   . PRO A 1 2   ? -16.244 21.999  -5.268  1.00 35.93 ? -2  PRO A C   1 
ATOM   8    O O   . PRO A 1 2   ? -15.155 21.795  -5.752  1.00 32.53 ? -2  PRO A O   1 
ATOM   9    C CB  . PRO A 1 2   ? -17.124 24.380  -5.581  1.00 39.28 ? -2  PRO A CB  1 
ATOM   10   C CG  . PRO A 1 2   ? -18.550 24.870  -5.631  1.00 40.80 ? -2  PRO A CG  1 
ATOM   11   C CD  . PRO A 1 2   ? -19.381 23.675  -5.205  1.00 40.14 ? -2  PRO A CD  1 
ATOM   12   N N   . GLY A 1 3   ? -16.666 21.464  -4.115  1.00 33.93 ? -1  GLY A N   1 
ATOM   13   C CA  . GLY A 1 3   ? -15.904 20.451  -3.355  1.00 34.68 ? -1  GLY A CA  1 
ATOM   14   C C   . GLY A 1 3   ? -15.680 19.186  -4.171  1.00 33.23 ? -1  GLY A C   1 
ATOM   15   O O   . GLY A 1 3   ? -14.512 18.817  -4.387  1.00 31.55 ? -1  GLY A O   1 
ATOM   16   N N   . SER A 1 4   ? -16.765 18.547  -4.619  1.00 34.81 ? 0   SER A N   1 
ATOM   17   C CA  . SER A 1 4   ? -16.747 17.356  -5.509  1.00 36.64 ? 0   SER A CA  1 
ATOM   18   C C   . SER A 1 4   ? -15.931 17.676  -6.767  1.00 36.98 ? 0   SER A C   1 
ATOM   19   O O   . SER A 1 4   ? -15.144 16.817  -7.219  1.00 34.58 ? 0   SER A O   1 
ATOM   20   C CB  . SER A 1 4   ? -18.144 16.934  -5.862  1.00 39.05 ? 0   SER A CB  1 
ATOM   21   O OG  . SER A 1 4   ? -18.874 16.588  -4.696  1.00 45.08 ? 0   SER A OG  1 
ATOM   22   N N   . MET A 1 5   ? -16.112 18.887  -7.292  1.00 35.25 ? 1   MET A N   1 
ATOM   23   C CA  . MET A 1 5   ? -15.441 19.387  -8.524  1.00 36.45 ? 1   MET A CA  1 
ATOM   24   C C   . MET A 1 5   ? -13.926 19.457  -8.295  1.00 32.93 ? 1   MET A C   1 
ATOM   25   O O   . MET A 1 5   ? -13.175 18.988  -9.188  1.00 32.24 ? 1   MET A O   1 
ATOM   26   C CB  . MET A 1 5   ? -15.967 20.774  -8.902  1.00 41.19 ? 1   MET A CB  1 
ATOM   27   C CG  . MET A 1 5   ? -15.984 21.044  -10.379 1.00 45.38 ? 1   MET A CG  1 
ATOM   28   S SD  . MET A 1 5   ? -17.280 22.245  -10.833 1.00 55.56 ? 1   MET A SD  1 
ATOM   29   C CE  . MET A 1 5   ? -16.878 23.644  -9.783  1.00 52.02 ? 1   MET A CE  1 
ATOM   30   N N   . GLN A 1 6   ? -13.488 19.971  -7.138  1.00 27.91 ? 2   GLN A N   1 
ATOM   31   C CA  . GLN A 1 6   ? -12.044 20.104  -6.785  1.00 28.89 ? 2   GLN A CA  1 
ATOM   32   C C   . GLN A 1 6   ? -11.428 18.715  -6.589  1.00 24.37 ? 2   GLN A C   1 
ATOM   33   O O   . GLN A 1 6   ? -10.320 18.493  -7.111  1.00 22.05 ? 2   GLN A O   1 
ATOM   34   C CB  . GLN A 1 6   ? -11.849 21.023  -5.571  1.00 32.63 ? 2   GLN A CB  1 
ATOM   35   C CG  . GLN A 1 6   ? -12.047 22.495  -5.947  1.00 38.02 ? 2   GLN A CG  1 
ATOM   36   C CD  . GLN A 1 6   ? -11.898 23.471  -4.805  1.00 43.71 ? 2   GLN A CD  1 
ATOM   37   O OE1 . GLN A 1 6   ? -10.838 24.065  -4.615  1.00 48.55 ? 2   GLN A OE1 1 
ATOM   38   N NE2 . GLN A 1 6   ? -12.967 23.661  -4.043  1.00 44.78 ? 2   GLN A NE2 1 
ATOM   39   N N   . ARG A 1 7   ? -12.145 17.807  -5.928  1.00 21.48 ? 3   ARG A N   1 
ATOM   40   C CA  . ARG A 1 7   ? -11.713 16.399  -5.755  1.00 22.56 ? 3   ARG A CA  1 
ATOM   41   C C   . ARG A 1 7   ? -11.593 15.712  -7.138  1.00 21.77 ? 3   ARG A C   1 
ATOM   42   O O   . ARG A 1 7   ? -10.559 15.048  -7.378  1.00 19.16 ? 3   ARG A O   1 
ATOM   43   C CB  . ARG A 1 7   ? -12.703 15.695  -4.822  1.00 22.17 ? 3   ARG A CB  1 
ATOM   44   C CG  . ARG A 1 7   ? -12.608 14.179  -4.824  1.00 22.81 ? 3   ARG A CG  1 
ATOM   45   C CD  . ARG A 1 7   ? -13.655 13.593  -3.915  1.00 23.76 ? 3   ARG A CD  1 
ATOM   46   N NE  . ARG A 1 7   ? -13.570 12.145  -3.853  1.00 25.47 ? 3   ARG A NE  1 
ATOM   47   C CZ  . ARG A 1 7   ? -14.022 11.301  -4.776  1.00 27.37 ? 3   ARG A CZ  1 
ATOM   48   N NH1 . ARG A 1 7   ? -14.586 11.746  -5.889  1.00 28.14 ? 3   ARG A NH1 1 
ATOM   49   N NH2 . ARG A 1 7   ? -13.898 10.000  -4.588  1.00 30.08 ? 3   ARG A NH2 1 
ATOM   50   N N   . ALA A 1 8   ? -12.618 15.806  -7.992  1.00 21.45 ? 4   ALA A N   1 
ATOM   51   C CA  . ALA A 1 8   ? -12.631 15.213  -9.355  1.00 22.59 ? 4   ALA A CA  1 
ATOM   52   C C   . ALA A 1 8   ? -11.433 15.735  -10.150 1.00 22.36 ? 4   ALA A C   1 
ATOM   53   O O   . ALA A 1 8   ? -10.708 14.919  -10.740 1.00 21.30 ? 4   ALA A O   1 
ATOM   54   C CB  . ALA A 1 8   ? -13.916 15.510  -10.084 1.00 22.20 ? 4   ALA A CB  1 
ATOM   55   N N   . SER A 1 9   ? -11.202 17.046  -10.119 1.00 24.14 ? 5   SER A N   1 
ATOM   56   C CA  . SER A 1 9   ? -10.057 17.698  -10.812 1.00 24.27 ? 5   SER A CA  1 
ATOM   57   C C   . SER A 1 9   ? -8.733  17.147  -10.264 1.00 22.50 ? 5   SER A C   1 
ATOM   58   O O   . SER A 1 9   ? -7.780  16.925  -11.042 1.00 21.50 ? 5   SER A O   1 
ATOM   59   C CB  . SER A 1 9   ? -10.130 19.191  -10.666 1.00 25.98 ? 5   SER A CB  1 
ATOM   60   O OG  . SER A 1 9   ? -8.978  19.796  -11.219 1.00 30.64 ? 5   SER A OG  1 
ATOM   61   N N   . ARG A 1 10  ? -8.632  16.982  -8.952  1.00 22.07 ? 6   ARG A N   1 
ATOM   62   C CA  . ARG A 1 10  ? -7.368  16.513  -8.327  1.00 22.28 ? 6   ARG A CA  1 
ATOM   63   C C   . ARG A 1 10  ? -7.096  15.047  -8.712  1.00 22.34 ? 6   ARG A C   1 
ATOM   64   O O   . ARG A 1 10  ? -5.944  14.712  -9.043  1.00 21.85 ? 6   ARG A O   1 
ATOM   65   C CB  . ARG A 1 10  ? -7.443  16.687  -6.814  1.00 23.34 ? 6   ARG A CB  1 
ATOM   66   C CG  . ARG A 1 10  ? -6.417  15.843  -6.081  1.00 23.50 ? 6   ARG A CG  1 
ATOM   67   C CD  . ARG A 1 10  ? -5.795  16.558  -4.922  1.00 24.61 ? 6   ARG A CD  1 
ATOM   68   N NE  . ARG A 1 10  ? -4.999  15.577  -4.212  1.00 26.44 ? 6   ARG A NE  1 
ATOM   69   C CZ  . ARG A 1 10  ? -4.443  15.771  -3.034  1.00 24.01 ? 6   ARG A CZ  1 
ATOM   70   N NH1 . ARG A 1 10  ? -4.551  16.946  -2.433  1.00 23.19 ? 6   ARG A NH1 1 
ATOM   71   N NH2 . ARG A 1 10  ? -3.783  14.775  -2.474  1.00 23.75 ? 6   ARG A NH2 1 
ATOM   72   N N   . LEU A 1 11  ? -8.111  14.190  -8.651  1.00 22.76 ? 7   LEU A N   1 
ATOM   73   C CA  . LEU A 1 11  ? -7.977  12.750  -8.992  1.00 24.15 ? 7   LEU A CA  1 
ATOM   74   C C   . LEU A 1 11  ? -7.503  12.595  -10.444 1.00 22.90 ? 7   LEU A C   1 
ATOM   75   O O   . LEU A 1 11  ? -6.612  11.740  -10.692 1.00 20.59 ? 7   LEU A O   1 
ATOM   76   C CB  . LEU A 1 11  ? -9.322  12.055  -8.787  1.00 25.50 ? 7   LEU A CB  1 
ATOM   77   C CG  . LEU A 1 11  ? -9.612  11.611  -7.360  1.00 28.14 ? 7   LEU A CG  1 
ATOM   78   C CD1 . LEU A 1 11  ? -10.919 10.831  -7.312  1.00 29.23 ? 7   LEU A CD1 1 
ATOM   79   C CD2 . LEU A 1 11  ? -8.460  10.763  -6.815  1.00 29.21 ? 7   LEU A CD2 1 
ATOM   80   N N   . LYS A 1 12  ? -8.094  13.377  -11.353 1.00 22.85 ? 8   LYS A N   1 
ATOM   81   C CA  . LYS A 1 12  ? -7.744  13.363  -12.799 1.00 24.70 ? 8   LYS A CA  1 
ATOM   82   C C   . LYS A 1 12  ? -6.268  13.714  -12.960 1.00 23.02 ? 8   LYS A C   1 
ATOM   83   O O   . LYS A 1 12  ? -5.605  13.023  -13.732 1.00 23.58 ? 8   LYS A O   1 
ATOM   84   C CB  . LYS A 1 12  ? -8.624  14.309  -13.627 1.00 25.77 ? 8   LYS A CB  1 
ATOM   85   C CG  . LYS A 1 12  ? -10.021 13.783  -13.906 1.00 27.74 ? 8   LYS A CG  1 
ATOM   86   C CD  . LYS A 1 12  ? -10.814 14.615  -14.896 1.00 28.31 ? 8   LYS A CD  1 
ATOM   87   C CE  . LYS A 1 12  ? -11.451 15.835  -14.277 1.00 29.89 ? 8   LYS A CE  1 
ATOM   88   N NZ  . LYS A 1 12  ? -12.375 16.506  -15.226 1.00 32.17 ? 8   LYS A NZ  1 
ATOM   89   N N   . ARG A 1 13  ? -5.777  14.728  -12.250 1.00 24.39 ? 9   ARG A N   1 
ATOM   90   C CA  . ARG A 1 13  ? -4.350  15.141  -12.326 1.00 26.53 ? 9   ARG A CA  1 
ATOM   91   C C   . ARG A 1 13  ? -3.455  14.054  -11.708 1.00 24.27 ? 9   ARG A C   1 
ATOM   92   O O   . ARG A 1 13  ? -2.363  13.797  -12.253 1.00 22.59 ? 9   ARG A O   1 
ATOM   93   C CB  . ARG A 1 13  ? -4.119  16.478  -11.622 1.00 32.19 ? 9   ARG A CB  1 
ATOM   94   C CG  . ARG A 1 13  ? -2.727  16.591  -11.013 1.00 40.13 ? 9   ARG A CG  1 
ATOM   95   C CD  . ARG A 1 13  ? -2.521  17.849  -10.195 1.00 47.99 ? 9   ARG A CD  1 
ATOM   96   N NE  . ARG A 1 13  ? -2.328  18.986  -11.080 1.00 55.38 ? 9   ARG A NE  1 
ATOM   97   C CZ  . ARG A 1 13  ? -1.163  19.352  -11.617 1.00 58.50 ? 9   ARG A CZ  1 
ATOM   98   N NH1 . ARG A 1 13  ? -0.051  18.681  -11.350 1.00 59.64 ? 9   ARG A NH1 1 
ATOM   99   N NH2 . ARG A 1 13  ? -1.121  20.403  -12.419 1.00 57.85 ? 9   ARG A NH2 1 
ATOM   100  N N   . GLU A 1 14  ? -3.849  13.479  -10.567 1.00 21.66 ? 10  GLU A N   1 
ATOM   101  C CA  . GLU A 1 14  ? -3.067  12.395  -9.917  1.00 19.50 ? 10  GLU A CA  1 
ATOM   102  C C   . GLU A 1 14  ? -2.995  11.204  -10.881 1.00 17.83 ? 10  GLU A C   1 
ATOM   103  O O   . GLU A 1 14  ? -1.891  10.690  -11.124 1.00 17.81 ? 10  GLU A O   1 
ATOM   104  C CB  . GLU A 1 14  ? -3.684  12.009  -8.575  1.00 19.19 ? 10  GLU A CB  1 
ATOM   105  C CG  . GLU A 1 14  ? -3.459  13.031  -7.474  1.00 19.52 ? 10  GLU A CG  1 
ATOM   106  C CD  . GLU A 1 14  ? -3.649  12.482  -6.066  1.00 19.51 ? 10  GLU A CD  1 
ATOM   107  O OE1 . GLU A 1 14  ? -3.114  11.382  -5.775  1.00 18.58 ? 10  GLU A OE1 1 
ATOM   108  O OE2 . GLU A 1 14  ? -4.319  13.150  -5.268  1.00 19.97 ? 10  GLU A OE2 1 
ATOM   109  N N   . LEU A 1 15  ? -4.125  10.793  -11.453 1.00 17.68 ? 11  LEU A N   1 
ATOM   110  C CA  . LEU A 1 15  ? -4.156  9.603   -12.342 1.00 17.56 ? 11  LEU A CA  1 
ATOM   111  C C   . LEU A 1 15  ? -3.315  9.850   -13.611 1.00 18.43 ? 11  LEU A C   1 
ATOM   112  O O   . LEU A 1 15  ? -2.673  8.897   -14.088 1.00 18.45 ? 11  LEU A O   1 
ATOM   113  C CB  . LEU A 1 15  ? -5.607  9.258   -12.668 1.00 17.07 ? 11  LEU A CB  1 
ATOM   114  C CG  . LEU A 1 15  ? -6.348  8.545   -11.536 1.00 17.63 ? 11  LEU A CG  1 
ATOM   115  C CD1 . LEU A 1 15  ? -7.835  8.454   -11.829 1.00 18.94 ? 11  LEU A CD1 1 
ATOM   116  C CD2 . LEU A 1 15  ? -5.762  7.163   -11.288 1.00 17.73 ? 11  LEU A CD2 1 
ATOM   117  N N   . HIS A 1 16  ? -3.320  11.074  -14.133 1.00 20.73 ? 12  HIS A N   1 
ATOM   118  C CA  . HIS A 1 16  ? -2.492  11.496  -15.296 1.00 22.36 ? 12  HIS A CA  1 
ATOM   119  C C   . HIS A 1 16  ? -1.002  11.360  -14.972 1.00 22.75 ? 12  HIS A C   1 
ATOM   120  O O   . HIS A 1 16  ? -0.233  10.777  -15.805 1.00 23.31 ? 12  HIS A O   1 
ATOM   121  C CB  . HIS A 1 16  ? -2.835  12.936  -15.688 1.00 24.55 ? 12  HIS A CB  1 
ATOM   122  C CG  . HIS A 1 16  ? -2.113  13.363  -16.911 1.00 26.65 ? 12  HIS A CG  1 
ATOM   123  N ND1 . HIS A 1 16  ? -2.447  12.874  -18.163 1.00 27.02 ? 12  HIS A ND1 1 
ATOM   124  C CD2 . HIS A 1 16  ? -1.041  14.164  -17.075 1.00 28.08 ? 12  HIS A CD2 1 
ATOM   125  C CE1 . HIS A 1 16  ? -1.620  13.382  -19.052 1.00 27.57 ? 12  HIS A CE1 1 
ATOM   126  N NE2 . HIS A 1 16  ? -0.756  14.184  -18.407 1.00 28.17 ? 12  HIS A NE2 1 
ATOM   127  N N   . MET A 1 17  ? -0.589  11.890  -13.822 1.00 24.82 ? 13  MET A N   1 
ATOM   128  C CA  . MET A 1 17  ? 0.822   11.853  -13.353 1.00 25.50 ? 13  MET A CA  1 
ATOM   129  C C   . MET A 1 17  ? 1.226   10.394  -13.109 1.00 24.27 ? 13  MET A C   1 
ATOM   130  O O   . MET A 1 17  ? 2.362   10.025  -13.490 1.00 23.77 ? 13  MET A O   1 
ATOM   131  C CB  . MET A 1 17  ? 1.017   12.695  -12.085 1.00 31.13 ? 13  MET A CB  1 
ATOM   132  C CG  . MET A 1 17  ? 0.881   14.204  -12.325 1.00 36.12 ? 13  MET A CG  1 
ATOM   133  S SD  . MET A 1 17  ? 2.189   14.889  -13.390 1.00 48.54 ? 13  MET A SD  1 
ATOM   134  C CE  . MET A 1 17  ? 3.543   15.080  -12.228 1.00 42.68 ? 13  MET A CE  1 
ATOM   135  N N   . LEU A 1 18  ? 0.319   9.566   -12.579 1.00 22.95 ? 14  LEU A N   1 
ATOM   136  C CA  . LEU A 1 18  ? 0.570   8.113   -12.355 1.00 21.84 ? 14  LEU A CA  1 
ATOM   137  C C   . LEU A 1 18  ? 0.676   7.378   -13.690 1.00 21.89 ? 14  LEU A C   1 
ATOM   138  O O   . LEU A 1 18  ? 1.425   6.381   -13.747 1.00 23.36 ? 14  LEU A O   1 
ATOM   139  C CB  . LEU A 1 18  ? -0.552  7.519   -11.494 1.00 21.41 ? 14  LEU A CB  1 
ATOM   140  C CG  . LEU A 1 18  ? -0.428  7.827   -10.007 1.00 21.23 ? 14  LEU A CG  1 
ATOM   141  C CD1 . LEU A 1 18  ? -1.766  7.656   -9.302  1.00 21.88 ? 14  LEU A CD1 1 
ATOM   142  C CD2 . LEU A 1 18  ? 0.636   6.946   -9.368  1.00 22.53 ? 14  LEU A CD2 1 
ATOM   143  N N   . ALA A 1 19  ? -0.076  7.812   -14.704 1.00 22.80 ? 15  ALA A N   1 
ATOM   144  C CA  . ALA A 1 19  ? -0.046  7.229   -16.065 1.00 24.92 ? 15  ALA A CA  1 
ATOM   145  C C   . ALA A 1 19  ? 1.244   7.651   -16.791 1.00 27.84 ? 15  ALA A C   1 
ATOM   146  O O   . ALA A 1 19  ? 1.750   6.840   -17.558 1.00 30.44 ? 15  ALA A O   1 
ATOM   147  C CB  . ALA A 1 19  ? -1.277  7.628   -16.841 1.00 25.35 ? 15  ALA A CB  1 
ATOM   148  N N   . THR A 1 20  ? 1.780   8.849   -16.537 1.00 30.69 ? 16  THR A N   1 
ATOM   149  C CA  . THR A 1 20  ? 2.888   9.458   -17.327 1.00 32.01 ? 16  THR A CA  1 
ATOM   150  C C   . THR A 1 20  ? 4.227   9.345   -16.586 1.00 32.15 ? 16  THR A C   1 
ATOM   151  O O   . THR A 1 20  ? 5.235   9.008   -17.244 1.00 34.86 ? 16  THR A O   1 
ATOM   152  C CB  . THR A 1 20  ? 2.548   10.902  -17.717 1.00 33.53 ? 16  THR A CB  1 
ATOM   153  O OG1 . THR A 1 20  ? 2.264   11.683  -16.551 1.00 37.60 ? 16  THR A OG1 1 
ATOM   154  C CG2 . THR A 1 20  ? 1.363   10.954  -18.651 1.00 35.79 ? 16  THR A CG2 1 
ATOM   155  N N   . GLU A 1 21  ? 4.261   9.611   -15.279 1.00 31.26 ? 17  GLU A N   1 
ATOM   156  C CA  . GLU A 1 21  ? 5.527   9.634   -14.501 1.00 28.85 ? 17  GLU A CA  1 
ATOM   157  C C   . GLU A 1 21  ? 5.294   8.981   -13.145 1.00 26.96 ? 17  GLU A C   1 
ATOM   158  O O   . GLU A 1 21  ? 5.372   9.643   -12.120 1.00 25.27 ? 17  GLU A O   1 
ATOM   159  C CB  . GLU A 1 21  ? 6.019   11.070  -14.310 1.00 30.93 ? 17  GLU A CB  1 
ATOM   160  C CG  . GLU A 1 21  ? 5.718   12.003  -15.459 1.00 33.36 ? 17  GLU A CG  1 
ATOM   161  C CD  . GLU A 1 21  ? 5.538   13.450  -15.038 1.00 36.96 ? 17  GLU A CD  1 
ATOM   162  O OE1 . GLU A 1 21  ? 6.408   13.965  -14.317 1.00 35.74 ? 17  GLU A OE1 1 
ATOM   163  O OE2 . GLU A 1 21  ? 4.524   14.053  -15.425 1.00 43.17 ? 17  GLU A OE2 1 
ATOM   164  N N   . PRO A 1 22  ? 4.996   7.672   -13.075 1.00 25.93 ? 18  PRO A N   1 
ATOM   165  C CA  . PRO A 1 22  ? 4.794   7.010   -11.784 1.00 27.29 ? 18  PRO A CA  1 
ATOM   166  C C   . PRO A 1 22  ? 6.095   6.813   -11.006 1.00 27.84 ? 18  PRO A C   1 
ATOM   167  O O   . PRO A 1 22  ? 7.185   6.856   -11.579 1.00 30.01 ? 18  PRO A O   1 
ATOM   168  C CB  . PRO A 1 22  ? 4.221   5.650   -12.191 1.00 26.25 ? 18  PRO A CB  1 
ATOM   169  C CG  . PRO A 1 22  ? 4.851   5.393   -13.529 1.00 26.64 ? 18  PRO A CG  1 
ATOM   170  C CD  . PRO A 1 22  ? 4.875   6.745   -14.209 1.00 27.35 ? 18  PRO A CD  1 
ATOM   171  N N   . PRO A 1 23  ? 6.042   6.574   -9.682  1.00 26.71 ? 19  PRO A N   1 
ATOM   172  C CA  . PRO A 1 23  ? 7.245   6.199   -8.938  1.00 27.85 ? 19  PRO A CA  1 
ATOM   173  C C   . PRO A 1 23  ? 7.822   4.850   -9.369  1.00 27.71 ? 19  PRO A C   1 
ATOM   174  O O   . PRO A 1 23  ? 7.103   3.961   -9.861  1.00 28.24 ? 19  PRO A O   1 
ATOM   175  C CB  . PRO A 1 23  ? 6.780   6.150   -7.472  1.00 26.60 ? 19  PRO A CB  1 
ATOM   176  C CG  . PRO A 1 23  ? 5.490   6.931   -7.442  1.00 26.97 ? 19  PRO A CG  1 
ATOM   177  C CD  . PRO A 1 23  ? 4.866   6.708   -8.806  1.00 27.80 ? 19  PRO A CD  1 
ATOM   178  N N   . PRO A 1 24  ? 9.159   4.678   -9.240  1.00 25.49 ? 20  PRO A N   1 
ATOM   179  C CA  . PRO A 1 24  ? 9.798   3.384   -9.474  1.00 24.94 ? 20  PRO A CA  1 
ATOM   180  C C   . PRO A 1 24  ? 9.130   2.218   -8.731  1.00 24.56 ? 20  PRO A C   1 
ATOM   181  O O   . PRO A 1 24  ? 9.049   2.255   -7.512  1.00 26.27 ? 20  PRO A O   1 
ATOM   182  C CB  . PRO A 1 24  ? 11.229  3.616   -8.953  1.00 25.07 ? 20  PRO A CB  1 
ATOM   183  C CG  . PRO A 1 24  ? 11.476  5.087   -9.254  1.00 25.63 ? 20  PRO A CG  1 
ATOM   184  C CD  . PRO A 1 24  ? 10.137  5.748   -8.970  1.00 25.65 ? 20  PRO A CD  1 
ATOM   185  N N   . GLY A 1 25  ? 8.718   1.195   -9.479  1.00 22.45 ? 21  GLY A N   1 
ATOM   186  C CA  . GLY A 1 25  ? 8.102   -0.025  -8.932  1.00 22.68 ? 21  GLY A CA  1 
ATOM   187  C C   . GLY A 1 25  ? 6.653   0.192   -8.544  1.00 23.32 ? 21  GLY A C   1 
ATOM   188  O O   . GLY A 1 25  ? 6.022   -0.777  -8.074  1.00 25.05 ? 21  GLY A O   1 
ATOM   189  N N   . ILE A 1 26  ? 6.110   1.387   -8.769  1.00 22.41 ? 22  ILE A N   1 
ATOM   190  C CA  . ILE A 1 26  ? 4.719   1.717   -8.355  1.00 22.55 ? 22  ILE A CA  1 
ATOM   191  C C   . ILE A 1 26  ? 3.894   2.064   -9.588  1.00 22.28 ? 22  ILE A C   1 
ATOM   192  O O   . ILE A 1 26  ? 4.319   2.926   -10.372 1.00 22.15 ? 22  ILE A O   1 
ATOM   193  C CB  . ILE A 1 26  ? 4.711   2.855   -7.321  1.00 22.49 ? 22  ILE A CB  1 
ATOM   194  C CG1 . ILE A 1 26  ? 5.344   2.388   -6.006  1.00 22.53 ? 22  ILE A CG1 1 
ATOM   195  C CG2 . ILE A 1 26  ? 3.303   3.416   -7.145  1.00 21.47 ? 22  ILE A CG2 1 
ATOM   196  C CD1 . ILE A 1 26  ? 5.581   3.494   -5.021  1.00 24.89 ? 22  ILE A CD1 1 
ATOM   197  N N   . THR A 1 27  ? 2.731   1.435   -9.716  1.00 21.86 ? 23  THR A N   1 
ATOM   198  C CA  . THR A 1 27  ? 1.717   1.818   -10.724 1.00 21.95 ? 23  THR A CA  1 
ATOM   199  C C   . THR A 1 27  ? 0.365   1.879   -10.022 1.00 21.08 ? 23  THR A C   1 
ATOM   200  O O   . THR A 1 27  ? 0.140   1.088   -9.078  1.00 20.41 ? 23  THR A O   1 
ATOM   201  C CB  . THR A 1 27  ? 1.780   0.904   -11.957 1.00 24.30 ? 23  THR A CB  1 
ATOM   202  O OG1 . THR A 1 27  ? 1.639   -0.452  -11.531 1.00 24.25 ? 23  THR A OG1 1 
ATOM   203  C CG2 . THR A 1 27  ? 3.081   1.058   -12.721 1.00 25.17 ? 23  THR A CG2 1 
ATOM   204  N N   . CYS A 1 28  ? -0.475  2.815   -10.457 1.00 19.71 ? 24  CYS A N   1 
ATOM   205  C CA  . CYS A 1 28  ? -1.886  2.934   -10.033 1.00 20.09 ? 24  CYS A CA  1 
ATOM   206  C C   . CYS A 1 28  ? -2.704  3.481   -11.198 1.00 19.58 ? 24  CYS A C   1 
ATOM   207  O O   . CYS A 1 28  ? -2.251  4.443   -11.832 1.00 20.89 ? 24  CYS A O   1 
ATOM   208  C CB  . CYS A 1 28  ? -2.016  3.808   -8.796  1.00 19.99 ? 24  CYS A CB  1 
ATOM   209  S SG  . CYS A 1 28  ? -3.725  3.993   -8.221  1.00 18.19 ? 24  CYS A SG  1 
ATOM   210  N N   . TRP A 1 29  ? -3.851  2.873   -11.472 1.00 19.06 ? 25  TRP A N   1 
ATOM   211  C CA  . TRP A 1 29  ? -4.638  3.154   -12.695 1.00 19.66 ? 25  TRP A CA  1 
ATOM   212  C C   . TRP A 1 29  ? -6.129  2.903   -12.446 1.00 19.60 ? 25  TRP A C   1 
ATOM   213  O O   . TRP A 1 29  ? -6.496  2.153   -11.513 1.00 17.75 ? 25  TRP A O   1 
ATOM   214  C CB  . TRP A 1 29  ? -4.104  2.319   -13.876 1.00 19.11 ? 25  TRP A CB  1 
ATOM   215  C CG  . TRP A 1 29  ? -4.302  0.848   -13.684 1.00 20.93 ? 25  TRP A CG  1 
ATOM   216  C CD1 . TRP A 1 29  ? -5.357  0.107   -14.134 1.00 21.47 ? 25  TRP A CD1 1 
ATOM   217  C CD2 . TRP A 1 29  ? -3.463  -0.059  -12.936 1.00 20.40 ? 25  TRP A CD2 1 
ATOM   218  N NE1 . TRP A 1 29  ? -5.227  -1.196  -13.733 1.00 22.47 ? 25  TRP A NE1 1 
ATOM   219  C CE2 . TRP A 1 29  ? -4.083  -1.326  -12.988 1.00 20.80 ? 25  TRP A CE2 1 
ATOM   220  C CE3 . TRP A 1 29  ? -2.250  0.065   -12.241 1.00 22.08 ? 25  TRP A CE3 1 
ATOM   221  C CZ2 . TRP A 1 29  ? -3.538  -2.448  -12.360 1.00 21.50 ? 25  TRP A CZ2 1 
ATOM   222  C CZ3 . TRP A 1 29  ? -1.701  -1.044  -11.625 1.00 20.03 ? 25  TRP A CZ3 1 
ATOM   223  C CH2 . TRP A 1 29  ? -2.348  -2.282  -11.671 1.00 21.50 ? 25  TRP A CH2 1 
ATOM   224  N N   . GLN A 1 30  ? -6.933  3.522   -13.303 1.00 20.45 ? 26  GLN A N   1 
ATOM   225  C CA  . GLN A 1 30  ? -8.393  3.339   -13.434 1.00 21.93 ? 26  GLN A CA  1 
ATOM   226  C C   . GLN A 1 30  ? -8.644  2.122   -14.341 1.00 23.03 ? 26  GLN A C   1 
ATOM   227  O O   . GLN A 1 30  ? -7.958  1.999   -15.368 1.00 21.41 ? 26  GLN A O   1 
ATOM   228  C CB  . GLN A 1 30  ? -8.955  4.654   -13.983 1.00 20.74 ? 26  GLN A CB  1 
ATOM   229  C CG  . GLN A 1 30  ? -10.464 4.653   -14.106 1.00 20.68 ? 26  GLN A CG  1 
ATOM   230  C CD  . GLN A 1 30  ? -11.017 6.021   -14.399 1.00 20.92 ? 26  GLN A CD  1 
ATOM   231  O OE1 . GLN A 1 30  ? -10.277 6.993   -14.533 1.00 19.53 ? 26  GLN A OE1 1 
ATOM   232  N NE2 . GLN A 1 30  ? -12.340 6.091   -14.482 1.00 20.41 ? 26  GLN A NE2 1 
ATOM   233  N N   . ASP A 1 31  ? -9.542  1.212   -13.963 1.00 25.35 ? 27  ASP A N   1 
ATOM   234  C CA  . ASP A 1 31  ? -9.943  0.079   -14.849 1.00 27.30 ? 27  ASP A CA  1 
ATOM   235  C C   . ASP A 1 31  ? -11.473 -0.001  -14.952 1.00 28.83 ? 27  ASP A C   1 
ATOM   236  O O   . ASP A 1 31  ? -11.977 -0.882  -15.653 1.00 33.79 ? 27  ASP A O   1 
ATOM   237  C CB  . ASP A 1 31  ? -9.335  -1.239  -14.372 1.00 27.23 ? 27  ASP A CB  1 
ATOM   238  C CG  . ASP A 1 31  ? -9.741  -1.631  -12.959 1.00 28.48 ? 27  ASP A CG  1 
ATOM   239  O OD1 . ASP A 1 31  ? -10.124 -0.732  -12.171 1.00 28.96 ? 27  ASP A OD1 1 
ATOM   240  O OD2 . ASP A 1 31  ? -9.668  -2.829  -12.656 1.00 29.06 ? 27  ASP A OD2 1 
ATOM   241  N N   . LYS A 1 32  ? -12.185 0.910   -14.305 1.00 30.60 ? 28  LYS A N   1 
ATOM   242  C CA  . LYS A 1 32  ? -13.668 0.940   -14.245 1.00 32.47 ? 28  LYS A CA  1 
ATOM   243  C C   . LYS A 1 32  ? -14.095 2.357   -14.613 1.00 31.14 ? 28  LYS A C   1 
ATOM   244  O O   . LYS A 1 32  ? -13.197 3.215   -14.695 1.00 28.34 ? 28  LYS A O   1 
ATOM   245  C CB  . LYS A 1 32  ? -14.124 0.554   -12.833 1.00 34.03 ? 28  LYS A CB  1 
ATOM   246  C CG  . LYS A 1 32  ? -13.833 -0.886  -12.433 1.00 35.33 ? 28  LYS A CG  1 
ATOM   247  C CD  . LYS A 1 32  ? -14.071 -1.158  -10.960 1.00 38.71 ? 28  LYS A CD  1 
ATOM   248  C CE  . LYS A 1 32  ? -12.877 -0.814  -10.095 1.00 37.72 ? 28  LYS A CE  1 
ATOM   249  N NZ  . LYS A 1 32  ? -11.891 -1.913  -10.100 1.00 38.29 ? 28  LYS A NZ  1 
ATOM   250  N N   . ASP A 1 33  ? -15.389 2.605   -14.822 1.00 33.10 ? 29  ASP A N   1 
ATOM   251  C CA  . ASP A 1 33  ? -15.876 3.977   -15.130 1.00 38.30 ? 29  ASP A CA  1 
ATOM   252  C C   . ASP A 1 33  ? -15.757 4.842   -13.860 1.00 36.58 ? 29  ASP A C   1 
ATOM   253  O O   . ASP A 1 33  ? -15.645 6.043   -14.010 1.00 40.77 ? 29  ASP A O   1 
ATOM   254  C CB  . ASP A 1 33  ? -17.263 3.969   -15.788 1.00 41.95 ? 29  ASP A CB  1 
ATOM   255  C CG  . ASP A 1 33  ? -17.582 5.249   -16.564 1.00 49.53 ? 29  ASP A CG  1 
ATOM   256  O OD1 . ASP A 1 33  ? -16.741 6.180   -16.558 1.00 51.93 ? 29  ASP A OD1 1 
ATOM   257  O OD2 . ASP A 1 33  ? -18.671 5.319   -17.185 1.00 50.99 ? 29  ASP A OD2 1 
ATOM   258  N N   . GLN A 1 34  ? -15.716 4.246   -12.661 1.00 40.19 ? 30  GLN A N   1 
ATOM   259  C CA  . GLN A 1 34  ? -15.424 4.936   -11.368 1.00 39.90 ? 30  GLN A CA  1 
ATOM   260  C C   . GLN A 1 34  ? -13.974 5.435   -11.341 1.00 33.96 ? 30  GLN A C   1 
ATOM   261  O O   . GLN A 1 34  ? -13.094 4.615   -11.548 1.00 33.12 ? 30  GLN A O   1 
ATOM   262  C CB  . GLN A 1 34  ? -15.529 3.963   -10.190 1.00 44.46 ? 30  GLN A CB  1 
ATOM   263  C CG  . GLN A 1 34  ? -16.947 3.545   -9.849  1.00 48.03 ? 30  GLN A CG  1 
ATOM   264  C CD  . GLN A 1 34  ? -17.035 2.071   -9.530  1.00 52.69 ? 30  GLN A CD  1 
ATOM   265  O OE1 . GLN A 1 34  ? -16.483 1.229   -10.236 1.00 56.32 ? 30  GLN A OE1 1 
ATOM   266  N NE2 . GLN A 1 34  ? -17.752 1.741   -8.468  1.00 57.69 ? 30  GLN A NE2 1 
ATOM   267  N N   . MET A 1 35  ? -13.727 6.697   -10.989 1.00 29.10 ? 31  MET A N   1 
ATOM   268  C CA  . MET A 1 35  ? -12.359 7.175   -10.656 1.00 28.91 ? 31  MET A CA  1 
ATOM   269  C C   . MET A 1 35  ? -12.003 6.914   -9.193  1.00 28.33 ? 31  MET A C   1 
ATOM   270  O O   . MET A 1 35  ? -10.867 7.263   -8.807  1.00 30.78 ? 31  MET A O   1 
ATOM   271  C CB  . MET A 1 35  ? -12.211 8.674   -10.899 1.00 29.40 ? 31  MET A CB  1 
ATOM   272  C CG  . MET A 1 35  ? -11.485 8.973   -12.165 1.00 30.89 ? 31  MET A CG  1 
ATOM   273  S SD  . MET A 1 35  ? -10.924 10.686  -12.220 1.00 28.94 ? 31  MET A SD  1 
ATOM   274  C CE  . MET A 1 35  ? -12.340 11.571  -11.568 1.00 29.36 ? 31  MET A CE  1 
ATOM   275  N N   . ASP A 1 36  ? -12.904 6.372   -8.379  1.00 29.25 ? 32  ASP A N   1 
ATOM   276  C CA  . ASP A 1 36  ? -12.612 6.265   -6.922  1.00 30.94 ? 32  ASP A CA  1 
ATOM   277  C C   . ASP A 1 36  ? -12.427 4.812   -6.472  1.00 25.43 ? 32  ASP A C   1 
ATOM   278  O O   . ASP A 1 36  ? -12.140 4.630   -5.273  1.00 23.79 ? 32  ASP A O   1 
ATOM   279  C CB  . ASP A 1 36  ? -13.655 6.987   -6.074  1.00 34.84 ? 32  ASP A CB  1 
ATOM   280  C CG  . ASP A 1 36  ? -15.084 6.725   -6.491  1.00 37.20 ? 32  ASP A CG  1 
ATOM   281  O OD1 . ASP A 1 36  ? -15.339 5.647   -7.074  1.00 39.36 ? 32  ASP A OD1 1 
ATOM   282  O OD2 . ASP A 1 36  ? -15.912 7.621   -6.262  1.00 40.23 ? 32  ASP A OD2 1 
ATOM   283  N N   . ASP A 1 37  ? -12.523 3.842   -7.380  1.00 21.37 ? 33  ASP A N   1 
ATOM   284  C CA  . ASP A 1 37  ? -12.194 2.419   -7.101  1.00 20.94 ? 33  ASP A CA  1 
ATOM   285  C C   . ASP A 1 37  ? -11.069 2.008   -8.058  1.00 18.57 ? 33  ASP A C   1 
ATOM   286  O O   . ASP A 1 37  ? -11.362 1.574   -9.161  1.00 16.80 ? 33  ASP A O   1 
ATOM   287  C CB  . ASP A 1 37  ? -13.431 1.520   -7.207  1.00 21.60 ? 33  ASP A CB  1 
ATOM   288  C CG  . ASP A 1 37  ? -13.235 0.141   -6.594  1.00 23.67 ? 33  ASP A CG  1 
ATOM   289  O OD1 . ASP A 1 37  ? -12.081 -0.192  -6.189  1.00 24.51 ? 33  ASP A OD1 1 
ATOM   290  O OD2 . ASP A 1 37  ? -14.243 -0.579  -6.468  1.00 24.81 ? 33  ASP A OD2 1 
ATOM   291  N N   . LEU A 1 38  ? -9.824  2.185   -7.633  1.00 16.99 ? 34  LEU A N   1 
ATOM   292  C CA  . LEU A 1 38  ? -8.610  2.102   -8.481  1.00 16.27 ? 34  LEU A CA  1 
ATOM   293  C C   . LEU A 1 38  ? -7.837  0.823   -8.156  1.00 16.52 ? 34  LEU A C   1 
ATOM   294  O O   . LEU A 1 38  ? -8.071  0.210   -7.088  1.00 15.46 ? 34  LEU A O   1 
ATOM   295  C CB  . LEU A 1 38  ? -7.742  3.341   -8.229  1.00 16.17 ? 34  LEU A CB  1 
ATOM   296  C CG  . LEU A 1 38  ? -8.428  4.683   -8.442  1.00 16.05 ? 34  LEU A CG  1 
ATOM   297  C CD1 . LEU A 1 38  ? -7.550  5.846   -8.002  1.00 15.87 ? 34  LEU A CD1 1 
ATOM   298  C CD2 . LEU A 1 38  ? -8.830  4.843   -9.896  1.00 17.05 ? 34  LEU A CD2 1 
ATOM   299  N N   . ARG A 1 39  ? -6.967  0.422   -9.074  1.00 16.87 ? 35  ARG A N   1 
ATOM   300  C CA  . ARG A 1 39  ? -6.038  -0.713  -8.902  1.00 18.02 ? 35  ARG A CA  1 
ATOM   301  C C   . ARG A 1 39  ? -4.629  -0.137  -8.828  1.00 17.45 ? 35  ARG A C   1 
ATOM   302  O O   . ARG A 1 39  ? -4.367  0.934   -9.429  1.00 17.35 ? 35  ARG A O   1 
ATOM   303  C CB  . ARG A 1 39  ? -6.298  -1.741  -9.999  1.00 21.47 ? 35  ARG A CB  1 
ATOM   304  C CG  . ARG A 1 39  ? -7.626  -2.465  -9.810  1.00 24.84 ? 35  ARG A CG  1 
ATOM   305  C CD  . ARG A 1 39  ? -7.690  -3.164  -8.457  1.00 30.01 ? 35  ARG A CD  1 
ATOM   306  N NE  . ARG A 1 39  ? -8.947  -3.835  -8.140  1.00 31.72 ? 35  ARG A NE  1 
ATOM   307  C CZ  . ARG A 1 39  ? -10.073 -3.237  -7.729  1.00 33.18 ? 35  ARG A CZ  1 
ATOM   308  N NH1 . ARG A 1 39  ? -10.160 -1.917  -7.601  1.00 30.57 ? 35  ARG A NH1 1 
ATOM   309  N NH2 . ARG A 1 39  ? -11.137 -3.980  -7.479  1.00 36.31 ? 35  ARG A NH2 1 
ATOM   310  N N   . ALA A 1 40  ? -3.798  -0.743  -7.992  1.00 17.59 ? 36  ALA A N   1 
ATOM   311  C CA  . ALA A 1 40  ? -2.371  -0.401  -7.897  1.00 16.51 ? 36  ALA A CA  1 
ATOM   312  C C   . ALA A 1 40  ? -1.556  -1.679  -7.853  1.00 17.23 ? 36  ALA A C   1 
ATOM   313  O O   . ALA A 1 40  ? -2.114  -2.775  -7.599  1.00 16.42 ? 36  ALA A O   1 
ATOM   314  C CB  . ALA A 1 40  ? -2.109  0.476   -6.694  1.00 16.93 ? 36  ALA A CB  1 
ATOM   315  N N   . GLN A 1 41  ? -0.274  -1.524  -8.144  1.00 17.78 ? 37  GLN A N   1 
ATOM   316  C CA  . GLN A 1 41  ? 0.693   -2.632  -8.174  1.00 18.33 ? 37  GLN A CA  1 
ATOM   317  C C   . GLN A 1 41  ? 1.994   -2.086  -7.595  1.00 18.05 ? 37  GLN A C   1 
ATOM   318  O O   . GLN A 1 41  ? 2.389   -0.946  -7.999  1.00 17.54 ? 37  GLN A O   1 
ATOM   319  C CB  . GLN A 1 41  ? 0.794   -3.180  -9.597  1.00 20.03 ? 37  GLN A CB  1 
ATOM   320  C CG  . GLN A 1 41  ? 1.923   -4.182  -9.787  1.00 20.68 ? 37  GLN A CG  1 
ATOM   321  C CD  . GLN A 1 41  ? 2.193   -4.483  -11.242 1.00 22.56 ? 37  GLN A CD  1 
ATOM   322  O OE1 . GLN A 1 41  ? 3.177   -4.002  -11.812 1.00 24.14 ? 37  GLN A OE1 1 
ATOM   323  N NE2 . GLN A 1 41  ? 1.317   -5.272  -11.851 1.00 20.40 ? 37  GLN A NE2 1 
ATOM   324  N N   . ILE A 1 42  ? 2.595   -2.855  -6.682  1.00 17.39 ? 38  ILE A N   1 
ATOM   325  C CA  . ILE A 1 42  ? 3.952   -2.610  -6.115  1.00 19.12 ? 38  ILE A CA  1 
ATOM   326  C C   . ILE A 1 42  ? 4.828   -3.832  -6.434  1.00 19.58 ? 38  ILE A C   1 
ATOM   327  O O   . ILE A 1 42  ? 4.412   -4.988  -6.169  1.00 17.05 ? 38  ILE A O   1 
ATOM   328  C CB  . ILE A 1 42  ? 3.920   -2.294  -4.604  1.00 19.76 ? 38  ILE A CB  1 
ATOM   329  C CG1 . ILE A 1 42  ? 2.957   -1.148  -4.284  1.00 21.17 ? 38  ILE A CG1 1 
ATOM   330  C CG2 . ILE A 1 42  ? 5.332   -2.003  -4.101  1.00 19.88 ? 38  ILE A CG2 1 
ATOM   331  C CD1 . ILE A 1 42  ? 2.719   -0.910  -2.806  1.00 22.28 ? 38  ILE A CD1 1 
ATOM   332  N N   . LEU A 1 43  ? 5.987   -3.589  -7.028  1.00 20.52 ? 39  LEU A N   1 
ATOM   333  C CA  . LEU A 1 43  ? 6.978   -4.652  -7.276  1.00 22.35 ? 39  LEU A CA  1 
ATOM   334  C C   . LEU A 1 43  ? 7.688   -4.891  -5.950  1.00 21.98 ? 39  LEU A C   1 
ATOM   335  O O   . LEU A 1 43  ? 7.986   -3.902  -5.267  1.00 22.23 ? 39  LEU A O   1 
ATOM   336  C CB  . LEU A 1 43  ? 7.942   -4.213  -8.380  1.00 23.41 ? 39  LEU A CB  1 
ATOM   337  C CG  . LEU A 1 43  ? 7.328   -3.924  -9.745  1.00 25.44 ? 39  LEU A CG  1 
ATOM   338  C CD1 . LEU A 1 43  ? 8.437   -3.805  -10.780 1.00 26.54 ? 39  LEU A CD1 1 
ATOM   339  C CD2 . LEU A 1 43  ? 6.321   -4.994  -10.153 1.00 26.11 ? 39  LEU A CD2 1 
ATOM   340  N N   . GLY A 1 44  ? 7.883   -6.146  -5.553  1.00 21.31 ? 40  GLY A N   1 
ATOM   341  C CA  . GLY A 1 44  ? 8.755   -6.459  -4.407  1.00 22.96 ? 40  GLY A CA  1 
ATOM   342  C C   . GLY A 1 44  ? 10.120  -5.772  -4.529  1.00 23.85 ? 40  GLY A C   1 
ATOM   343  O O   . GLY A 1 44  ? 10.673  -5.728  -5.626  1.00 23.78 ? 40  GLY A O   1 
ATOM   344  N N   . GLY A 1 45  ? 10.656  -5.274  -3.422  1.00 25.51 ? 41  GLY A N   1 
ATOM   345  C CA  . GLY A 1 45  ? 11.934  -4.546  -3.375  1.00 28.88 ? 41  GLY A CA  1 
ATOM   346  C C   . GLY A 1 45  ? 13.130  -5.476  -3.469  1.00 30.53 ? 41  GLY A C   1 
ATOM   347  O O   . GLY A 1 45  ? 13.081  -6.613  -2.925  1.00 30.13 ? 41  GLY A O   1 
ATOM   348  N N   . ALA A 1 46  ? 14.195  -4.999  -4.113  1.00 33.35 ? 42  ALA A N   1 
ATOM   349  C CA  . ALA A 1 46  ? 15.519  -5.656  -4.126  1.00 35.61 ? 42  ALA A CA  1 
ATOM   350  C C   . ALA A 1 46  ? 15.913  -5.987  -2.684  1.00 36.04 ? 42  ALA A C   1 
ATOM   351  O O   . ALA A 1 46  ? 15.620  -5.168  -1.786  1.00 38.07 ? 42  ALA A O   1 
ATOM   352  C CB  . ALA A 1 46  ? 16.534  -4.756  -4.795  1.00 36.93 ? 42  ALA A CB  1 
ATOM   353  N N   . ASN A 1 47  ? 16.499  -7.169  -2.464  1.00 39.48 ? 43  ASN A N   1 
ATOM   354  C CA  . ASN A 1 47  ? 17.170  -7.557  -1.194  1.00 39.63 ? 43  ASN A CA  1 
ATOM   355  C C   . ASN A 1 47  ? 16.137  -7.691  -0.080  1.00 36.96 ? 43  ASN A C   1 
ATOM   356  O O   . ASN A 1 47  ? 16.545  -7.694  1.096   1.00 39.62 ? 43  ASN A O   1 
ATOM   357  C CB  . ASN A 1 47  ? 18.244  -6.547  -0.792  1.00 42.83 ? 43  ASN A CB  1 
ATOM   358  C CG  . ASN A 1 47  ? 18.884  -5.890  -1.996  1.00 47.54 ? 43  ASN A CG  1 
ATOM   359  O OD1 . ASN A 1 47  ? 19.301  -6.580  -2.926  1.00 48.93 ? 43  ASN A OD1 1 
ATOM   360  N ND2 . ASN A 1 47  ? 18.917  -4.565  -2.013  1.00 51.37 ? 43  ASN A ND2 1 
ATOM   361  N N   . THR A 1 48  ? 14.853  -7.764  -0.429  1.00 32.44 ? 44  THR A N   1 
ATOM   362  C CA  . THR A 1 48  ? 13.768  -8.091  0.533   1.00 28.77 ? 44  THR A CA  1 
ATOM   363  C C   . THR A 1 48  ? 13.242  -9.464  0.153   1.00 24.20 ? 44  THR A C   1 
ATOM   364  O O   . THR A 1 48  ? 13.421  -9.914  -0.972  1.00 20.68 ? 44  THR A O   1 
ATOM   365  C CB  . THR A 1 48  ? 12.646  -7.040  0.565   1.00 27.14 ? 44  THR A CB  1 
ATOM   366  O OG1 . THR A 1 48  ? 11.741  -7.254  -0.523  1.00 28.17 ? 44  THR A OG1 1 
ATOM   367  C CG2 . THR A 1 48  ? 13.179  -5.626  0.530   1.00 28.25 ? 44  THR A CG2 1 
ATOM   368  N N   . PRO A 1 49  ? 12.561  -10.156 1.084   1.00 22.48 ? 45  PRO A N   1 
ATOM   369  C CA  . PRO A 1 49  ? 11.938  -11.439 0.766   1.00 22.12 ? 45  PRO A CA  1 
ATOM   370  C C   . PRO A 1 49  ? 10.774  -11.320 -0.226  1.00 21.08 ? 45  PRO A C   1 
ATOM   371  O O   . PRO A 1 49  ? 10.305  -12.358 -0.663  1.00 21.14 ? 45  PRO A O   1 
ATOM   372  C CB  . PRO A 1 49  ? 11.436  -11.934 2.128   1.00 21.35 ? 45  PRO A CB  1 
ATOM   373  C CG  . PRO A 1 49  ? 11.218  -10.658 2.901   1.00 22.07 ? 45  PRO A CG  1 
ATOM   374  C CD  . PRO A 1 49  ? 12.366  -9.759  2.487   1.00 21.26 ? 45  PRO A CD  1 
ATOM   375  N N   . TYR A 1 50  ? 10.340  -10.097 -0.572  1.00 19.85 ? 46  TYR A N   1 
ATOM   376  C CA  . TYR A 1 50  ? 9.228   -9.885  -1.544  1.00 20.32 ? 46  TYR A CA  1 
ATOM   377  C C   . TYR A 1 50  ? 9.760   -9.673  -2.975  1.00 20.77 ? 46  TYR A C   1 
ATOM   378  O O   . TYR A 1 50  ? 8.951   -9.528  -3.912  1.00 19.75 ? 46  TYR A O   1 
ATOM   379  C CB  . TYR A 1 50  ? 8.340   -8.736  -1.069  1.00 18.67 ? 46  TYR A CB  1 
ATOM   380  C CG  . TYR A 1 50  ? 8.007   -8.829  0.391   1.00 17.71 ? 46  TYR A CG  1 
ATOM   381  C CD1 . TYR A 1 50  ? 7.130   -9.797  0.860   1.00 18.25 ? 46  TYR A CD1 1 
ATOM   382  C CD2 . TYR A 1 50  ? 8.575   -7.960  1.307   1.00 17.53 ? 46  TYR A CD2 1 
ATOM   383  C CE1 . TYR A 1 50  ? 6.833   -9.900  2.212   1.00 17.97 ? 46  TYR A CE1 1 
ATOM   384  C CE2 . TYR A 1 50  ? 8.305   -8.065  2.662   1.00 17.41 ? 46  TYR A CE2 1 
ATOM   385  C CZ  . TYR A 1 50  ? 7.425   -9.031  3.120   1.00 17.72 ? 46  TYR A CZ  1 
ATOM   386  O OH  . TYR A 1 50  ? 7.158   -9.113  4.460   1.00 17.35 ? 46  TYR A OH  1 
ATOM   387  N N   . GLU A 1 51  ? 11.078  -9.644  -3.147  1.00 24.17 ? 47  GLU A N   1 
ATOM   388  C CA  . GLU A 1 51  ? 11.767  -9.564  -4.462  1.00 28.04 ? 47  GLU A CA  1 
ATOM   389  C C   . GLU A 1 51  ? 11.096  -10.519 -5.454  1.00 29.93 ? 47  GLU A C   1 
ATOM   390  O O   . GLU A 1 51  ? 10.792  -11.655 -5.068  1.00 33.45 ? 47  GLU A O   1 
ATOM   391  C CB  . GLU A 1 51  ? 13.243  -9.922  -4.268  1.00 30.49 ? 47  GLU A CB  1 
ATOM   392  C CG  . GLU A 1 51  ? 14.090  -9.711  -5.502  1.00 35.06 ? 47  GLU A CG  1 
ATOM   393  C CD  . GLU A 1 51  ? 15.562  -9.475  -5.199  1.00 38.38 ? 47  GLU A CD  1 
ATOM   394  O OE1 . GLU A 1 51  ? 16.067  -10.030 -4.200  1.00 37.79 ? 47  GLU A OE1 1 
ATOM   395  O OE2 . GLU A 1 51  ? 16.186  -8.711  -5.951  1.00 42.88 ? 47  GLU A OE2 1 
ATOM   396  N N   . LYS A 1 52  ? 10.846  -10.078 -6.685  1.00 32.38 ? 48  LYS A N   1 
ATOM   397  C CA  . LYS A 1 52  ? 10.240  -10.923 -7.755  1.00 34.94 ? 48  LYS A CA  1 
ATOM   398  C C   . LYS A 1 52  ? 8.742   -11.128 -7.485  1.00 30.63 ? 48  LYS A C   1 
ATOM   399  O O   . LYS A 1 52  ? 8.068   -11.714 -8.336  1.00 29.20 ? 48  LYS A O   1 
ATOM   400  C CB  . LYS A 1 52  ? 10.976  -12.264 -7.876  1.00 41.90 ? 48  LYS A CB  1 
ATOM   401  C CG  . LYS A 1 52  ? 12.497  -12.148 -7.803  1.00 45.78 ? 48  LYS A CG  1 
ATOM   402  C CD  . LYS A 1 52  ? 13.287  -13.148 -8.628  1.00 51.93 ? 48  LYS A CD  1 
ATOM   403  C CE  . LYS A 1 52  ? 14.670  -12.632 -8.990  1.00 53.30 ? 48  LYS A CE  1 
ATOM   404  N NZ  . LYS A 1 52  ? 15.734  -13.635 -8.738  1.00 54.88 ? 48  LYS A NZ  1 
ATOM   405  N N   . GLY A 1 53  ? 8.240   -10.652 -6.346  1.00 26.45 ? 49  GLY A N   1 
ATOM   406  C CA  . GLY A 1 53  ? 6.801   -10.494 -6.111  1.00 23.25 ? 49  GLY A CA  1 
ATOM   407  C C   . GLY A 1 53  ? 6.245   -9.329  -6.908  1.00 22.09 ? 49  GLY A C   1 
ATOM   408  O O   . GLY A 1 53  ? 6.939   -8.297  -7.047  1.00 21.48 ? 49  GLY A O   1 
ATOM   409  N N   . VAL A 1 54  ? 5.037   -9.500  -7.432  1.00 20.01 ? 50  VAL A N   1 
ATOM   410  C CA  . VAL A 1 54  ? 4.185   -8.417  -7.989  1.00 19.96 ? 50  VAL A CA  1 
ATOM   411  C C   . VAL A 1 54  ? 2.935   -8.356  -7.102  1.00 18.81 ? 50  VAL A C   1 
ATOM   412  O O   . VAL A 1 54  ? 2.237   -9.354  -7.043  1.00 17.78 ? 50  VAL A O   1 
ATOM   413  C CB  . VAL A 1 54  ? 3.849   -8.685  -9.470  1.00 20.90 ? 50  VAL A CB  1 
ATOM   414  C CG1 . VAL A 1 54  ? 2.943   -7.605  -10.037 1.00 21.63 ? 50  VAL A CG1 1 
ATOM   415  C CG2 . VAL A 1 54  ? 5.102   -8.821  -10.325 1.00 21.45 ? 50  VAL A CG2 1 
ATOM   416  N N   . PHE A 1 55  ? 2.712   -7.241  -6.397  1.00 18.12 ? 51  PHE A N   1 
ATOM   417  C CA  . PHE A 1 55  ? 1.647   -7.105  -5.370  1.00 18.47 ? 51  PHE A CA  1 
ATOM   418  C C   . PHE A 1 55  ? 0.543   -6.175  -5.886  1.00 19.04 ? 51  PHE A C   1 
ATOM   419  O O   . PHE A 1 55  ? 0.846   -5.020  -6.226  1.00 17.42 ? 51  PHE A O   1 
ATOM   420  C CB  . PHE A 1 55  ? 2.269   -6.642  -4.056  1.00 17.73 ? 51  PHE A CB  1 
ATOM   421  C CG  . PHE A 1 55  ? 3.192   -7.669  -3.472  1.00 17.40 ? 51  PHE A CG  1 
ATOM   422  C CD1 . PHE A 1 55  ? 2.683   -8.696  -2.697  1.00 16.83 ? 51  PHE A CD1 1 
ATOM   423  C CD2 . PHE A 1 55  ? 4.552   -7.666  -3.769  1.00 17.67 ? 51  PHE A CD2 1 
ATOM   424  C CE1 . PHE A 1 55  ? 3.515   -9.670  -2.175  1.00 16.10 ? 51  PHE A CE1 1 
ATOM   425  C CE2 . PHE A 1 55  ? 5.382   -8.651  -3.250  1.00 17.41 ? 51  PHE A CE2 1 
ATOM   426  C CZ  . PHE A 1 55  ? 4.860   -9.653  -2.459  1.00 16.22 ? 51  PHE A CZ  1 
ATOM   427  N N   . LYS A 1 56  ? -0.682  -6.708  -5.978  1.00 18.91 ? 52  LYS A N   1 
ATOM   428  C CA  . LYS A 1 56  ? -1.913  -5.990  -6.382  1.00 20.64 ? 52  LYS A CA  1 
ATOM   429  C C   . LYS A 1 56  ? -2.576  -5.390  -5.142  1.00 17.84 ? 52  LYS A C   1 
ATOM   430  O O   . LYS A 1 56  ? -2.673  -6.091  -4.082  1.00 16.94 ? 52  LYS A O   1 
ATOM   431  C CB  . LYS A 1 56  ? -2.945  -6.899  -7.049  1.00 23.20 ? 52  LYS A CB  1 
ATOM   432  C CG  . LYS A 1 56  ? -2.415  -7.796  -8.155  1.00 29.22 ? 52  LYS A CG  1 
ATOM   433  C CD  . LYS A 1 56  ? -3.492  -8.628  -8.808  1.00 33.38 ? 52  LYS A CD  1 
ATOM   434  C CE  . LYS A 1 56  ? -4.264  -7.869  -9.867  1.00 40.05 ? 52  LYS A CE  1 
ATOM   435  N NZ  . LYS A 1 56  ? -3.532  -7.847  -11.161 1.00 43.65 ? 52  LYS A NZ  1 
ATOM   436  N N   . LEU A 1 57  ? -3.027  -4.148  -5.278  1.00 16.44 ? 53  LEU A N   1 
ATOM   437  C CA  . LEU A 1 57  ? -3.734  -3.418  -4.197  1.00 17.38 ? 53  LEU A CA  1 
ATOM   438  C C   . LEU A 1 57  ? -5.041  -2.851  -4.745  1.00 16.20 ? 53  LEU A C   1 
ATOM   439  O O   . LEU A 1 57  ? -5.147  -2.610  -5.945  1.00 16.16 ? 53  LEU A O   1 
ATOM   440  C CB  . LEU A 1 57  ? -2.828  -2.320  -3.626  1.00 17.10 ? 53  LEU A CB  1 
ATOM   441  C CG  . LEU A 1 57  ? -1.492  -2.842  -3.082  1.00 17.56 ? 53  LEU A CG  1 
ATOM   442  C CD1 . LEU A 1 57  ? -0.391  -2.718  -4.129  1.00 18.23 ? 53  LEU A CD1 1 
ATOM   443  C CD2 . LEU A 1 57  ? -1.104  -2.133  -1.801  1.00 16.45 ? 53  LEU A CD2 1 
ATOM   444  N N   . ARG A 1 58  ? -6.019  -2.685  -3.864  1.00 16.23 ? 54  ARG A N   1 
ATOM   445  C CA  . ARG A 1 58  ? -7.231  -1.902  -4.155  1.00 15.94 ? 54  ARG A CA  1 
ATOM   446  C C   . ARG A 1 58  ? -7.032  -0.522  -3.532  1.00 14.88 ? 54  ARG A C   1 
ATOM   447  O O   . ARG A 1 58  ? -6.594  -0.461  -2.395  1.00 15.00 ? 54  ARG A O   1 
ATOM   448  C CB  . ARG A 1 58  ? -8.463  -2.627  -3.612  1.00 16.53 ? 54  ARG A CB  1 
ATOM   449  C CG  . ARG A 1 58  ? -9.751  -1.979  -4.070  1.00 18.06 ? 54  ARG A CG  1 
ATOM   450  C CD  . ARG A 1 58  ? -10.927 -2.605  -3.380  1.00 19.22 ? 54  ARG A CD  1 
ATOM   451  N NE  . ARG A 1 58  ? -12.139 -2.210  -4.053  1.00 20.22 ? 54  ARG A NE  1 
ATOM   452  C CZ  . ARG A 1 58  ? -13.357 -2.470  -3.610  1.00 21.79 ? 54  ARG A CZ  1 
ATOM   453  N NH1 . ARG A 1 58  ? -13.522 -3.126  -2.473  1.00 21.65 ? 54  ARG A NH1 1 
ATOM   454  N NH2 . ARG A 1 58  ? -14.407 -2.079  -4.317  1.00 22.09 ? 54  ARG A NH2 1 
ATOM   455  N N   . VAL A 1 59  ? -7.339  0.541   -4.263  1.00 14.21 ? 55  VAL A N   1 
ATOM   456  C CA  . VAL A 1 59  ? -7.228  1.938   -3.766  1.00 15.16 ? 55  VAL A CA  1 
ATOM   457  C C   . VAL A 1 59  ? -8.603  2.589   -3.912  1.00 15.82 ? 55  VAL A C   1 
ATOM   458  O O   . VAL A 1 59  ? -8.970  2.934   -5.052  1.00 15.33 ? 55  VAL A O   1 
ATOM   459  C CB  . VAL A 1 59  ? -6.130  2.728   -4.505  1.00 14.77 ? 55  VAL A CB  1 
ATOM   460  C CG1 . VAL A 1 59  ? -6.039  4.163   -4.006  1.00 15.15 ? 55  VAL A CG1 1 
ATOM   461  C CG2 . VAL A 1 59  ? -4.779  2.033   -4.417  1.00 14.49 ? 55  VAL A CG2 1 
ATOM   462  N N   . ILE A 1 60  ? -9.323  2.759   -2.794  1.00 16.30 ? 56  ILE A N   1 
ATOM   463  C CA  . ILE A 1 60  ? -10.643 3.450   -2.767  1.00 17.97 ? 56  ILE A CA  1 
ATOM   464  C C   . ILE A 1 60  ? -10.410 4.904   -2.373  1.00 17.80 ? 56  ILE A C   1 
ATOM   465  O O   . ILE A 1 60  ? -9.669  5.184   -1.395  1.00 17.24 ? 56  ILE A O   1 
ATOM   466  C CB  . ILE A 1 60  ? -11.645 2.716   -1.855  1.00 19.53 ? 56  ILE A CB  1 
ATOM   467  C CG1 . ILE A 1 60  ? -12.072 1.396   -2.498  1.00 19.97 ? 56  ILE A CG1 1 
ATOM   468  C CG2 . ILE A 1 60  ? -12.860 3.592   -1.548  1.00 20.48 ? 56  ILE A CG2 1 
ATOM   469  C CD1 . ILE A 1 60  ? -12.744 0.464   -1.548  1.00 21.45 ? 56  ILE A CD1 1 
ATOM   470  N N   . ILE A 1 61  ? -10.977 5.826   -3.138  1.00 18.97 ? 57  ILE A N   1 
ATOM   471  C CA  . ILE A 1 61  ? -10.836 7.265   -2.810  1.00 19.35 ? 57  ILE A CA  1 
ATOM   472  C C   . ILE A 1 61  ? -12.160 7.703   -2.207  1.00 19.56 ? 57  ILE A C   1 
ATOM   473  O O   . ILE A 1 61  ? -13.172 7.713   -2.896  1.00 19.40 ? 57  ILE A O   1 
ATOM   474  C CB  . ILE A 1 61  ? -10.426 8.102   -4.026  1.00 20.33 ? 57  ILE A CB  1 
ATOM   475  C CG1 . ILE A 1 61  ? -9.208  7.521   -4.755  1.00 21.13 ? 57  ILE A CG1 1 
ATOM   476  C CG2 . ILE A 1 61  ? -10.197 9.540   -3.592  1.00 20.96 ? 57  ILE A CG2 1 
ATOM   477  C CD1 . ILE A 1 61  ? -7.948  7.452   -3.934  1.00 21.12 ? 57  ILE A CD1 1 
ATOM   478  N N   . PRO A 1 62  ? -12.191 8.052   -0.903  1.00 20.34 ? 58  PRO A N   1 
ATOM   479  C CA  . PRO A 1 62  ? -13.449 8.407   -0.246  1.00 20.58 ? 58  PRO A CA  1 
ATOM   480  C C   . PRO A 1 62  ? -13.983 9.739   -0.809  1.00 21.79 ? 58  PRO A C   1 
ATOM   481  O O   . PRO A 1 62  ? -13.218 10.492  -1.420  1.00 20.22 ? 58  PRO A O   1 
ATOM   482  C CB  . PRO A 1 62  ? -13.056 8.470   1.247   1.00 21.33 ? 58  PRO A CB  1 
ATOM   483  C CG  . PRO A 1 62  ? -11.569 8.828   1.242   1.00 20.07 ? 58  PRO A CG  1 
ATOM   484  C CD  . PRO A 1 62  ? -11.021 8.179   -0.012  1.00 20.00 ? 58  PRO A CD  1 
ATOM   485  N N   . GLU A 1 63  ? -15.268 10.026  -0.600  1.00 23.31 ? 59  GLU A N   1 
ATOM   486  C CA  . GLU A 1 63  ? -15.897 11.277  -1.104  1.00 26.02 ? 59  GLU A CA  1 
ATOM   487  C C   . GLU A 1 63  ? -15.178 12.507  -0.528  1.00 24.78 ? 59  GLU A C   1 
ATOM   488  O O   . GLU A 1 63  ? -15.157 13.521  -1.226  1.00 23.13 ? 59  GLU A O   1 
ATOM   489  C CB  . GLU A 1 63  ? -17.393 11.274  -0.805  1.00 29.41 ? 59  GLU A CB  1 
ATOM   490  C CG  . GLU A 1 63  ? -18.168 10.265  -1.636  1.00 33.24 ? 59  GLU A CG  1 
ATOM   491  C CD  . GLU A 1 63  ? -18.624 9.007   -0.909  1.00 38.00 ? 59  GLU A CD  1 
ATOM   492  O OE1 . GLU A 1 63  ? -17.921 8.559   0.043   1.00 39.91 ? 59  GLU A OE1 1 
ATOM   493  O OE2 . GLU A 1 63  ? -19.700 8.474   -1.290  1.00 43.70 ? 59  GLU A OE2 1 
ATOM   494  N N   . ARG A 1 64  ? -14.571 12.415  0.666   1.00 22.95 ? 60  ARG A N   1 
ATOM   495  C CA  . ARG A 1 64  ? -13.927 13.578  1.344   1.00 22.79 ? 60  ARG A CA  1 
ATOM   496  C C   . ARG A 1 64  ? -12.453 13.746  0.951   1.00 21.64 ? 60  ARG A C   1 
ATOM   497  O O   . ARG A 1 64  ? -11.832 14.706  1.416   1.00 20.04 ? 60  ARG A O   1 
ATOM   498  C CB  . ARG A 1 64  ? -14.062 13.420  2.861   1.00 23.65 ? 60  ARG A CB  1 
ATOM   499  C CG  . ARG A 1 64  ? -15.438 13.808  3.383   1.00 22.91 ? 60  ARG A CG  1 
ATOM   500  C CD  . ARG A 1 64  ? -15.456 15.242  3.857   1.00 21.70 ? 60  ARG A CD  1 
ATOM   501  N NE  . ARG A 1 64  ? -14.573 15.343  5.006   1.00 21.18 ? 60  ARG A NE  1 
ATOM   502  C CZ  . ARG A 1 64  ? -13.810 16.390  5.293   1.00 20.43 ? 60  ARG A CZ  1 
ATOM   503  N NH1 . ARG A 1 64  ? -13.820 17.469  4.531   1.00 20.09 ? 60  ARG A NH1 1 
ATOM   504  N NH2 . ARG A 1 64  ? -13.030 16.350  6.356   1.00 21.36 ? 60  ARG A NH2 1 
ATOM   505  N N   . TYR A 1 65  ? -11.891 12.862  0.125   1.00 21.35 ? 61  TYR A N   1 
ATOM   506  C CA  . TYR A 1 65  ? -10.514 13.032  -0.400  1.00 19.46 ? 61  TYR A CA  1 
ATOM   507  C C   . TYR A 1 65  ? -10.384 14.439  -0.957  1.00 19.06 ? 61  TYR A C   1 
ATOM   508  O O   . TYR A 1 65  ? -11.293 14.892  -1.651  1.00 20.13 ? 61  TYR A O   1 
ATOM   509  C CB  . TYR A 1 65  ? -10.203 12.011  -1.493  1.00 18.85 ? 61  TYR A CB  1 
ATOM   510  C CG  . TYR A 1 65  ? -8.755  11.968  -1.912  1.00 17.84 ? 61  TYR A CG  1 
ATOM   511  C CD1 . TYR A 1 65  ? -7.803  11.298  -1.158  1.00 16.85 ? 61  TYR A CD1 1 
ATOM   512  C CD2 . TYR A 1 65  ? -8.330  12.595  -3.069  1.00 17.69 ? 61  TYR A CD2 1 
ATOM   513  C CE1 . TYR A 1 65  ? -6.474  11.262  -1.546  1.00 17.07 ? 61  TYR A CE1 1 
ATOM   514  C CE2 . TYR A 1 65  ? -7.004  12.557  -3.473  1.00 17.51 ? 61  TYR A CE2 1 
ATOM   515  C CZ  . TYR A 1 65  ? -6.071  11.891  -2.707  1.00 17.12 ? 61  TYR A CZ  1 
ATOM   516  O OH  . TYR A 1 65  ? -4.763  11.867  -3.092  1.00 17.07 ? 61  TYR A OH  1 
ATOM   517  N N   . PRO A 1 66  ? -9.252  15.155  -0.754  1.00 18.40 ? 62  PRO A N   1 
ATOM   518  C CA  . PRO A 1 66  ? -8.093  14.669  0.013   1.00 17.94 ? 62  PRO A CA  1 
ATOM   519  C C   . PRO A 1 66  ? -8.035  14.941  1.527   1.00 18.55 ? 62  PRO A C   1 
ATOM   520  O O   . PRO A 1 66  ? -6.946  14.863  2.097   1.00 17.83 ? 62  PRO A O   1 
ATOM   521  C CB  . PRO A 1 66  ? -6.960  15.470  -0.640  1.00 18.56 ? 62  PRO A CB  1 
ATOM   522  C CG  . PRO A 1 66  ? -7.600  16.820  -0.934  1.00 18.87 ? 62  PRO A CG  1 
ATOM   523  C CD  . PRO A 1 66  ? -9.021  16.488  -1.339  1.00 18.44 ? 62  PRO A CD  1 
ATOM   524  N N   . PHE A 1 67  ? -9.165  15.208  2.184   1.00 18.73 ? 63  PHE A N   1 
ATOM   525  C CA  . PHE A 1 67  ? -9.200  15.468  3.656   1.00 20.04 ? 63  PHE A CA  1 
ATOM   526  C C   . PHE A 1 67  ? -9.434  14.181  4.466   1.00 21.75 ? 63  PHE A C   1 
ATOM   527  O O   . PHE A 1 67  ? -9.305  14.218  5.716   1.00 20.77 ? 63  PHE A O   1 
ATOM   528  C CB  . PHE A 1 67  ? -10.199 16.593  3.919   1.00 20.08 ? 63  PHE A CB  1 
ATOM   529  C CG  . PHE A 1 67  ? -9.892  17.800  3.072   1.00 19.51 ? 63  PHE A CG  1 
ATOM   530  C CD1 . PHE A 1 67  ? -8.822  18.620  3.389   1.00 18.90 ? 63  PHE A CD1 1 
ATOM   531  C CD2 . PHE A 1 67  ? -10.622 18.065  1.921   1.00 19.13 ? 63  PHE A CD2 1 
ATOM   532  C CE1 . PHE A 1 67  ? -8.506  19.706  2.586   1.00 19.63 ? 63  PHE A CE1 1 
ATOM   533  C CE2 . PHE A 1 67  ? -10.294 19.142  1.111   1.00 18.48 ? 63  PHE A CE2 1 
ATOM   534  C CZ  . PHE A 1 67  ? -9.246  19.969  1.452   1.00 19.14 ? 63  PHE A CZ  1 
ATOM   535  N N   . GLU A 1 68  ? -9.787  13.086  3.788   1.00 22.43 ? 64  GLU A N   1 
ATOM   536  C CA  . GLU A 1 68  ? -9.768  11.694  4.308   1.00 23.38 ? 64  GLU A CA  1 
ATOM   537  C C   . GLU A 1 68  ? -8.761  10.914  3.463   1.00 22.76 ? 64  GLU A C   1 
ATOM   538  O O   . GLU A 1 68  ? -8.658  11.133  2.249   1.00 20.39 ? 64  GLU A O   1 
ATOM   539  C CB  . GLU A 1 68  ? -11.160 11.052  4.227   1.00 25.19 ? 64  GLU A CB  1 
ATOM   540  C CG  . GLU A 1 68  ? -12.216 11.702  5.110   1.00 27.71 ? 64  GLU A CG  1 
ATOM   541  C CD  . GLU A 1 68  ? -12.169 11.315  6.582   1.00 31.99 ? 64  GLU A CD  1 
ATOM   542  O OE1 . GLU A 1 68  ? -11.462 10.334  6.911   1.00 31.78 ? 64  GLU A OE1 1 
ATOM   543  O OE2 . GLU A 1 68  ? -12.837 12.003  7.405   1.00 34.54 ? 64  GLU A OE2 1 
ATOM   544  N N   . PRO A 1 69  ? -7.984  9.992   4.073   1.00 22.31 ? 65  PRO A N   1 
ATOM   545  C CA  . PRO A 1 69  ? -6.984  9.224   3.341   1.00 21.44 ? 65  PRO A CA  1 
ATOM   546  C C   . PRO A 1 69  ? -7.595  8.222   2.365   1.00 20.57 ? 65  PRO A C   1 
ATOM   547  O O   . PRO A 1 69  ? -8.722  7.768   2.541   1.00 19.17 ? 65  PRO A O   1 
ATOM   548  C CB  . PRO A 1 69  ? -6.229  8.455   4.429   1.00 22.39 ? 65  PRO A CB  1 
ATOM   549  C CG  . PRO A 1 69  ? -7.245  8.324   5.542   1.00 22.98 ? 65  PRO A CG  1 
ATOM   550  C CD  . PRO A 1 69  ? -8.056  9.604   5.490   1.00 23.07 ? 65  PRO A CD  1 
ATOM   551  N N   . PRO A 1 70  ? -6.842  7.821   1.321   1.00 19.72 ? 66  PRO A N   1 
ATOM   552  C CA  . PRO A 1 70  ? -7.228  6.697   0.471   1.00 18.93 ? 66  PRO A CA  1 
ATOM   553  C C   . PRO A 1 70  ? -7.368  5.452   1.352   1.00 17.95 ? 66  PRO A C   1 
ATOM   554  O O   . PRO A 1 70  ? -6.631  5.369   2.308   1.00 15.78 ? 66  PRO A O   1 
ATOM   555  C CB  . PRO A 1 70  ? -6.025  6.521   -0.458  1.00 19.91 ? 66  PRO A CB  1 
ATOM   556  C CG  . PRO A 1 70  ? -5.386  7.879   -0.466  1.00 20.87 ? 66  PRO A CG  1 
ATOM   557  C CD  . PRO A 1 70  ? -5.526  8.368   0.956   1.00 20.47 ? 66  PRO A CD  1 
ATOM   558  N N   . GLN A 1 71  ? -8.304  4.561   1.026   1.00 18.31 ? 67  GLN A N   1 
ATOM   559  C CA  . GLN A 1 71  ? -8.482  3.245   1.683   1.00 18.70 ? 67  GLN A CA  1 
ATOM   560  C C   . GLN A 1 71  ? -7.783  2.223   0.786   1.00 18.65 ? 67  GLN A C   1 
ATOM   561  O O   . GLN A 1 71  ? -8.256  1.993   -0.344  1.00 16.63 ? 67  GLN A O   1 
ATOM   562  C CB  . GLN A 1 71  ? -9.964  2.948   1.887   1.00 21.03 ? 67  GLN A CB  1 
ATOM   563  C CG  . GLN A 1 71  ? -10.668 4.008   2.726   1.00 22.61 ? 67  GLN A CG  1 
ATOM   564  C CD  . GLN A 1 71  ? -12.165 3.999   2.508   1.00 25.79 ? 67  GLN A CD  1 
ATOM   565  O OE1 . GLN A 1 71  ? -12.799 2.948   2.368   1.00 28.62 ? 67  GLN A OE1 1 
ATOM   566  N NE2 . GLN A 1 71  ? -12.744 5.183   2.442   1.00 25.73 ? 67  GLN A NE2 1 
ATOM   567  N N   . ILE A 1 72  ? -6.637  1.717   1.234   1.00 18.55 ? 68  ILE A N   1 
ATOM   568  C CA  . ILE A 1 72  ? -5.744  0.848   0.418   1.00 17.44 ? 68  ILE A CA  1 
ATOM   569  C C   . ILE A 1 72  ? -5.586  -0.491  1.129   1.00 17.74 ? 68  ILE A C   1 
ATOM   570  O O   . ILE A 1 72  ? -5.285  -0.495  2.316   1.00 17.96 ? 68  ILE A O   1 
ATOM   571  C CB  . ILE A 1 72  ? -4.391  1.542   0.189   1.00 17.00 ? 68  ILE A CB  1 
ATOM   572  C CG1 . ILE A 1 72  ? -4.579  2.915   -0.463  1.00 16.40 ? 68  ILE A CG1 1 
ATOM   573  C CG2 . ILE A 1 72  ? -3.466  0.622   -0.597  1.00 17.36 ? 68  ILE A CG2 1 
ATOM   574  C CD1 . ILE A 1 72  ? -3.291  3.673   -0.740  1.00 17.12 ? 68  ILE A CD1 1 
ATOM   575  N N   . ARG A 1 73  ? -5.762  -1.594  0.414   1.00 18.49 ? 69  ARG A N   1 
ATOM   576  C CA  . ARG A 1 73  ? -5.519  -2.946  0.976   1.00 20.05 ? 69  ARG A CA  1 
ATOM   577  C C   . ARG A 1 73  ? -4.861  -3.814  -0.094  1.00 18.70 ? 69  ARG A C   1 
ATOM   578  O O   . ARG A 1 73  ? -5.069  -3.564  -1.282  1.00 19.21 ? 69  ARG A O   1 
ATOM   579  C CB  . ARG A 1 73  ? -6.813  -3.549  1.507   1.00 22.45 ? 69  ARG A CB  1 
ATOM   580  C CG  . ARG A 1 73  ? -7.724  -4.109  0.436   1.00 25.62 ? 69  ARG A CG  1 
ATOM   581  C CD  . ARG A 1 73  ? -8.945  -4.673  1.117   1.00 30.03 ? 69  ARG A CD  1 
ATOM   582  N NE  . ARG A 1 73  ? -9.773  -5.437  0.185   1.00 33.25 ? 69  ARG A NE  1 
ATOM   583  C CZ  . ARG A 1 73  ? -9.569  -6.704  -0.160  1.00 35.25 ? 69  ARG A CZ  1 
ATOM   584  N NH1 . ARG A 1 73  ? -8.547  -7.387  0.343   1.00 34.74 ? 69  ARG A NH1 1 
ATOM   585  N NH2 . ARG A 1 73  ? -10.396 -7.283  -1.016  1.00 36.16 ? 69  ARG A NH2 1 
ATOM   586  N N   . PHE A 1 74  ? -4.044  -4.768  0.332   1.00 17.85 ? 70  PHE A N   1 
ATOM   587  C CA  . PHE A 1 74  ? -3.428  -5.759  -0.575  1.00 16.78 ? 70  PHE A CA  1 
ATOM   588  C C   . PHE A 1 74  ? -4.524  -6.714  -1.048  1.00 17.51 ? 70  PHE A C   1 
ATOM   589  O O   . PHE A 1 74  ? -5.233  -7.203  -0.179  1.00 15.92 ? 70  PHE A O   1 
ATOM   590  C CB  . PHE A 1 74  ? -2.320  -6.513  0.143   1.00 16.46 ? 70  PHE A CB  1 
ATOM   591  C CG  . PHE A 1 74  ? -1.033  -5.751  0.179   1.00 15.97 ? 70  PHE A CG  1 
ATOM   592  C CD1 . PHE A 1 74  ? -0.842  -4.730  1.086   1.00 14.91 ? 70  PHE A CD1 1 
ATOM   593  C CD2 . PHE A 1 74  ? -0.031  -6.029  -0.728  1.00 16.09 ? 70  PHE A CD2 1 
ATOM   594  C CE1 . PHE A 1 74  ? 0.349   -4.034  1.123   1.00 16.08 ? 70  PHE A CE1 1 
ATOM   595  C CE2 . PHE A 1 74  ? 1.154   -5.317  -0.701  1.00 15.95 ? 70  PHE A CE2 1 
ATOM   596  C CZ  . PHE A 1 74  ? 1.346   -4.324  0.227   1.00 15.10 ? 70  PHE A CZ  1 
ATOM   597  N N   . LEU A 1 75  ? -4.662  -6.913  -2.362  1.00 18.03 ? 71  LEU A N   1 
ATOM   598  C CA  . LEU A 1 75  ? -5.424  -8.051  -2.939  1.00 18.72 ? 71  LEU A CA  1 
ATOM   599  C C   . LEU A 1 75  ? -4.494  -9.272  -2.958  1.00 19.71 ? 71  LEU A C   1 
ATOM   600  O O   . LEU A 1 75  ? -4.970  -10.406 -2.711  1.00 19.68 ? 71  LEU A O   1 
ATOM   601  C CB  . LEU A 1 75  ? -5.918  -7.698  -4.346  1.00 20.12 ? 71  LEU A CB  1 
ATOM   602  C CG  . LEU A 1 75  ? -6.892  -6.522  -4.425  1.00 22.12 ? 71  LEU A CG  1 
ATOM   603  C CD1 . LEU A 1 75  ? -7.194  -6.157  -5.864  1.00 23.50 ? 71  LEU A CD1 1 
ATOM   604  C CD2 . LEU A 1 75  ? -8.188  -6.808  -3.679  1.00 22.87 ? 71  LEU A CD2 1 
ATOM   605  N N   . THR A 1 76  ? -3.207  -9.062  -3.251  1.00 18.79 ? 72  THR A N   1 
ATOM   606  C CA  . THR A 1 76  ? -2.182  -10.145 -3.222  1.00 18.45 ? 72  THR A CA  1 
ATOM   607  C C   . THR A 1 76  ? -1.845  -10.430 -1.763  1.00 17.51 ? 72  THR A C   1 
ATOM   608  O O   . THR A 1 76  ? -1.412  -9.535  -1.044  1.00 16.91 ? 72  THR A O   1 
ATOM   609  C CB  . THR A 1 76  ? -0.937  -9.778  -4.032  1.00 18.27 ? 72  THR A CB  1 
ATOM   610  O OG1 . THR A 1 76  ? -1.401  -9.434  -5.332  1.00 16.93 ? 72  THR A OG1 1 
ATOM   611  C CG2 . THR A 1 76  ? 0.080   -10.898 -4.117  1.00 18.30 ? 72  THR A CG2 1 
ATOM   612  N N   . PRO A 1 77  ? -2.064  -11.668 -1.266  1.00 17.78 ? 73  PRO A N   1 
ATOM   613  C CA  . PRO A 1 77  ? -1.589  -12.044 0.055   1.00 17.84 ? 73  PRO A CA  1 
ATOM   614  C C   . PRO A 1 77  ? -0.092  -11.730 0.200   1.00 17.57 ? 73  PRO A C   1 
ATOM   615  O O   . PRO A 1 77  ? 0.679   -11.932 -0.727  1.00 17.74 ? 73  PRO A O   1 
ATOM   616  C CB  . PRO A 1 77  ? -1.886  -13.550 0.142   1.00 18.24 ? 73  PRO A CB  1 
ATOM   617  C CG  . PRO A 1 77  ? -3.043  -13.756 -0.794  1.00 17.58 ? 73  PRO A CG  1 
ATOM   618  C CD  . PRO A 1 77  ? -2.804  -12.769 -1.917  1.00 18.41 ? 73  PRO A CD  1 
ATOM   619  N N   . ILE A 1 78  ? 0.287   -11.255 1.381   1.00 18.31 ? 74  ILE A N   1 
ATOM   620  C CA  . ILE A 1 78  ? 1.701   -10.926 1.726   1.00 18.14 ? 74  ILE A CA  1 
ATOM   621  C C   . ILE A 1 78  ? 1.887   -11.235 3.210   1.00 18.07 ? 74  ILE A C   1 
ATOM   622  O O   . ILE A 1 78  ? 0.936   -10.980 4.013   1.00 18.26 ? 74  ILE A O   1 
ATOM   623  C CB  . ILE A 1 78  ? 2.037   -9.468  1.329   1.00 17.93 ? 74  ILE A CB  1 
ATOM   624  C CG1 . ILE A 1 78  ? 3.532   -9.157  1.505   1.00 17.78 ? 74  ILE A CG1 1 
ATOM   625  C CG2 . ILE A 1 78  ? 1.131   -8.491  2.066   1.00 18.74 ? 74  ILE A CG2 1 
ATOM   626  C CD1 . ILE A 1 78  ? 3.955   -7.784  1.032   1.00 17.18 ? 74  ILE A CD1 1 
ATOM   627  N N   . TYR A 1 79  ? 3.045   -11.804 3.539   1.00 17.61 ? 75  TYR A N   1 
ATOM   628  C CA  . TYR A 1 79  ? 3.470   -12.244 4.885   1.00 17.85 ? 75  TYR A CA  1 
ATOM   629  C C   . TYR A 1 79  ? 4.307   -11.116 5.507   1.00 18.59 ? 75  TYR A C   1 
ATOM   630  O O   . TYR A 1 79  ? 5.443   -10.858 5.057   1.00 19.71 ? 75  TYR A O   1 
ATOM   631  C CB  . TYR A 1 79  ? 4.208   -13.575 4.736   1.00 19.34 ? 75  TYR A CB  1 
ATOM   632  C CG  . TYR A 1 79  ? 4.583   -14.269 6.018   1.00 20.04 ? 75  TYR A CG  1 
ATOM   633  C CD1 . TYR A 1 79  ? 3.722   -15.196 6.588   1.00 22.69 ? 75  TYR A CD1 1 
ATOM   634  C CD2 . TYR A 1 79  ? 5.805   -14.051 6.635   1.00 20.18 ? 75  TYR A CD2 1 
ATOM   635  C CE1 . TYR A 1 79  ? 4.048   -15.870 7.755   1.00 23.04 ? 75  TYR A CE1 1 
ATOM   636  C CE2 . TYR A 1 79  ? 6.150   -14.722 7.800   1.00 22.15 ? 75  TYR A CE2 1 
ATOM   637  C CZ  . TYR A 1 79  ? 5.264   -15.626 8.369   1.00 23.31 ? 75  TYR A CZ  1 
ATOM   638  O OH  . TYR A 1 79  ? 5.556   -16.291 9.531   1.00 25.63 ? 75  TYR A OH  1 
ATOM   639  N N   . HIS A 1 80  ? 3.736   -10.396 6.468   1.00 17.13 ? 76  HIS A N   1 
ATOM   640  C CA  . HIS A 1 80  ? 4.298   -9.100  6.931   1.00 17.59 ? 76  HIS A CA  1 
ATOM   641  C C   . HIS A 1 80  ? 3.728   -8.728  8.290   1.00 16.99 ? 76  HIS A C   1 
ATOM   642  O O   . HIS A 1 80  ? 2.527   -8.857  8.521   1.00 17.12 ? 76  HIS A O   1 
ATOM   643  C CB  . HIS A 1 80  ? 4.057   -8.018  5.868   1.00 17.13 ? 76  HIS A CB  1 
ATOM   644  C CG  . HIS A 1 80  ? 4.820   -6.758  6.090   1.00 18.50 ? 76  HIS A CG  1 
ATOM   645  N ND1 . HIS A 1 80  ? 4.529   -5.894  7.132   1.00 19.12 ? 76  HIS A ND1 1 
ATOM   646  C CD2 . HIS A 1 80  ? 5.850   -6.201  5.416   1.00 18.17 ? 76  HIS A CD2 1 
ATOM   647  C CE1 . HIS A 1 80  ? 5.354   -4.858  7.072   1.00 18.90 ? 76  HIS A CE1 1 
ATOM   648  N NE2 . HIS A 1 80  ? 6.175   -5.034  6.047   1.00 17.10 ? 76  HIS A NE2 1 
ATOM   649  N N   . PRO A 1 81  ? 4.573   -8.210  9.215   1.00 17.51 ? 77  PRO A N   1 
ATOM   650  C CA  . PRO A 1 81  ? 4.120   -7.774  10.537  1.00 17.38 ? 77  PRO A CA  1 
ATOM   651  C C   . PRO A 1 81  ? 2.960   -6.772  10.599  1.00 16.92 ? 77  PRO A C   1 
ATOM   652  O O   . PRO A 1 81  ? 2.243   -6.753  11.604  1.00 17.99 ? 77  PRO A O   1 
ATOM   653  C CB  . PRO A 1 81  ? 5.370   -7.057  11.097  1.00 18.69 ? 77  PRO A CB  1 
ATOM   654  C CG  . PRO A 1 81  ? 6.510   -7.779  10.449  1.00 18.14 ? 77  PRO A CG  1 
ATOM   655  C CD  . PRO A 1 81  ? 6.023   -8.051  9.044   1.00 17.27 ? 77  PRO A CD  1 
ATOM   656  N N   . ASN A 1 82  ? 2.813   -5.941  9.566   1.00 16.70 ? 78  ASN A N   1 
ATOM   657  C CA  . ASN A 1 82  ? 1.927   -4.748  9.555   1.00 17.27 ? 78  ASN A CA  1 
ATOM   658  C C   . ASN A 1 82  ? 0.806   -4.901  8.510   1.00 17.58 ? 78  ASN A C   1 
ATOM   659  O O   . ASN A 1 82  ? 0.072   -3.918  8.264   1.00 16.20 ? 78  ASN A O   1 
ATOM   660  C CB  . ASN A 1 82  ? 2.769   -3.492  9.330   1.00 18.02 ? 78  ASN A CB  1 
ATOM   661  C CG  . ASN A 1 82  ? 3.935   -3.387  10.293  1.00 18.35 ? 78  ASN A CG  1 
ATOM   662  O OD1 . ASN A 1 82  ? 5.093   -3.509  9.890   1.00 20.08 ? 78  ASN A OD1 1 
ATOM   663  N ND2 . ASN A 1 82  ? 3.650   -3.158  11.565  1.00 18.55 ? 78  ASN A ND2 1 
ATOM   664  N N   . ILE A 1 83  ? 0.702   -6.066  7.870   1.00 16.85 ? 79  ILE A N   1 
ATOM   665  C CA  . ILE A 1 83  ? -0.345  -6.341  6.853   1.00 17.43 ? 79  ILE A CA  1 
ATOM   666  C C   . ILE A 1 83  ? -0.994  -7.652  7.271   1.00 19.05 ? 79  ILE A C   1 
ATOM   667  O O   . ILE A 1 83  ? -0.249  -8.579  7.573   1.00 19.82 ? 79  ILE A O   1 
ATOM   668  C CB  . ILE A 1 83  ? 0.231   -6.404  5.435   1.00 17.31 ? 79  ILE A CB  1 
ATOM   669  C CG1 . ILE A 1 83  ? 1.132   -5.196  5.129   1.00 17.32 ? 79  ILE A CG1 1 
ATOM   670  C CG2 . ILE A 1 83  ? -0.895  -6.535  4.432   1.00 17.36 ? 79  ILE A CG2 1 
ATOM   671  C CD1 . ILE A 1 83  ? 2.060   -5.396  3.964   1.00 16.78 ? 79  ILE A CD1 1 
ATOM   672  N N   . ASP A 1 84  ? -2.319  -7.688  7.347   1.00 19.21 ? 80  ASP A N   1 
ATOM   673  C CA  . ASP A 1 84  ? -3.039  -8.849  7.904   1.00 20.32 ? 80  ASP A CA  1 
ATOM   674  C C   . ASP A 1 84  ? -3.492  -9.739  6.744   1.00 21.05 ? 80  ASP A C   1 
ATOM   675  O O   . ASP A 1 84  ? -3.249  -9.389  5.577   1.00 19.83 ? 80  ASP A O   1 
ATOM   676  C CB  . ASP A 1 84  ? -4.121  -8.387  8.883   1.00 20.48 ? 80  ASP A CB  1 
ATOM   677  C CG  . ASP A 1 84  ? -5.417  -7.890  8.269   1.00 21.81 ? 80  ASP A CG  1 
ATOM   678  O OD1 . ASP A 1 84  ? -5.597  -8.040  7.040   1.00 18.84 ? 80  ASP A OD1 1 
ATOM   679  O OD2 . ASP A 1 84  ? -6.235  -7.346  9.050   1.00 23.04 ? 80  ASP A OD2 1 
ATOM   680  N N   . SER A 1 85  ? -4.102  -10.879 7.053   1.00 22.56 ? 81  SER A N   1 
ATOM   681  C CA  . SER A 1 85  ? -4.437  -11.906 6.032   1.00 25.46 ? 81  SER A CA  1 
ATOM   682  C C   . SER A 1 85  ? -5.629  -11.434 5.187   1.00 24.06 ? 81  SER A C   1 
ATOM   683  O O   . SER A 1 85  ? -5.917  -12.075 4.163   1.00 26.61 ? 81  SER A O   1 
ATOM   684  C CB  . SER A 1 85  ? -4.681  -13.265 6.684   1.00 27.29 ? 81  SER A CB  1 
ATOM   685  O OG  . SER A 1 85  ? -6.036  -13.381 7.088   1.00 33.83 ? 81  SER A OG  1 
ATOM   686  N N   . ALA A 1 86  ? -6.333  -10.389 5.613   1.00 20.97 ? 82  ALA A N   1 
ATOM   687  C CA  . ALA A 1 86  ? -7.398  -9.739  4.813   1.00 21.29 ? 82  ALA A CA  1 
ATOM   688  C C   . ALA A 1 86  ? -6.786  -8.655  3.908   1.00 21.26 ? 82  ALA A C   1 
ATOM   689  O O   . ALA A 1 86  ? -7.539  -8.077  3.108   1.00 27.14 ? 82  ALA A O   1 
ATOM   690  C CB  . ALA A 1 86  ? -8.475  -9.201  5.717   1.00 20.68 ? 82  ALA A CB  1 
ATOM   691  N N   . GLY A 1 87  ? -5.471  -8.431  3.990   1.00 20.02 ? 83  GLY A N   1 
ATOM   692  C CA  . GLY A 1 87  ? -4.743  -7.398  3.228   1.00 19.97 ? 83  GLY A CA  1 
ATOM   693  C C   . GLY A 1 87  ? -4.806  -6.011  3.860   1.00 19.74 ? 83  GLY A C   1 
ATOM   694  O O   . GLY A 1 87  ? -4.317  -5.082  3.248   1.00 19.90 ? 83  GLY A O   1 
ATOM   695  N N   . ARG A 1 88  ? -5.328  -5.856  5.075   1.00 19.65 ? 84  ARG A N   1 
ATOM   696  C CA  . ARG A 1 88  ? -5.425  -4.524  5.711   1.00 20.90 ? 84  ARG A CA  1 
ATOM   697  C C   . ARG A 1 88  ? -4.011  -4.106  6.133   1.00 19.40 ? 84  ARG A C   1 
ATOM   698  O O   . ARG A 1 88  ? -3.222  -4.975  6.569   1.00 18.04 ? 84  ARG A O   1 
ATOM   699  C CB  . ARG A 1 88  ? -6.472  -4.543  6.832   1.00 23.69 ? 84  ARG A CB  1 
ATOM   700  C CG  . ARG A 1 88  ? -7.838  -5.012  6.339   1.00 27.55 ? 84  ARG A CG  1 
ATOM   701  C CD  . ARG A 1 88  ? -8.835  -5.281  7.451   1.00 30.88 ? 84  ARG A CD  1 
ATOM   702  N NE  . ARG A 1 88  ? -8.672  -4.310  8.522   1.00 36.14 ? 84  ARG A NE  1 
ATOM   703  C CZ  . ARG A 1 88  ? -8.360  -4.576  9.792   1.00 39.16 ? 84  ARG A CZ  1 
ATOM   704  N NH1 . ARG A 1 88  ? -8.199  -5.816  10.221  1.00 38.61 ? 84  ARG A NH1 1 
ATOM   705  N NH2 . ARG A 1 88  ? -8.219  -3.569  10.640  1.00 43.93 ? 84  ARG A NH2 1 
ATOM   706  N N   . ILE A 1 89  ? -3.689  -2.833  5.914   1.00 18.29 ? 85  ILE A N   1 
ATOM   707  C CA  . ILE A 1 89  ? -2.331  -2.259  6.136   1.00 17.97 ? 85  ILE A CA  1 
ATOM   708  C C   . ILE A 1 89  ? -2.355  -1.353  7.377   1.00 17.81 ? 85  ILE A C   1 
ATOM   709  O O   . ILE A 1 89  ? -3.106  -0.390  7.371   1.00 16.86 ? 85  ILE A O   1 
ATOM   710  C CB  . ILE A 1 89  ? -1.878  -1.457  4.904   1.00 17.15 ? 85  ILE A CB  1 
ATOM   711  C CG1 . ILE A 1 89  ? -1.951  -2.268  3.609   1.00 16.11 ? 85  ILE A CG1 1 
ATOM   712  C CG2 . ILE A 1 89  ? -0.483  -0.904  5.141   1.00 17.44 ? 85  ILE A CG2 1 
ATOM   713  C CD1 . ILE A 1 89  ? -1.807  -1.407  2.369   1.00 15.77 ? 85  ILE A CD1 1 
ATOM   714  N N   . CYS A 1 90  ? -1.487  -1.617  8.359   1.00 20.27 ? 86  CYS A N   1 
ATOM   715  C CA  . CYS A 1 90  ? -1.224  -0.726  9.514   1.00 21.56 ? 86  CYS A CA  1 
ATOM   716  C C   . CYS A 1 90  ? -0.088  0.234   9.157   1.00 20.56 ? 86  CYS A C   1 
ATOM   717  O O   . CYS A 1 90  ? 1.093   -0.188  9.166   1.00 20.51 ? 86  CYS A O   1 
ATOM   718  C CB  . CYS A 1 90  ? -0.889  -1.508  10.775  1.00 22.93 ? 86  CYS A CB  1 
ATOM   719  S SG  . CYS A 1 90  ? -0.798  -0.412  12.213  1.00 29.54 ? 86  CYS A SG  1 
ATOM   720  N N   . LEU A 1 91  ? -0.441  1.475   8.825   1.00 20.30 ? 87  LEU A N   1 
ATOM   721  C CA  . LEU A 1 91  ? 0.519   2.487   8.329   1.00 20.93 ? 87  LEU A CA  1 
ATOM   722  C C   . LEU A 1 91  ? 0.023   3.893   8.676   1.00 21.02 ? 87  LEU A C   1 
ATOM   723  O O   . LEU A 1 91  ? -1.167  4.203   8.431   1.00 18.57 ? 87  LEU A O   1 
ATOM   724  C CB  . LEU A 1 91  ? 0.708   2.299   6.822   1.00 20.98 ? 87  LEU A CB  1 
ATOM   725  C CG  . LEU A 1 91  ? 1.656   3.283   6.149   1.00 21.78 ? 87  LEU A CG  1 
ATOM   726  C CD1 . LEU A 1 91  ? 3.075   3.154   6.704   1.00 22.09 ? 87  LEU A CD1 1 
ATOM   727  C CD2 . LEU A 1 91  ? 1.633   3.080   4.645   1.00 22.36 ? 87  LEU A CD2 1 
ATOM   728  N N   . ASP A 1 92  ? 0.923   4.708   9.234   1.00 22.25 ? 88  ASP A N   1 
ATOM   729  C CA  . ASP A 1 92  ? 0.598   6.047   9.793   1.00 24.36 ? 88  ASP A CA  1 
ATOM   730  C C   . ASP A 1 92  ? -0.114  6.890   8.722   1.00 22.33 ? 88  ASP A C   1 
ATOM   731  O O   . ASP A 1 92  ? -1.163  7.468   9.059   1.00 20.21 ? 88  ASP A O   1 
ATOM   732  C CB  . ASP A 1 92  ? 1.833   6.734   10.389  1.00 26.74 ? 88  ASP A CB  1 
ATOM   733  C CG  . ASP A 1 92  ? 3.009   6.865   9.444   1.00 30.62 ? 88  ASP A CG  1 
ATOM   734  O OD1 . ASP A 1 92  ? 2.932   6.327   8.316   1.00 29.82 ? 88  ASP A OD1 1 
ATOM   735  O OD2 . ASP A 1 92  ? 4.013   7.500   9.853   1.00 37.44 ? 88  ASP A OD2 1 
ATOM   736  N N   . VAL A 1 93  ? 0.394   6.928   7.482   1.00 20.78 ? 89  VAL A N   1 
ATOM   737  C CA  . VAL A 1 93  ? -0.133  7.852   6.428   1.00 20.47 ? 89  VAL A CA  1 
ATOM   738  C C   . VAL A 1 93  ? -1.529  7.407   5.968   1.00 19.85 ? 89  VAL A C   1 
ATOM   739  O O   . VAL A 1 93  ? -2.173  8.212   5.299   1.00 19.25 ? 89  VAL A O   1 
ATOM   740  C CB  . VAL A 1 93  ? 0.826   8.052   5.240   1.00 21.11 ? 89  VAL A CB  1 
ATOM   741  C CG1 . VAL A 1 93  ? 2.038   8.885   5.638   1.00 21.68 ? 89  VAL A CG1 1 
ATOM   742  C CG2 . VAL A 1 93  ? 1.264   6.734   4.606   1.00 21.12 ? 89  VAL A CG2 1 
ATOM   743  N N   . LEU A 1 94  ? -2.025  6.220   6.348   1.00 19.64 ? 90  LEU A N   1 
ATOM   744  C CA  . LEU A 1 94  ? -3.394  5.771   5.959   1.00 19.68 ? 90  LEU A CA  1 
ATOM   745  C C   . LEU A 1 94  ? -4.400  6.084   7.067   1.00 21.71 ? 90  LEU A C   1 
ATOM   746  O O   . LEU A 1 94  ? -5.565  5.678   6.917   1.00 20.62 ? 90  LEU A O   1 
ATOM   747  C CB  . LEU A 1 94  ? -3.394  4.270   5.660   1.00 19.69 ? 90  LEU A CB  1 
ATOM   748  C CG  . LEU A 1 94  ? -2.536  3.825   4.475   1.00 20.04 ? 90  LEU A CG  1 
ATOM   749  C CD1 . LEU A 1 94  ? -2.703  2.326   4.233   1.00 20.84 ? 90  LEU A CD1 1 
ATOM   750  C CD2 . LEU A 1 94  ? -2.875  4.603   3.217   1.00 20.25 ? 90  LEU A CD2 1 
ATOM   751  N N   . LYS A 1 95  ? -3.981  6.781   8.131   1.00 23.22 ? 91  LYS A N   1 
ATOM   752  C CA  . LYS A 1 95  ? -4.894  7.167   9.240   1.00 25.75 ? 91  LYS A CA  1 
ATOM   753  C C   . LYS A 1 95  ? -4.758  8.670   9.526   1.00 24.12 ? 91  LYS A C   1 
ATOM   754  O O   . LYS A 1 95  ? -3.639  9.216   9.363   1.00 23.59 ? 91  LYS A O   1 
ATOM   755  C CB  . LYS A 1 95  ? -4.618  6.298   10.472  1.00 29.35 ? 91  LYS A CB  1 
ATOM   756  C CG  . LYS A 1 95  ? -5.693  5.259   10.783  1.00 34.43 ? 91  LYS A CG  1 
ATOM   757  C CD  . LYS A 1 95  ? -5.594  4.637   12.182  1.00 39.30 ? 91  LYS A CD  1 
ATOM   758  C CE  . LYS A 1 95  ? -5.670  5.673   13.292  1.00 42.07 ? 91  LYS A CE  1 
ATOM   759  N NZ  . LYS A 1 95  ? -6.364  5.177   14.506  1.00 42.40 ? 91  LYS A NZ  1 
ATOM   760  N N   . LEU A 1 96  ? -5.870  9.298   9.912   1.00 24.33 ? 92  LEU A N   1 
ATOM   761  C CA  . LEU A 1 96  ? -5.947  10.733  10.287  1.00 26.42 ? 92  LEU A CA  1 
ATOM   762  C C   . LEU A 1 96  ? -5.158  10.972  11.566  1.00 27.06 ? 92  LEU A C   1 
ATOM   763  O O   . LEU A 1 96  ? -5.059  10.100  12.421  1.00 25.69 ? 92  LEU A O   1 
ATOM   764  C CB  . LEU A 1 96  ? -7.406  11.155  10.497  1.00 27.81 ? 92  LEU A CB  1 
ATOM   765  C CG  . LEU A 1 96  ? -8.237  11.354  9.233   1.00 29.17 ? 92  LEU A CG  1 
ATOM   766  C CD1 . LEU A 1 96  ? -9.708  11.532  9.584   1.00 30.27 ? 92  LEU A CD1 1 
ATOM   767  C CD2 . LEU A 1 96  ? -7.717  12.529  8.415   1.00 28.25 ? 92  LEU A CD2 1 
ATOM   768  N N   . PRO A 1 97  ? -4.598  12.184  11.751  1.00 31.55 ? 93  PRO A N   1 
ATOM   769  C CA  . PRO A 1 97  ? -4.119  12.614  13.067  1.00 33.44 ? 93  PRO A CA  1 
ATOM   770  C C   . PRO A 1 97  ? -5.277  12.576  14.069  1.00 34.75 ? 93  PRO A C   1 
ATOM   771  O O   . PRO A 1 97  ? -6.445  12.575  13.675  1.00 32.18 ? 93  PRO A O   1 
ATOM   772  C CB  . PRO A 1 97  ? -3.596  14.039  12.826  1.00 32.94 ? 93  PRO A CB  1 
ATOM   773  C CG  . PRO A 1 97  ? -3.361  14.103  11.330  1.00 31.77 ? 93  PRO A CG  1 
ATOM   774  C CD  . PRO A 1 97  ? -4.440  13.225  10.728  1.00 31.45 ? 93  PRO A CD  1 
ATOM   775  N N   . PRO A 1 98  ? -5.012  12.538  15.395  1.00 38.54 ? 94  PRO A N   1 
ATOM   776  C CA  . PRO A 1 98  ? -3.654  12.613  15.937  1.00 38.30 ? 94  PRO A CA  1 
ATOM   777  C C   . PRO A 1 98  ? -2.884  11.286  15.896  1.00 39.79 ? 94  PRO A C   1 
ATOM   778  O O   . PRO A 1 98  ? -1.672  11.309  15.976  1.00 40.24 ? 94  PRO A O   1 
ATOM   779  C CB  . PRO A 1 98  ? -3.932  13.010  17.392  1.00 39.61 ? 94  PRO A CB  1 
ATOM   780  C CG  . PRO A 1 98  ? -5.216  12.280  17.702  1.00 39.83 ? 94  PRO A CG  1 
ATOM   781  C CD  . PRO A 1 98  ? -6.040  12.458  16.446  1.00 39.63 ? 94  PRO A CD  1 
ATOM   782  N N   . LYS A 1 99  ? -3.607  10.172  15.795  1.00 38.39 ? 95  LYS A N   1 
ATOM   783  C CA  . LYS A 1 99  ? -3.029  8.803   15.778  1.00 39.19 ? 95  LYS A CA  1 
ATOM   784  C C   . LYS A 1 99  ? -2.162  8.632   14.527  1.00 38.76 ? 95  LYS A C   1 
ATOM   785  O O   . LYS A 1 99  ? -1.045  8.103   14.644  1.00 39.14 ? 95  LYS A O   1 
ATOM   786  C CB  . LYS A 1 99  ? -4.141  7.751   15.768  1.00 42.16 ? 95  LYS A CB  1 
ATOM   787  C CG  . LYS A 1 99  ? -4.025  6.680   16.841  1.00 48.05 ? 95  LYS A CG  1 
ATOM   788  C CD  . LYS A 1 99  ? -4.254  7.211   18.250  1.00 50.72 ? 95  LYS A CD  1 
ATOM   789  C CE  . LYS A 1 99  ? -5.197  6.354   19.071  1.00 52.07 ? 95  LYS A CE  1 
ATOM   790  N NZ  . LYS A 1 99  ? -6.570  6.357   18.512  1.00 54.97 ? 95  LYS A NZ  1 
ATOM   791  N N   . GLY A 1 100 ? -2.681  9.039   13.367  1.00 34.17 ? 96  GLY A N   1 
ATOM   792  C CA  . GLY A 1 100 ? -2.032  8.814   12.069  1.00 31.79 ? 96  GLY A CA  1 
ATOM   793  C C   . GLY A 1 100 ? -1.376  10.083  11.575  1.00 30.47 ? 96  GLY A C   1 
ATOM   794  O O   . GLY A 1 100 ? -1.272  11.035  12.370  1.00 30.72 ? 96  GLY A O   1 
ATOM   795  N N   . ALA A 1 101 ? -0.965  10.089  10.309  1.00 27.22 ? 97  ALA A N   1 
ATOM   796  C CA  . ALA A 1 101 ? -0.196  11.182  9.675   1.00 26.90 ? 97  ALA A CA  1 
ATOM   797  C C   . ALA A 1 101 ? -0.754  11.499  8.281   1.00 25.36 ? 97  ALA A C   1 
ATOM   798  O O   . ALA A 1 101 ? -0.055  12.191  7.525   1.00 25.71 ? 97  ALA A O   1 
ATOM   799  C CB  . ALA A 1 101 ? 1.258   10.796  9.622   1.00 27.53 ? 97  ALA A CB  1 
ATOM   800  N N   . TRP A 1 102 ? -1.969  11.046  7.937   1.00 24.89 ? 98  TRP A N   1 
ATOM   801  C CA  . TRP A 1 102 ? -2.598  11.488  6.666   1.00 24.26 ? 98  TRP A CA  1 
ATOM   802  C C   . TRP A 1 102 ? -2.697  13.017  6.701   1.00 26.60 ? 98  TRP A C   1 
ATOM   803  O O   . TRP A 1 102 ? -3.070  13.575  7.750   1.00 27.59 ? 98  TRP A O   1 
ATOM   804  C CB  . TRP A 1 102 ? -3.968  10.861  6.368   1.00 23.31 ? 98  TRP A CB  1 
ATOM   805  C CG  . TRP A 1 102 ? -4.575  11.521  5.169   1.00 20.49 ? 98  TRP A CG  1 
ATOM   806  C CD1 . TRP A 1 102 ? -5.528  12.498  5.172   1.00 20.62 ? 98  TRP A CD1 1 
ATOM   807  C CD2 . TRP A 1 102 ? -4.148  11.375  3.802   1.00 19.66 ? 98  TRP A CD2 1 
ATOM   808  N NE1 . TRP A 1 102 ? -5.772  12.921  3.891   1.00 20.09 ? 98  TRP A NE1 1 
ATOM   809  C CE2 . TRP A 1 102 ? -4.926  12.267  3.032   1.00 19.38 ? 98  TRP A CE2 1 
ATOM   810  C CE3 . TRP A 1 102 ? -3.200  10.576  3.148   1.00 18.58 ? 98  TRP A CE3 1 
ATOM   811  C CZ2 . TRP A 1 102 ? -4.775  12.376  1.649   1.00 19.81 ? 98  TRP A CZ2 1 
ATOM   812  C CZ3 . TRP A 1 102 ? -3.049  10.688  1.781   1.00 18.61 ? 98  TRP A CZ3 1 
ATOM   813  C CH2 . TRP A 1 102 ? -3.828  11.575  1.042   1.00 19.77 ? 98  TRP A CH2 1 
ATOM   814  N N   . ARG A 1 103 ? -2.354  13.667  5.596   1.00 27.54 ? 99  ARG A N   1 
ATOM   815  C CA  . ARG A 1 103 ? -2.589  15.118  5.406   1.00 28.13 ? 99  ARG A CA  1 
ATOM   816  C C   . ARG A 1 103 ? -2.817  15.364  3.917   1.00 25.49 ? 99  ARG A C   1 
ATOM   817  O O   . ARG A 1 103 ? -2.330  14.611  3.078   1.00 22.06 ? 99  ARG A O   1 
ATOM   818  C CB  . ARG A 1 103 ? -1.441  15.924  6.029   1.00 29.65 ? 99  ARG A CB  1 
ATOM   819  C CG  . ARG A 1 103 ? -0.054  15.449  5.631   1.00 31.03 ? 99  ARG A CG  1 
ATOM   820  C CD  . ARG A 1 103 ? 1.038   16.434  6.028   1.00 35.63 ? 99  ARG A CD  1 
ATOM   821  N NE  . ARG A 1 103 ? 2.162   16.400  5.094   1.00 37.38 ? 99  ARG A NE  1 
ATOM   822  C CZ  . ARG A 1 103 ? 3.083   15.439  5.036   1.00 37.03 ? 99  ARG A CZ  1 
ATOM   823  N NH1 . ARG A 1 103 ? 3.027   14.412  5.867   1.00 39.98 ? 99  ARG A NH1 1 
ATOM   824  N NH2 . ARG A 1 103 ? 4.058   15.501  4.138   1.00 36.84 ? 99  ARG A NH2 1 
ATOM   825  N N   . PRO A 1 104 ? -3.579  16.421  3.570   1.00 25.61 ? 100 PRO A N   1 
ATOM   826  C CA  . PRO A 1 104 ? -4.042  16.628  2.199   1.00 26.31 ? 100 PRO A CA  1 
ATOM   827  C C   . PRO A 1 104 ? -2.913  16.913  1.202   1.00 26.63 ? 100 PRO A C   1 
ATOM   828  O O   . PRO A 1 104 ? -3.148  16.726  0.018   1.00 26.63 ? 100 PRO A O   1 
ATOM   829  C CB  . PRO A 1 104 ? -5.015  17.813  2.259   1.00 25.93 ? 100 PRO A CB  1 
ATOM   830  C CG  . PRO A 1 104 ? -4.871  18.410  3.659   1.00 26.84 ? 100 PRO A CG  1 
ATOM   831  C CD  . PRO A 1 104 ? -4.111  17.415  4.515   1.00 26.05 ? 100 PRO A CD  1 
ATOM   832  N N   . SER A 1 105 ? -1.731  17.312  1.685   1.00 25.63 ? 101 SER A N   1 
ATOM   833  C CA  . SER A 1 105 ? -0.514  17.531  0.862   1.00 25.33 ? 101 SER A CA  1 
ATOM   834  C C   . SER A 1 105 ? 0.110   16.187  0.453   1.00 24.50 ? 101 SER A C   1 
ATOM   835  O O   . SER A 1 105 ? 0.949   16.189  -0.458  1.00 24.49 ? 101 SER A O   1 
ATOM   836  C CB  . SER A 1 105 ? 0.491   18.420  1.570   1.00 26.56 ? 101 SER A CB  1 
ATOM   837  O OG  . SER A 1 105 ? 0.730   17.973  2.892   1.00 28.40 ? 101 SER A OG  1 
ATOM   838  N N   . LEU A 1 106 ? -0.276  15.069  1.071   1.00 22.73 ? 102 LEU A N   1 
ATOM   839  C CA  . LEU A 1 106 ? 0.124   13.725  0.570   1.00 23.44 ? 102 LEU A CA  1 
ATOM   840  C C   . LEU A 1 106 ? -0.754  13.398  -0.641  1.00 22.56 ? 102 LEU A C   1 
ATOM   841  O O   . LEU A 1 106 ? -1.649  14.194  -0.953  1.00 23.44 ? 102 LEU A O   1 
ATOM   842  C CB  . LEU A 1 106 ? -0.013  12.676  1.685   1.00 22.82 ? 102 LEU A CB  1 
ATOM   843  C CG  . LEU A 1 106 ? 0.868   12.904  2.919   1.00 23.47 ? 102 LEU A CG  1 
ATOM   844  C CD1 . LEU A 1 106 ? 0.762   11.746  3.902   1.00 23.75 ? 102 LEU A CD1 1 
ATOM   845  C CD2 . LEU A 1 106 ? 2.324   13.125  2.523   1.00 24.51 ? 102 LEU A CD2 1 
ATOM   846  N N   . ASN A 1 107 ? -0.525  12.267  -1.289  1.00 21.73 ? 103 ASN A N   1 
ATOM   847  C CA  . ASN A 1 107 ? -1.313  11.867  -2.480  1.00 22.04 ? 103 ASN A CA  1 
ATOM   848  C C   . ASN A 1 107 ? -1.180  10.356  -2.657  1.00 19.82 ? 103 ASN A C   1 
ATOM   849  O O   . ASN A 1 107 ? -0.398  9.723   -1.909  1.00 17.84 ? 103 ASN A O   1 
ATOM   850  C CB  . ASN A 1 107 ? -0.896  12.676  -3.710  1.00 23.47 ? 103 ASN A CB  1 
ATOM   851  C CG  . ASN A 1 107 ? 0.576   12.555  -4.032  1.00 25.84 ? 103 ASN A CG  1 
ATOM   852  O OD1 . ASN A 1 107 ? 1.160   11.486  -3.897  1.00 25.12 ? 103 ASN A OD1 1 
ATOM   853  N ND2 . ASN A 1 107 ? 1.181   13.645  -4.475  1.00 28.14 ? 103 ASN A ND2 1 
ATOM   854  N N   . ILE A 1 108 ? -1.878  9.804   -3.639  1.00 18.56 ? 104 ILE A N   1 
ATOM   855  C CA  . ILE A 1 108 ? -1.891  8.327   -3.879  1.00 19.14 ? 104 ILE A CA  1 
ATOM   856  C C   . ILE A 1 108 ? -0.455  7.832   -4.104  1.00 18.31 ? 104 ILE A C   1 
ATOM   857  O O   . ILE A 1 108 ? -0.040  6.869   -3.430  1.00 16.04 ? 104 ILE A O   1 
ATOM   858  C CB  . ILE A 1 108 ? -2.830  8.008   -5.053  1.00 19.40 ? 104 ILE A CB  1 
ATOM   859  C CG1 . ILE A 1 108 ? -4.271  8.342   -4.656  1.00 20.11 ? 104 ILE A CG1 1 
ATOM   860  C CG2 . ILE A 1 108 ? -2.662  6.569   -5.499  1.00 19.39 ? 104 ILE A CG2 1 
ATOM   861  C CD1 . ILE A 1 108 ? -5.176  8.668   -5.809  1.00 21.25 ? 104 ILE A CD1 1 
ATOM   862  N N   . ALA A 1 109 ? 0.289   8.468   -5.008  1.00 18.45 ? 105 ALA A N   1 
ATOM   863  C CA  . ALA A 1 109 ? 1.676   8.085   -5.349  1.00 17.37 ? 105 ALA A CA  1 
ATOM   864  C C   . ALA A 1 109 ? 2.515   7.961   -4.071  1.00 17.22 ? 105 ALA A C   1 
ATOM   865  O O   . ALA A 1 109 ? 3.195   6.933   -3.928  1.00 16.93 ? 105 ALA A O   1 
ATOM   866  C CB  . ALA A 1 109 ? 2.284   9.088   -6.314  1.00 17.83 ? 105 ALA A CB  1 
ATOM   867  N N   . THR A 1 110 ? 2.488   8.972   -3.196  1.00 17.99 ? 106 THR A N   1 
ATOM   868  C CA  . THR A 1 110 ? 3.342   9.042   -1.983  1.00 19.67 ? 106 THR A CA  1 
ATOM   869  C C   . THR A 1 110 ? 2.899   7.985   -0.955  1.00 18.36 ? 106 THR A C   1 
ATOM   870  O O   . THR A 1 110 ? 3.770   7.382   -0.334  1.00 17.26 ? 106 THR A O   1 
ATOM   871  C CB  . THR A 1 110 ? 3.376   10.455  -1.384  1.00 23.18 ? 106 THR A CB  1 
ATOM   872  O OG1 . THR A 1 110 ? 2.080   10.798  -0.889  1.00 30.17 ? 106 THR A OG1 1 
ATOM   873  C CG2 . THR A 1 110 ? 3.819   11.508  -2.376  1.00 23.76 ? 106 THR A CG2 1 
ATOM   874  N N   . VAL A 1 111 ? 1.601   7.724   -0.786  1.00 18.21 ? 107 VAL A N   1 
ATOM   875  C CA  . VAL A 1 111 ? 1.157   6.661   0.164   1.00 18.42 ? 107 VAL A CA  1 
ATOM   876  C C   . VAL A 1 111 ? 1.496   5.273   -0.394  1.00 17.44 ? 107 VAL A C   1 
ATOM   877  O O   . VAL A 1 111 ? 1.817   4.394   0.425   1.00 17.62 ? 107 VAL A O   1 
ATOM   878  C CB  . VAL A 1 111 ? -0.321  6.775   0.587   1.00 20.08 ? 107 VAL A CB  1 
ATOM   879  C CG1 . VAL A 1 111 ? -0.576  8.067   1.349   1.00 20.71 ? 107 VAL A CG1 1 
ATOM   880  C CG2 . VAL A 1 111 ? -1.276  6.635   -0.564  1.00 20.25 ? 107 VAL A CG2 1 
ATOM   881  N N   . LEU A 1 112 ? 1.388   5.027   -1.707  1.00 16.56 ? 108 LEU A N   1 
ATOM   882  C CA  . LEU A 1 112 ? 1.896   3.757   -2.288  1.00 16.27 ? 108 LEU A CA  1 
ATOM   883  C C   . LEU A 1 112 ? 3.423   3.688   -2.067  1.00 16.59 ? 108 LEU A C   1 
ATOM   884  O O   . LEU A 1 112 ? 3.930   2.591   -1.778  1.00 15.60 ? 108 LEU A O   1 
ATOM   885  C CB  . LEU A 1 112 ? 1.517   3.653   -3.772  1.00 16.17 ? 108 LEU A CB  1 
ATOM   886  C CG  . LEU A 1 112 ? 0.045   3.387   -4.069  1.00 15.51 ? 108 LEU A CG  1 
ATOM   887  C CD1 . LEU A 1 112 ? -0.248  3.581   -5.539  1.00 15.55 ? 108 LEU A CD1 1 
ATOM   888  C CD2 . LEU A 1 112 ? -0.361  1.983   -3.630  1.00 15.16 ? 108 LEU A CD2 1 
ATOM   889  N N   . THR A 1 113 ? 4.153   4.804   -2.169  1.00 18.25 ? 109 THR A N   1 
ATOM   890  C CA  . THR A 1 113 ? 5.618   4.805   -1.879  1.00 18.57 ? 109 THR A CA  1 
ATOM   891  C C   . THR A 1 113 ? 5.819   4.383   -0.423  1.00 18.31 ? 109 THR A C   1 
ATOM   892  O O   . THR A 1 113 ? 6.691   3.527   -0.142  1.00 19.95 ? 109 THR A O   1 
ATOM   893  C CB  . THR A 1 113 ? 6.291   6.141   -2.198  1.00 19.22 ? 109 THR A CB  1 
ATOM   894  O OG1 . THR A 1 113 ? 6.077   6.379   -3.588  1.00 20.79 ? 109 THR A OG1 1 
ATOM   895  C CG2 . THR A 1 113 ? 7.777   6.142   -1.902  1.00 19.51 ? 109 THR A CG2 1 
ATOM   896  N N   . SER A 1 114 ? 5.027   4.938   0.480   1.00 19.78 ? 110 SER A N   1 
ATOM   897  C CA  . SER A 1 114 ? 5.091   4.615   1.926   1.00 19.08 ? 110 SER A CA  1 
ATOM   898  C C   . SER A 1 114 ? 4.803   3.126   2.144   1.00 19.44 ? 110 SER A C   1 
ATOM   899  O O   . SER A 1 114 ? 5.485   2.522   3.015   1.00 20.34 ? 110 SER A O   1 
ATOM   900  C CB  . SER A 1 114 ? 4.180   5.506   2.700   1.00 19.51 ? 110 SER A CB  1 
ATOM   901  O OG  . SER A 1 114 ? 4.662   6.840   2.667   1.00 19.61 ? 110 SER A OG  1 
ATOM   902  N N   . ILE A 1 115 ? 3.889   2.532   1.361   1.00 18.71 ? 111 ILE A N   1 
ATOM   903  C CA  . ILE A 1 115 ? 3.552   1.085   1.502   1.00 18.68 ? 111 ILE A CA  1 
ATOM   904  C C   . ILE A 1 115 ? 4.755   0.260   1.024   1.00 18.09 ? 111 ILE A C   1 
ATOM   905  O O   . ILE A 1 115 ? 5.088   -0.716  1.702   1.00 17.19 ? 111 ILE A O   1 
ATOM   906  C CB  . ILE A 1 115 ? 2.244   0.701   0.789   1.00 17.66 ? 111 ILE A CB  1 
ATOM   907  C CG1 . ILE A 1 115 ? 1.037   1.423   1.394   1.00 17.35 ? 111 ILE A CG1 1 
ATOM   908  C CG2 . ILE A 1 115 ? 2.066   -0.815  0.824   1.00 17.04 ? 111 ILE A CG2 1 
ATOM   909  C CD1 . ILE A 1 115 ? -0.165  1.484   0.480   1.00 17.37 ? 111 ILE A CD1 1 
ATOM   910  N N   . GLN A 1 116 ? 5.379   0.659   -0.089  1.00 19.16 ? 112 GLN A N   1 
ATOM   911  C CA  . GLN A 1 116 ? 6.614   0.043   -0.655  1.00 20.62 ? 112 GLN A CA  1 
ATOM   912  C C   . GLN A 1 116 ? 7.687   0.043   0.439   1.00 20.42 ? 112 GLN A C   1 
ATOM   913  O O   . GLN A 1 116 ? 8.303   -1.003  0.706   1.00 19.73 ? 112 GLN A O   1 
ATOM   914  C CB  . GLN A 1 116 ? 7.053   0.843   -1.891  1.00 22.04 ? 112 GLN A CB  1 
ATOM   915  C CG  . GLN A 1 116 ? 8.357   0.386   -2.561  1.00 23.50 ? 112 GLN A CG  1 
ATOM   916  C CD  . GLN A 1 116 ? 8.650   1.240   -3.775  1.00 24.54 ? 112 GLN A CD  1 
ATOM   917  O OE1 . GLN A 1 116 ? 8.741   2.467   -3.673  1.00 26.30 ? 112 GLN A OE1 1 
ATOM   918  N NE2 . GLN A 1 116 ? 8.676   0.625   -4.956  1.00 24.17 ? 112 GLN A NE2 1 
ATOM   919  N N   . LEU A 1 117 ? 7.896   1.202   1.052   1.00 22.35 ? 113 LEU A N   1 
ATOM   920  C CA  . LEU A 1 117 ? 8.856   1.398   2.164   1.00 22.43 ? 113 LEU A CA  1 
ATOM   921  C C   . LEU A 1 117 ? 8.514   0.473   3.347   1.00 21.02 ? 113 LEU A C   1 
ATOM   922  O O   . LEU A 1 117 ? 9.439   -0.171  3.886   1.00 20.63 ? 113 LEU A O   1 
ATOM   923  C CB  . LEU A 1 117 ? 8.785   2.869   2.560   1.00 24.05 ? 113 LEU A CB  1 
ATOM   924  C CG  . LEU A 1 117 ? 9.896   3.339   3.480   1.00 28.44 ? 113 LEU A CG  1 
ATOM   925  C CD1 . LEU A 1 117 ? 11.237  3.321   2.755   1.00 29.62 ? 113 LEU A CD1 1 
ATOM   926  C CD2 . LEU A 1 117 ? 9.569   4.729   4.004   1.00 31.95 ? 113 LEU A CD2 1 
ATOM   927  N N   . LEU A 1 118 ? 7.240   0.393   3.746   1.00 19.68 ? 114 LEU A N   1 
ATOM   928  C CA  . LEU A 1 118 ? 6.781   -0.507  4.852   1.00 19.81 ? 114 LEU A CA  1 
ATOM   929  C C   . LEU A 1 118 ? 7.187   -1.958  4.551   1.00 19.05 ? 114 LEU A C   1 
ATOM   930  O O   . LEU A 1 118 ? 7.672   -2.654  5.468   1.00 19.47 ? 114 LEU A O   1 
ATOM   931  C CB  . LEU A 1 118 ? 5.261   -0.387  5.010   1.00 20.40 ? 114 LEU A CB  1 
ATOM   932  C CG  . LEU A 1 118 ? 4.644   -1.189  6.153   1.00 19.91 ? 114 LEU A CG  1 
ATOM   933  C CD1 . LEU A 1 118 ? 5.149   -0.688  7.499   1.00 20.47 ? 114 LEU A CD1 1 
ATOM   934  C CD2 . LEU A 1 118 ? 3.126   -1.117  6.101   1.00 20.55 ? 114 LEU A CD2 1 
ATOM   935  N N   . MET A 1 119 ? 7.036   -2.395  3.304   1.00 20.29 ? 115 MET A N   1 
ATOM   936  C CA  . MET A 1 119 ? 7.451   -3.750  2.850   1.00 20.16 ? 115 MET A CA  1 
ATOM   937  C C   . MET A 1 119 ? 8.963   -3.946  3.093   1.00 21.49 ? 115 MET A C   1 
ATOM   938  O O   . MET A 1 119 ? 9.343   -5.020  3.558   1.00 22.49 ? 115 MET A O   1 
ATOM   939  C CB  . MET A 1 119 ? 7.112   -3.964  1.369   1.00 20.10 ? 115 MET A CB  1 
ATOM   940  C CG  . MET A 1 119 ? 5.619   -4.048  1.078   1.00 18.92 ? 115 MET A CG  1 
ATOM   941  S SD  . MET A 1 119 ? 5.224   -3.810  -0.696  1.00 19.62 ? 115 MET A SD  1 
ATOM   942  C CE  . MET A 1 119 ? 5.733   -5.410  -1.338  1.00 18.62 ? 115 MET A CE  1 
ATOM   943  N N   . SER A 1 120 ? 9.799   -2.934  2.859   1.00 22.74 ? 116 SER A N   1 
ATOM   944  C CA  . SER A 1 120 ? 11.270  -3.010  3.083   1.00 23.16 ? 116 SER A CA  1 
ATOM   945  C C   . SER A 1 120 ? 11.618  -2.812  4.552   1.00 21.18 ? 116 SER A C   1 
ATOM   946  O O   . SER A 1 120 ? 12.642  -3.354  4.978   1.00 22.83 ? 116 SER A O   1 
ATOM   947  C CB  . SER A 1 120 ? 12.004  -2.012  2.241   1.00 24.46 ? 116 SER A CB  1 
ATOM   948  O OG  . SER A 1 120 ? 11.978  -2.444  0.901   1.00 27.46 ? 116 SER A OG  1 
ATOM   949  N N   . GLU A 1 121 ? 10.832  -2.016  5.275   1.00 20.28 ? 117 GLU A N   1 
ATOM   950  C CA  . GLU A 1 121 ? 11.165  -1.552  6.645   1.00 21.44 ? 117 GLU A CA  1 
ATOM   951  C C   . GLU A 1 121 ? 9.946   -1.736  7.541   1.00 19.52 ? 117 GLU A C   1 
ATOM   952  O O   . GLU A 1 121 ? 9.258   -0.774  7.864   1.00 20.20 ? 117 GLU A O   1 
ATOM   953  C CB  . GLU A 1 121 ? 11.637  -0.098  6.597   1.00 21.93 ? 117 GLU A CB  1 
ATOM   954  C CG  . GLU A 1 121 ? 12.948  0.076   5.844   1.00 23.98 ? 117 GLU A CG  1 
ATOM   955  C CD  . GLU A 1 121 ? 13.494  1.499   5.810   1.00 25.35 ? 117 GLU A CD  1 
ATOM   956  O OE1 . GLU A 1 121 ? 12.960  2.375   6.540   1.00 25.23 ? 117 GLU A OE1 1 
ATOM   957  O OE2 . GLU A 1 121 ? 14.429  1.732   5.027   1.00 26.46 ? 117 GLU A OE2 1 
ATOM   958  N N   . PRO A 1 122 ? 9.620   -2.978  7.948   1.00 19.18 ? 118 PRO A N   1 
ATOM   959  C CA  . PRO A 1 122 ? 8.466   -3.215  8.807   1.00 19.47 ? 118 PRO A CA  1 
ATOM   960  C C   . PRO A 1 122 ? 8.594   -2.501  10.160  1.00 21.02 ? 118 PRO A C   1 
ATOM   961  O O   . PRO A 1 122 ? 9.715   -2.124  10.545  1.00 21.06 ? 118 PRO A O   1 
ATOM   962  C CB  . PRO A 1 122 ? 8.467   -4.738  9.007   1.00 20.47 ? 118 PRO A CB  1 
ATOM   963  C CG  . PRO A 1 122 ? 9.244   -5.264  7.817   1.00 19.58 ? 118 PRO A CG  1 
ATOM   964  C CD  . PRO A 1 122 ? 10.307  -4.221  7.565   1.00 19.67 ? 118 PRO A CD  1 
ATOM   965  N N   . ASN A 1 123 ? 7.452   -2.342  10.827  1.00 22.85 ? 119 ASN A N   1 
ATOM   966  C CA  . ASN A 1 123 ? 7.288   -1.779  12.192  1.00 24.52 ? 119 ASN A CA  1 
ATOM   967  C C   . ASN A 1 123 ? 6.843   -2.904  13.120  1.00 24.89 ? 119 ASN A C   1 
ATOM   968  O O   . ASN A 1 123 ? 5.692   -2.948  13.543  1.00 25.56 ? 119 ASN A O   1 
ATOM   969  C CB  . ASN A 1 123 ? 6.298   -0.613  12.162  1.00 24.96 ? 119 ASN A CB  1 
ATOM   970  C CG  . ASN A 1 123 ? 6.779   0.469   11.222  1.00 27.39 ? 119 ASN A CG  1 
ATOM   971  O OD1 . ASN A 1 123 ? 7.965   0.795   11.237  1.00 28.81 ? 119 ASN A OD1 1 
ATOM   972  N ND2 . ASN A 1 123 ? 5.891   1.000   10.392  1.00 26.51 ? 119 ASN A ND2 1 
ATOM   973  N N   . PRO A 1 124 ? 7.732   -3.851  13.486  1.00 30.34 ? 120 PRO A N   1 
ATOM   974  C CA  . PRO A 1 124 ? 7.313   -5.022  14.261  1.00 33.60 ? 120 PRO A CA  1 
ATOM   975  C C   . PRO A 1 124 ? 6.856   -4.672  15.687  1.00 39.33 ? 120 PRO A C   1 
ATOM   976  O O   . PRO A 1 124 ? 6.182   -5.484  16.276  1.00 40.02 ? 120 PRO A O   1 
ATOM   977  C CB  . PRO A 1 124 ? 8.560   -5.923  14.251  1.00 33.06 ? 120 PRO A CB  1 
ATOM   978  C CG  . PRO A 1 124 ? 9.727   -4.975  14.050  1.00 30.34 ? 120 PRO A CG  1 
ATOM   979  C CD  . PRO A 1 124 ? 9.179   -3.851  13.205  1.00 31.34 ? 120 PRO A CD  1 
ATOM   980  N N   . ASP A 1 125 ? 7.150   -3.455  16.161  1.00 41.17 ? 121 ASP A N   1 
ATOM   981  C CA  . ASP A 1 125 ? 6.806   -2.972  17.524  1.00 46.24 ? 121 ASP A CA  1 
ATOM   982  C C   . ASP A 1 125 ? 5.315   -2.613  17.572  1.00 47.75 ? 121 ASP A C   1 
ATOM   983  O O   . ASP A 1 125 ? 4.707   -2.780  18.645  1.00 49.28 ? 121 ASP A O   1 
ATOM   984  C CB  . ASP A 1 125 ? 7.694   -1.786  17.910  1.00 50.38 ? 121 ASP A CB  1 
ATOM   985  C CG  . ASP A 1 125 ? 9.015   -1.779  17.159  1.00 53.80 ? 121 ASP A CG  1 
ATOM   986  O OD1 . ASP A 1 125 ? 9.936   -2.499  17.601  1.00 58.84 ? 121 ASP A OD1 1 
ATOM   987  O OD2 . ASP A 1 125 ? 9.084   -1.108  16.095  1.00 52.60 ? 121 ASP A OD2 1 
ATOM   988  N N   . ASP A 1 126 ? 4.752   -2.123  16.464  1.00 48.59 ? 122 ASP A N   1 
ATOM   989  C CA  . ASP A 1 126 ? 3.292   -1.866  16.313  1.00 51.04 ? 122 ASP A CA  1 
ATOM   990  C C   . ASP A 1 126 ? 2.713   -2.907  15.362  1.00 43.66 ? 122 ASP A C   1 
ATOM   991  O O   . ASP A 1 126 ? 2.285   -2.571  14.259  1.00 44.07 ? 122 ASP A O   1 
ATOM   992  C CB  . ASP A 1 126 ? 3.014   -0.448  15.809  1.00 56.16 ? 122 ASP A CB  1 
ATOM   993  C CG  . ASP A 1 126 ? 3.331   0.626   16.832  1.00 63.22 ? 122 ASP A CG  1 
ATOM   994  O OD1 . ASP A 1 126 ? 4.295   0.426   17.603  1.00 67.64 ? 122 ASP A OD1 1 
ATOM   995  O OD2 . ASP A 1 126 ? 2.611   1.651   16.853  1.00 66.69 ? 122 ASP A OD2 1 
ATOM   996  N N   . PRO A 1 127 ? 2.658   -4.195  15.769  1.00 37.54 ? 123 PRO A N   1 
ATOM   997  C CA  . PRO A 1 127 ? 2.305   -5.269  14.849  1.00 34.83 ? 123 PRO A CA  1 
ATOM   998  C C   . PRO A 1 127 ? 0.793   -5.330  14.649  1.00 31.35 ? 123 PRO A C   1 
ATOM   999  O O   . PRO A 1 127 ? 0.090   -5.086  15.592  1.00 31.60 ? 123 PRO A O   1 
ATOM   1000 C CB  . PRO A 1 127 ? 2.788   -6.519  15.585  1.00 36.46 ? 123 PRO A CB  1 
ATOM   1001 C CG  . PRO A 1 127 ? 2.591   -6.181  17.041  1.00 37.09 ? 123 PRO A CG  1 
ATOM   1002 C CD  . PRO A 1 127 ? 2.843   -4.687  17.143  1.00 36.85 ? 123 PRO A CD  1 
ATOM   1003 N N   . LEU A 1 128 ? 0.346   -5.597  13.427  1.00 28.96 ? 124 LEU A N   1 
ATOM   1004 C CA  . LEU A 1 128 ? -1.047  -6.015  13.152  1.00 27.06 ? 124 LEU A CA  1 
ATOM   1005 C C   . LEU A 1 128 ? -1.096  -7.544  13.238  1.00 25.99 ? 124 LEU A C   1 
ATOM   1006 O O   . LEU A 1 128 ? -2.153  -8.075  13.600  1.00 28.71 ? 124 LEU A O   1 
ATOM   1007 C CB  . LEU A 1 128 ? -1.455  -5.483  11.778  1.00 27.19 ? 124 LEU A CB  1 
ATOM   1008 C CG  . LEU A 1 128 ? -2.905  -5.710  11.357  1.00 27.66 ? 124 LEU A CG  1 
ATOM   1009 C CD1 . LEU A 1 128 ? -3.885  -5.130  12.360  1.00 27.89 ? 124 LEU A CD1 1 
ATOM   1010 C CD2 . LEU A 1 128 ? -3.154  -5.108  9.984   1.00 27.89 ? 124 LEU A CD2 1 
ATOM   1011 N N   . MET A 1 129 ? 0.017   -8.212  12.924  1.00 24.47 ? 125 MET A N   1 
ATOM   1012 C CA  . MET A 1 129 ? 0.180   -9.688  12.991  1.00 25.79 ? 125 MET A CA  1 
ATOM   1013 C C   . MET A 1 129 ? 1.233   -10.036 14.059  1.00 26.66 ? 125 MET A C   1 
ATOM   1014 O O   . MET A 1 129 ? 2.442   -10.038 13.749  1.00 23.72 ? 125 MET A O   1 
ATOM   1015 C CB  . MET A 1 129 ? 0.594   -10.250 11.627  1.00 23.70 ? 125 MET A CB  1 
ATOM   1016 C CG  . MET A 1 129 ? -0.407  -9.943  10.527  1.00 25.02 ? 125 MET A CG  1 
ATOM   1017 S SD  . MET A 1 129 ? -1.979  -10.861 10.711  1.00 27.20 ? 125 MET A SD  1 
ATOM   1018 C CE  . MET A 1 129 ? -1.506  -12.470 10.079  1.00 27.26 ? 125 MET A CE  1 
ATOM   1019 N N   . ALA A 1 130 ? 0.778   -10.383 15.269  1.00 28.79 ? 126 ALA A N   1 
ATOM   1020 C CA  . ALA A 1 130 ? 1.622   -10.599 16.471  1.00 29.58 ? 126 ALA A CA  1 
ATOM   1021 C C   . ALA A 1 130 ? 2.676   -11.681 16.187  1.00 27.96 ? 126 ALA A C   1 
ATOM   1022 O O   . ALA A 1 130 ? 3.865   -11.401 16.395  1.00 28.23 ? 126 ALA A O   1 
ATOM   1023 C CB  . ALA A 1 130 ? 0.756   -10.954 17.659  1.00 29.31 ? 126 ALA A CB  1 
ATOM   1024 N N   . ASP A 1 131 ? 2.258   -12.850 15.696  1.00 26.81 ? 127 ASP A N   1 
ATOM   1025 C CA  . ASP A 1 131 ? 3.138   -14.039 15.527  1.00 26.64 ? 127 ASP A CA  1 
ATOM   1026 C C   . ASP A 1 131 ? 4.188   -13.766 14.442  1.00 25.06 ? 127 ASP A C   1 
ATOM   1027 O O   . ASP A 1 131 ? 5.347   -14.147 14.627  1.00 22.08 ? 127 ASP A O   1 
ATOM   1028 C CB  . ASP A 1 131 ? 2.331   -15.296 15.206  1.00 28.25 ? 127 ASP A CB  1 
ATOM   1029 C CG  . ASP A 1 131 ? 1.413   -15.743 16.331  1.00 32.61 ? 127 ASP A CG  1 
ATOM   1030 O OD1 . ASP A 1 131 ? 1.546   -15.217 17.453  1.00 35.07 ? 127 ASP A OD1 1 
ATOM   1031 O OD2 . ASP A 1 131 ? 0.553   -16.601 16.071  1.00 38.11 ? 127 ASP A OD2 1 
ATOM   1032 N N   . ILE A 1 132 ? 3.799   -13.144 13.328  1.00 23.19 ? 128 ILE A N   1 
ATOM   1033 C CA  . ILE A 1 132 ? 4.764   -12.777 12.249  1.00 21.49 ? 128 ILE A CA  1 
ATOM   1034 C C   . ILE A 1 132 ? 5.746   -11.738 12.802  1.00 21.18 ? 128 ILE A C   1 
ATOM   1035 O O   . ILE A 1 132 ? 6.949   -11.833 12.497  1.00 20.53 ? 128 ILE A O   1 
ATOM   1036 C CB  . ILE A 1 132 ? 4.021   -12.268 11.001  1.00 19.81 ? 128 ILE A CB  1 
ATOM   1037 C CG1 . ILE A 1 132 ? 3.106   -13.354 10.420  1.00 18.98 ? 128 ILE A CG1 1 
ATOM   1038 C CG2 . ILE A 1 132 ? 5.015   -11.730 9.973   1.00 19.01 ? 128 ILE A CG2 1 
ATOM   1039 C CD1 . ILE A 1 132 ? 2.315   -12.909 9.214   1.00 18.87 ? 128 ILE A CD1 1 
ATOM   1040 N N   . SER A 1 133 ? 5.239   -10.749 13.541  1.00 22.43 ? 129 SER A N   1 
ATOM   1041 C CA  . SER A 1 133 ? 6.059   -9.684  14.166  1.00 24.09 ? 129 SER A CA  1 
ATOM   1042 C C   . SER A 1 133 ? 7.098   -10.310 15.116  1.00 24.57 ? 129 SER A C   1 
ATOM   1043 O O   . SER A 1 133 ? 8.251   -9.898  15.080  1.00 22.52 ? 129 SER A O   1 
ATOM   1044 C CB  . SER A 1 133 ? 5.189   -8.707  14.866  1.00 26.61 ? 129 SER A CB  1 
ATOM   1045 O OG  . SER A 1 133 ? 5.993   -7.689  15.436  1.00 33.22 ? 129 SER A OG  1 
ATOM   1046 N N   . SER A 1 134 ? 6.710   -11.319 15.906  1.00 24.13 ? 130 SER A N   1 
ATOM   1047 C CA  . SER A 1 134 ? 7.618   -12.023 16.857  1.00 23.15 ? 130 SER A CA  1 
ATOM   1048 C C   . SER A 1 134 ? 8.683   -12.812 16.084  1.00 22.02 ? 130 SER A C   1 
ATOM   1049 O O   . SER A 1 134 ? 9.858   -12.793 16.482  1.00 22.14 ? 130 SER A O   1 
ATOM   1050 C CB  . SER A 1 134 ? 6.836   -12.902 17.805  1.00 23.18 ? 130 SER A CB  1 
ATOM   1051 O OG  . SER A 1 134 ? 6.130   -12.112 18.759  1.00 21.77 ? 130 SER A OG  1 
ATOM   1052 N N   . GLU A 1 135 ? 8.285   -13.480 15.007  1.00 22.86 ? 131 GLU A N   1 
ATOM   1053 C CA  . GLU A 1 135 ? 9.201   -14.229 14.111  1.00 24.19 ? 131 GLU A CA  1 
ATOM   1054 C C   . GLU A 1 135 ? 10.184  -13.232 13.479  1.00 24.31 ? 131 GLU A C   1 
ATOM   1055 O O   . GLU A 1 135 ? 11.396  -13.499 13.500  1.00 22.54 ? 131 GLU A O   1 
ATOM   1056 C CB  . GLU A 1 135 ? 8.372   -15.011 13.099  1.00 25.21 ? 131 GLU A CB  1 
ATOM   1057 C CG  . GLU A 1 135 ? 9.166   -15.942 12.220  1.00 27.00 ? 131 GLU A CG  1 
ATOM   1058 C CD  . GLU A 1 135 ? 8.287   -16.655 11.205  1.00 28.20 ? 131 GLU A CD  1 
ATOM   1059 O OE1 . GLU A 1 135 ? 7.711   -15.965 10.353  1.00 28.07 ? 131 GLU A OE1 1 
ATOM   1060 O OE2 . GLU A 1 135 ? 8.142   -17.890 11.302  1.00 31.00 ? 131 GLU A OE2 1 
ATOM   1061 N N   . PHE A 1 136 ? 9.691   -12.094 12.984  1.00 23.58 ? 132 PHE A N   1 
ATOM   1062 C CA  . PHE A 1 136 ? 10.547  -11.028 12.407  1.00 24.14 ? 132 PHE A CA  1 
ATOM   1063 C C   . PHE A 1 136 ? 11.632  -10.642 13.427  1.00 25.14 ? 132 PHE A C   1 
ATOM   1064 O O   . PHE A 1 136 ? 12.824  -10.611 13.063  1.00 26.07 ? 132 PHE A O   1 
ATOM   1065 C CB  . PHE A 1 136 ? 9.717   -9.816  11.970  1.00 22.66 ? 132 PHE A CB  1 
ATOM   1066 C CG  . PHE A 1 136 ? 10.545  -8.757  11.287  1.00 22.15 ? 132 PHE A CG  1 
ATOM   1067 C CD1 . PHE A 1 136 ? 11.186  -7.774  12.023  1.00 23.63 ? 132 PHE A CD1 1 
ATOM   1068 C CD2 . PHE A 1 136 ? 10.733  -8.774  9.913   1.00 22.21 ? 132 PHE A CD2 1 
ATOM   1069 C CE1 . PHE A 1 136 ? 11.971  -6.814  11.399  1.00 22.29 ? 132 PHE A CE1 1 
ATOM   1070 C CE2 . PHE A 1 136 ? 11.513  -7.813  9.287   1.00 22.52 ? 132 PHE A CE2 1 
ATOM   1071 C CZ  . PHE A 1 136 ? 12.144  -6.841  10.035  1.00 23.34 ? 132 PHE A CZ  1 
ATOM   1072 N N   . LYS A 1 137 ? 11.234  -10.399 14.676  1.00 26.05 ? 133 LYS A N   1 
ATOM   1073 C CA  . LYS A 1 137 ? 12.119  -9.820  15.721  1.00 27.48 ? 133 LYS A CA  1 
ATOM   1074 C C   . LYS A 1 137 ? 13.121  -10.858 16.248  1.00 27.88 ? 133 LYS A C   1 
ATOM   1075 O O   . LYS A 1 137 ? 14.312  -10.488 16.403  1.00 26.06 ? 133 LYS A O   1 
ATOM   1076 C CB  . LYS A 1 137 ? 11.267  -9.227  16.845  1.00 27.65 ? 133 LYS A CB  1 
ATOM   1077 C CG  . LYS A 1 137 ? 10.566  -7.926  16.475  1.00 28.03 ? 133 LYS A CG  1 
ATOM   1078 C CD  . LYS A 1 137 ? 9.606   -7.413  17.526  1.00 28.95 ? 133 LYS A CD  1 
ATOM   1079 C CE  . LYS A 1 137 ? 10.294  -6.955  18.791  1.00 30.81 ? 133 LYS A CE  1 
ATOM   1080 N NZ  . LYS A 1 137 ? 9.298   -6.542  19.809  1.00 33.06 ? 133 LYS A NZ  1 
ATOM   1081 N N   . TYR A 1 138 ? 12.678  -12.094 16.511  1.00 25.62 ? 134 TYR A N   1 
ATOM   1082 C CA  . TYR A 1 138 ? 13.437  -13.086 17.317  1.00 26.67 ? 134 TYR A CA  1 
ATOM   1083 C C   . TYR A 1 138 ? 13.882  -14.302 16.509  1.00 26.97 ? 134 TYR A C   1 
ATOM   1084 O O   . TYR A 1 138 ? 14.707  -15.050 17.039  1.00 28.06 ? 134 TYR A O   1 
ATOM   1085 C CB  . TYR A 1 138 ? 12.588  -13.572 18.489  1.00 26.24 ? 134 TYR A CB  1 
ATOM   1086 C CG  . TYR A 1 138 ? 11.974  -12.446 19.261  1.00 24.90 ? 134 TYR A CG  1 
ATOM   1087 C CD1 . TYR A 1 138 ? 12.748  -11.394 19.722  1.00 24.68 ? 134 TYR A CD1 1 
ATOM   1088 C CD2 . TYR A 1 138 ? 10.612  -12.421 19.502  1.00 25.29 ? 134 TYR A CD2 1 
ATOM   1089 C CE1 . TYR A 1 138 ? 12.181  -10.332 20.404  1.00 25.33 ? 134 TYR A CE1 1 
ATOM   1090 C CE2 . TYR A 1 138 ? 10.031  -11.360 20.169  1.00 26.37 ? 134 TYR A CE2 1 
ATOM   1091 C CZ  . TYR A 1 138 ? 10.818  -10.324 20.634  1.00 26.09 ? 134 TYR A CZ  1 
ATOM   1092 O OH  . TYR A 1 138 ? 10.215  -9.312  21.308  1.00 28.64 ? 134 TYR A OH  1 
ATOM   1093 N N   . ASN A 1 139 ? 13.360  -14.508 15.297  1.00 26.57 ? 135 ASN A N   1 
ATOM   1094 C CA  . ASN A 1 139 ? 13.763  -15.641 14.419  1.00 26.56 ? 135 ASN A CA  1 
ATOM   1095 C C   . ASN A 1 139 ? 13.789  -15.127 12.974  1.00 25.56 ? 135 ASN A C   1 
ATOM   1096 O O   . ASN A 1 139 ? 13.057  -15.649 12.139  1.00 24.10 ? 135 ASN A O   1 
ATOM   1097 C CB  . ASN A 1 139 ? 12.872  -16.868 14.640  1.00 27.03 ? 135 ASN A CB  1 
ATOM   1098 C CG  . ASN A 1 139 ? 13.465  -18.138 14.072  1.00 27.43 ? 135 ASN A CG  1 
ATOM   1099 O OD1 . ASN A 1 139 ? 14.505  -18.105 13.430  1.00 29.69 ? 135 ASN A OD1 1 
ATOM   1100 N ND2 . ASN A 1 139 ? 12.794  -19.260 14.262  1.00 30.17 ? 135 ASN A ND2 1 
ATOM   1101 N N   . LYS A 1 140 ? 14.628  -14.130 12.711  1.00 25.72 ? 136 LYS A N   1 
ATOM   1102 C CA  . LYS A 1 140 ? 14.672  -13.388 11.421  1.00 26.88 ? 136 LYS A CA  1 
ATOM   1103 C C   . LYS A 1 140 ? 14.876  -14.329 10.230  1.00 25.86 ? 136 LYS A C   1 
ATOM   1104 O O   . LYS A 1 140 ? 14.231  -14.142 9.199   1.00 24.35 ? 136 LYS A O   1 
ATOM   1105 C CB  . LYS A 1 140 ? 15.749  -12.305 11.472  1.00 27.95 ? 136 LYS A CB  1 
ATOM   1106 C CG  . LYS A 1 140 ? 15.727  -11.332 10.303  1.00 30.06 ? 136 LYS A CG  1 
ATOM   1107 C CD  . LYS A 1 140 ? 14.419  -10.602 10.128  1.00 31.26 ? 136 LYS A CD  1 
ATOM   1108 C CE  . LYS A 1 140 ? 14.386  -9.784  8.855   1.00 32.16 ? 136 LYS A CE  1 
ATOM   1109 N NZ  . LYS A 1 140 ? 15.332  -8.647  8.918   1.00 33.25 ? 136 LYS A NZ  1 
ATOM   1110 N N   . PRO A 1 141 ? 15.768  -15.350 10.295  1.00 25.18 ? 137 PRO A N   1 
ATOM   1111 C CA  . PRO A 1 141 ? 15.898  -16.309 9.195   1.00 24.19 ? 137 PRO A CA  1 
ATOM   1112 C C   . PRO A 1 141 ? 14.632  -17.118 8.859   1.00 23.92 ? 137 PRO A C   1 
ATOM   1113 O O   . PRO A 1 141 ? 14.438  -17.452 7.711   1.00 22.65 ? 137 PRO A O   1 
ATOM   1114 C CB  . PRO A 1 141 ? 16.992  -17.273 9.674   1.00 24.70 ? 137 PRO A CB  1 
ATOM   1115 C CG  . PRO A 1 141 ? 17.754  -16.465 10.698  1.00 25.30 ? 137 PRO A CG  1 
ATOM   1116 C CD  . PRO A 1 141 ? 16.702  -15.630 11.398  1.00 23.90 ? 137 PRO A CD  1 
ATOM   1117 N N   . ALA A 1 142 ? 13.812  -17.432 9.859   1.00 26.14 ? 138 ALA A N   1 
ATOM   1118 C CA  . ALA A 1 142 ? 12.507  -18.108 9.680   1.00 24.93 ? 138 ALA A CA  1 
ATOM   1119 C C   . ALA A 1 142 ? 11.524  -17.150 8.984   1.00 25.16 ? 138 ALA A C   1 
ATOM   1120 O O   . ALA A 1 142 ? 10.832  -17.561 8.022   1.00 24.82 ? 138 ALA A O   1 
ATOM   1121 C CB  . ALA A 1 142 ? 12.005  -18.576 11.018  1.00 25.35 ? 138 ALA A CB  1 
ATOM   1122 N N   . PHE A 1 143 ? 11.466  -15.901 9.444   1.00 25.10 ? 139 PHE A N   1 
ATOM   1123 C CA  . PHE A 1 143 ? 10.654  -14.832 8.813   1.00 23.06 ? 139 PHE A CA  1 
ATOM   1124 C C   . PHE A 1 143 ? 10.993  -14.727 7.319   1.00 22.70 ? 139 PHE A C   1 
ATOM   1125 O O   . PHE A 1 143 ? 10.060  -14.698 6.470   1.00 22.53 ? 139 PHE A O   1 
ATOM   1126 C CB  . PHE A 1 143 ? 10.837  -13.485 9.513   1.00 22.82 ? 139 PHE A CB  1 
ATOM   1127 C CG  . PHE A 1 143 ? 10.141  -12.403 8.732   1.00 21.82 ? 139 PHE A CG  1 
ATOM   1128 C CD1 . PHE A 1 143 ? 8.767   -12.244 8.828   1.00 21.13 ? 139 PHE A CD1 1 
ATOM   1129 C CD2 . PHE A 1 143 ? 10.831  -11.656 7.793   1.00 20.37 ? 139 PHE A CD2 1 
ATOM   1130 C CE1 . PHE A 1 143 ? 8.110   -11.301 8.051   1.00 20.65 ? 139 PHE A CE1 1 
ATOM   1131 C CE2 . PHE A 1 143 ? 10.168  -10.721 7.009   1.00 21.17 ? 139 PHE A CE2 1 
ATOM   1132 C CZ  . PHE A 1 143 ? 8.810   -10.542 7.144   1.00 19.88 ? 139 PHE A CZ  1 
ATOM   1133 N N   . LEU A 1 144 ? 12.283  -14.692 6.981   1.00 22.75 ? 140 LEU A N   1 
ATOM   1134 C CA  . LEU A 1 144 ? 12.727  -14.508 5.574   1.00 23.11 ? 140 LEU A CA  1 
ATOM   1135 C C   . LEU A 1 144 ? 12.293  -15.736 4.775   1.00 24.60 ? 140 LEU A C   1 
ATOM   1136 O O   . LEU A 1 144 ? 11.697  -15.559 3.710   1.00 22.13 ? 140 LEU A O   1 
ATOM   1137 C CB  . LEU A 1 144 ? 14.245  -14.300 5.516   1.00 23.09 ? 140 LEU A CB  1 
ATOM   1138 C CG  . LEU A 1 144 ? 14.752  -12.975 6.083   1.00 22.22 ? 140 LEU A CG  1 
ATOM   1139 C CD1 . LEU A 1 144 ? 16.270  -12.971 6.190   1.00 23.76 ? 140 LEU A CD1 1 
ATOM   1140 C CD2 . LEU A 1 144 ? 14.297  -11.803 5.242   1.00 22.72 ? 140 LEU A CD2 1 
ATOM   1141 N N   . LYS A 1 145 ? 12.522  -16.940 5.302   1.00 27.10 ? 141 LYS A N   1 
ATOM   1142 C CA  . LYS A 1 145 ? 12.118  -18.193 4.612   1.00 29.61 ? 141 LYS A CA  1 
ATOM   1143 C C   . LYS A 1 145 ? 10.612  -18.139 4.314   1.00 26.50 ? 141 LYS A C   1 
ATOM   1144 O O   . LYS A 1 145 ? 10.230  -18.378 3.148   1.00 26.27 ? 141 LYS A O   1 
ATOM   1145 C CB  . LYS A 1 145 ? 12.472  -19.436 5.435   1.00 35.53 ? 141 LYS A CB  1 
ATOM   1146 C CG  . LYS A 1 145 ? 12.138  -20.754 4.744   1.00 39.82 ? 141 LYS A CG  1 
ATOM   1147 C CD  . LYS A 1 145 ? 11.988  -21.933 5.680   1.00 45.02 ? 141 LYS A CD  1 
ATOM   1148 C CE  . LYS A 1 145 ? 11.151  -23.041 5.069   1.00 50.60 ? 141 LYS A CE  1 
ATOM   1149 N NZ  . LYS A 1 145 ? 11.404  -24.348 5.724   1.00 55.06 ? 141 LYS A NZ  1 
ATOM   1150 N N   . ASN A 1 146 ? 9.793   -17.827 5.320   1.00 25.45 ? 142 ASN A N   1 
ATOM   1151 C CA  . ASN A 1 146 ? 8.305   -17.861 5.221   1.00 23.34 ? 142 ASN A CA  1 
ATOM   1152 C C   . ASN A 1 146 ? 7.821   -16.751 4.277   1.00 22.10 ? 142 ASN A C   1 
ATOM   1153 O O   . ASN A 1 146 ? 6.950   -17.006 3.442   1.00 21.54 ? 142 ASN A O   1 
ATOM   1154 C CB  . ASN A 1 146 ? 7.650   -17.769 6.601   1.00 23.29 ? 142 ASN A CB  1 
ATOM   1155 C CG  . ASN A 1 146 ? 7.884   -18.997 7.447   1.00 26.12 ? 142 ASN A CG  1 
ATOM   1156 O OD1 . ASN A 1 146 ? 8.220   -18.894 8.631   1.00 29.38 ? 142 ASN A OD1 1 
ATOM   1157 N ND2 . ASN A 1 146 ? 7.702   -20.164 6.857   1.00 24.65 ? 142 ASN A ND2 1 
ATOM   1158 N N   . ALA A 1 147 ? 8.391   -15.555 4.371   1.00 21.74 ? 143 ALA A N   1 
ATOM   1159 C CA  . ALA A 1 147 ? 7.991   -14.414 3.529   1.00 22.09 ? 143 ALA A CA  1 
ATOM   1160 C C   . ALA A 1 147 ? 8.310   -14.740 2.066   1.00 22.36 ? 143 ALA A C   1 
ATOM   1161 O O   . ALA A 1 147 ? 7.440   -14.511 1.211   1.00 19.47 ? 143 ALA A O   1 
ATOM   1162 C CB  . ALA A 1 147 ? 8.656   -13.149 4.014   1.00 23.63 ? 143 ALA A CB  1 
ATOM   1163 N N   . ARG A 1 148 ? 9.486   -15.313 1.792   1.00 22.14 ? 144 ARG A N   1 
ATOM   1164 C CA  . ARG A 1 148 ? 9.883   -15.708 0.411   1.00 24.39 ? 144 ARG A CA  1 
ATOM   1165 C C   . ARG A 1 148 ? 8.944   -16.810 -0.094  1.00 22.22 ? 144 ARG A C   1 
ATOM   1166 O O   . ARG A 1 148 ? 8.588   -16.794 -1.284  1.00 21.13 ? 144 ARG A O   1 
ATOM   1167 C CB  . ARG A 1 148 ? 11.361  -16.112 0.369   1.00 24.93 ? 144 ARG A CB  1 
ATOM   1168 C CG  . ARG A 1 148 ? 12.311  -14.931 0.263   1.00 26.11 ? 144 ARG A CG  1 
ATOM   1169 C CD  . ARG A 1 148 ? 13.678  -15.339 -0.253  1.00 29.18 ? 144 ARG A CD  1 
ATOM   1170 N NE  . ARG A 1 148 ? 14.253  -16.348 0.612   1.00 31.35 ? 144 ARG A NE  1 
ATOM   1171 C CZ  . ARG A 1 148 ? 15.077  -16.121 1.632   1.00 33.60 ? 144 ARG A CZ  1 
ATOM   1172 N NH1 . ARG A 1 148 ? 15.481  -14.897 1.928   1.00 34.89 ? 144 ARG A NH1 1 
ATOM   1173 N NH2 . ARG A 1 148 ? 15.508  -17.142 2.350   1.00 33.37 ? 144 ARG A NH2 1 
ATOM   1174 N N   . GLN A 1 149 ? 8.518   -17.717 0.778   1.00 22.61 ? 145 GLN A N   1 
ATOM   1175 C CA  . GLN A 1 149 ? 7.628   -18.835 0.368   1.00 25.04 ? 145 GLN A CA  1 
ATOM   1176 C C   . GLN A 1 149 ? 6.282   -18.236 -0.054  1.00 24.26 ? 145 GLN A C   1 
ATOM   1177 O O   . GLN A 1 149 ? 5.821   -18.539 -1.148  1.00 23.40 ? 145 GLN A O   1 
ATOM   1178 C CB  . GLN A 1 149 ? 7.526   -19.847 1.503   1.00 29.32 ? 145 GLN A CB  1 
ATOM   1179 C CG  . GLN A 1 149 ? 6.642   -21.045 1.191   1.00 33.53 ? 145 GLN A CG  1 
ATOM   1180 C CD  . GLN A 1 149 ? 6.648   -22.028 2.337   1.00 37.87 ? 145 GLN A CD  1 
ATOM   1181 O OE1 . GLN A 1 149 ? 6.707   -21.651 3.507   1.00 44.44 ? 145 GLN A OE1 1 
ATOM   1182 N NE2 . GLN A 1 149 ? 6.613   -23.308 2.004   1.00 41.89 ? 145 GLN A NE2 1 
ATOM   1183 N N   . TRP A 1 150 ? 5.711   -17.367 0.781   1.00 24.89 ? 146 TRP A N   1 
ATOM   1184 C CA  . TRP A 1 150 ? 4.437   -16.655 0.503   1.00 26.40 ? 146 TRP A CA  1 
ATOM   1185 C C   . TRP A 1 150 ? 4.520   -15.888 -0.814  1.00 23.46 ? 146 TRP A C   1 
ATOM   1186 O O   . TRP A 1 150 ? 3.515   -15.909 -1.570  1.00 20.89 ? 146 TRP A O   1 
ATOM   1187 C CB  . TRP A 1 150 ? 4.082   -15.727 1.660   1.00 31.68 ? 146 TRP A CB  1 
ATOM   1188 C CG  . TRP A 1 150 ? 3.320   -16.460 2.709   1.00 39.49 ? 146 TRP A CG  1 
ATOM   1189 C CD1 . TRP A 1 150 ? 3.772   -17.476 3.500   1.00 43.94 ? 146 TRP A CD1 1 
ATOM   1190 C CD2 . TRP A 1 150 ? 1.939   -16.272 3.038   1.00 44.22 ? 146 TRP A CD2 1 
ATOM   1191 N NE1 . TRP A 1 150 ? 2.771   -17.910 4.327   1.00 47.67 ? 146 TRP A NE1 1 
ATOM   1192 C CE2 . TRP A 1 150 ? 1.634   -17.189 4.068   1.00 47.88 ? 146 TRP A CE2 1 
ATOM   1193 C CE3 . TRP A 1 150 ? 0.949   -15.394 2.593   1.00 43.68 ? 146 TRP A CE3 1 
ATOM   1194 C CZ2 . TRP A 1 150 ? 0.374   -17.255 4.661   1.00 49.52 ? 146 TRP A CZ2 1 
ATOM   1195 C CZ3 . TRP A 1 150 ? -0.299  -15.474 3.167   1.00 50.00 ? 146 TRP A CZ3 1 
ATOM   1196 C CH2 . TRP A 1 150 ? -0.581  -16.389 4.187   1.00 50.15 ? 146 TRP A CH2 1 
ATOM   1197 N N   . THR A 1 151 ? 5.647   -15.213 -1.064  1.00 20.32 ? 147 THR A N   1 
ATOM   1198 C CA  . THR A 1 151 ? 5.854   -14.454 -2.316  1.00 20.25 ? 147 THR A CA  1 
ATOM   1199 C C   . THR A 1 151 ? 5.709   -15.437 -3.482  1.00 21.27 ? 147 THR A C   1 
ATOM   1200 O O   . THR A 1 151 ? 4.922   -15.169 -4.411  1.00 22.12 ? 147 THR A O   1 
ATOM   1201 C CB  . THR A 1 151 ? 7.190   -13.698 -2.287  1.00 19.82 ? 147 THR A CB  1 
ATOM   1202 O OG1 . THR A 1 151 ? 7.136   -12.789 -1.185  1.00 18.69 ? 147 THR A OG1 1 
ATOM   1203 C CG2 . THR A 1 151 ? 7.474   -12.961 -3.576  1.00 19.55 ? 147 THR A CG2 1 
ATOM   1204 N N   . GLU A 1 152 ? 6.420   -16.557 -3.423  1.00 23.69 ? 148 GLU A N   1 
ATOM   1205 C CA  . GLU A 1 152 ? 6.446   -17.554 -4.521  1.00 25.91 ? 148 GLU A CA  1 
ATOM   1206 C C   . GLU A 1 152 ? 5.047   -18.155 -4.686  1.00 25.38 ? 148 GLU A C   1 
ATOM   1207 O O   . GLU A 1 152 ? 4.657   -18.446 -5.825  1.00 23.02 ? 148 GLU A O   1 
ATOM   1208 C CB  . GLU A 1 152 ? 7.470   -18.651 -4.234  1.00 31.52 ? 148 GLU A CB  1 
ATOM   1209 C CG  . GLU A 1 152 ? 8.099   -19.208 -5.499  1.00 38.08 ? 148 GLU A CG  1 
ATOM   1210 C CD  . GLU A 1 152 ? 9.105   -18.282 -6.148  1.00 40.87 ? 148 GLU A CD  1 
ATOM   1211 O OE1 . GLU A 1 152 ? 9.931   -17.711 -5.414  1.00 43.82 ? 148 GLU A OE1 1 
ATOM   1212 O OE2 . GLU A 1 152 ? 9.060   -18.146 -7.384  1.00 45.57 ? 148 GLU A OE2 1 
ATOM   1213 N N   . LYS A 1 153 ? 4.308   -18.328 -3.594  1.00 23.56 ? 149 LYS A N   1 
ATOM   1214 C CA  . LYS A 1 153 ? 2.982   -18.976 -3.657  1.00 25.43 ? 149 LYS A CA  1 
ATOM   1215 C C   . LYS A 1 153 ? 1.966   -18.014 -4.283  1.00 25.07 ? 149 LYS A C   1 
ATOM   1216 O O   . LYS A 1 153 ? 1.126   -18.480 -5.092  1.00 22.46 ? 149 LYS A O   1 
ATOM   1217 C CB  . LYS A 1 153 ? 2.530   -19.417 -2.267  1.00 27.60 ? 149 LYS A CB  1 
ATOM   1218 C CG  . LYS A 1 153 ? 1.129   -20.006 -2.239  1.00 29.57 ? 149 LYS A CG  1 
ATOM   1219 C CD  . LYS A 1 153 ? 0.710   -20.442 -0.864  1.00 32.75 ? 149 LYS A CD  1 
ATOM   1220 C CE  . LYS A 1 153 ? -0.430  -21.429 -0.904  1.00 34.10 ? 149 LYS A CE  1 
ATOM   1221 N NZ  . LYS A 1 153 ? -0.523  -22.154 0.381   1.00 36.67 ? 149 LYS A NZ  1 
ATOM   1222 N N   . HIS A 1 154 ? 2.027   -16.734 -3.915  1.00 23.07 ? 150 HIS A N   1 
ATOM   1223 C CA  . HIS A 1 154 ? 0.915   -15.771 -4.107  1.00 23.20 ? 150 HIS A CA  1 
ATOM   1224 C C   . HIS A 1 154 ? 1.267   -14.641 -5.086  1.00 21.93 ? 150 HIS A C   1 
ATOM   1225 O O   . HIS A 1 154 ? 0.319   -14.157 -5.720  1.00 22.22 ? 150 HIS A O   1 
ATOM   1226 C CB  . HIS A 1 154 ? 0.455   -15.213 -2.750  1.00 24.17 ? 150 HIS A CB  1 
ATOM   1227 C CG  . HIS A 1 154 ? -0.221  -16.231 -1.899  1.00 24.98 ? 150 HIS A CG  1 
ATOM   1228 N ND1 . HIS A 1 154 ? -1.366  -16.886 -2.315  1.00 27.20 ? 150 HIS A ND1 1 
ATOM   1229 C CD2 . HIS A 1 154 ? 0.069   -16.701 -0.667  1.00 25.30 ? 150 HIS A CD2 1 
ATOM   1230 C CE1 . HIS A 1 154 ? -1.743  -17.733 -1.377  1.00 28.21 ? 150 HIS A CE1 1 
ATOM   1231 N NE2 . HIS A 1 154 ? -0.883  -17.629 -0.351  1.00 27.98 ? 150 HIS A NE2 1 
ATOM   1232 N N   . ALA A 1 155 ? 2.526   -14.201 -5.190  1.00 21.31 ? 151 ALA A N   1 
ATOM   1233 C CA  . ALA A 1 155 ? 2.883   -12.904 -5.824  1.00 23.09 ? 151 ALA A CA  1 
ATOM   1234 C C   . ALA A 1 155 ? 3.652   -13.106 -7.134  1.00 24.59 ? 151 ALA A C   1 
ATOM   1235 O O   . ALA A 1 155 ? 4.104   -12.104 -7.706  1.00 24.04 ? 151 ALA A O   1 
ATOM   1236 C CB  . ALA A 1 155 ? 3.663   -12.051 -4.853  1.00 23.17 ? 151 ALA A CB  1 
ATOM   1237 N N   . ARG A 1 156 ? 3.737   -14.344 -7.612  1.00 31.15 ? 152 ARG A N   1 
ATOM   1238 C CA  . ARG A 1 156 ? 4.552   -14.748 -8.789  1.00 39.75 ? 152 ARG A CA  1 
ATOM   1239 C C   . ARG A 1 156 ? 3.703   -15.630 -9.702  1.00 44.66 ? 152 ARG A C   1 
ATOM   1240 O O   . ARG A 1 156 ? 3.607   -16.831 -9.406  1.00 54.36 ? 152 ARG A O   1 
ATOM   1241 C CB  . ARG A 1 156 ? 5.785   -15.526 -8.320  1.00 41.19 ? 152 ARG A CB  1 
ATOM   1242 C CG  . ARG A 1 156 ? 6.908   -14.660 -7.774  1.00 43.83 ? 152 ARG A CG  1 
ATOM   1243 C CD  . ARG A 1 156 ? 8.097   -14.611 -8.721  1.00 48.64 ? 152 ARG A CD  1 
ATOM   1244 N NE  . ARG A 1 156 ? 9.121   -15.584 -8.377  1.00 53.02 ? 152 ARG A NE  1 
ATOM   1245 C CZ  . ARG A 1 156 ? 10.261  -15.768 -9.037  1.00 54.22 ? 152 ARG A CZ  1 
ATOM   1246 N NH1 . ARG A 1 156 ? 10.541  -15.037 -10.105 1.00 56.69 ? 152 ARG A NH1 1 
ATOM   1247 N NH2 . ARG A 1 156 ? 11.119  -16.687 -8.624  1.00 54.06 ? 152 ARG A NH2 1 
ATOM   1248 N N   . GLN A 1 157 ? 3.101   -15.061 -10.746 1.00 53.28 ? 153 GLN A N   1 
ATOM   1249 C CA  . GLN A 1 157 ? 2.516   -15.831 -11.880 1.00 58.61 ? 153 GLN A CA  1 
ATOM   1250 C C   . GLN A 1 157 ? 3.661   -16.384 -12.741 1.00 61.87 ? 153 GLN A C   1 
ATOM   1251 O O   . GLN A 1 157 ? 3.694   -17.553 -13.144 1.00 66.98 ? 153 GLN A O   1 
ATOM   1252 C CB  . GLN A 1 157 ? 1.612   -14.957 -12.750 1.00 60.83 ? 153 GLN A CB  1 
ATOM   1253 C CG  . GLN A 1 157 ? 0.429   -14.335 -12.019 1.00 59.50 ? 153 GLN A CG  1 
ATOM   1254 C CD  . GLN A 1 157 ? -0.209  -13.269 -12.875 1.00 60.55 ? 153 GLN A CD  1 
ATOM   1255 O OE1 . GLN A 1 157 ? -0.117  -13.295 -14.101 1.00 60.76 ? 153 GLN A OE1 1 
ATOM   1256 N NE2 . GLN A 1 157 ? -0.857  -12.311 -12.236 1.00 60.26 ? 153 GLN A NE2 1 
HETATM 1257 O O   . HOH B 2 .   ? -15.403 14.447  -6.848  1.00 27.03 ? 201 HOH A O   1 
HETATM 1258 O O   . HOH B 2 .   ? 14.520  -8.862  13.230  1.00 29.01 ? 202 HOH A O   1 
HETATM 1259 O O   . HOH B 2 .   ? 9.284   4.218   -5.295  1.00 32.91 ? 203 HOH A O   1 
HETATM 1260 O O   . HOH B 2 .   ? 6.155   7.321   4.548   1.00 30.86 ? 204 HOH A O   1 
HETATM 1261 O O   . HOH B 2 .   ? 10.940  -13.233 -3.156  1.00 29.14 ? 205 HOH A O   1 
HETATM 1262 O O   . HOH B 2 .   ? -11.656 14.192  7.664   1.00 26.83 ? 206 HOH A O   1 
HETATM 1263 O O   . HOH B 2 .   ? 14.120  -19.060 1.522   1.00 29.69 ? 207 HOH A O   1 
HETATM 1264 O O   . HOH B 2 .   ? -7.042  8.839   13.303  1.00 53.53 ? 208 HOH A O   1 
HETATM 1265 O O   . HOH B 2 .   ? -8.307  20.134  -6.852  1.00 35.39 ? 209 HOH A O   1 
HETATM 1266 O O   . HOH B 2 .   ? 3.238   0.554   10.463  1.00 26.46 ? 210 HOH A O   1 
HETATM 1267 O O   . HOH B 2 .   ? -7.232  15.694  6.342   1.00 20.91 ? 211 HOH A O   1 
HETATM 1268 O O   . HOH B 2 .   ? -12.689 17.031  -1.059  1.00 29.38 ? 212 HOH A O   1 
HETATM 1269 O O   . HOH B 2 .   ? -11.832 -3.885  -0.337  1.00 21.98 ? 213 HOH A O   1 
HETATM 1270 O O   . HOH B 2 .   ? -5.846  -1.204  4.810   1.00 15.52 ? 214 HOH A O   1 
HETATM 1271 O O   . HOH B 2 .   ? 11.692  -19.740 1.395   1.00 25.05 ? 215 HOH A O   1 
HETATM 1272 O O   . HOH B 2 .   ? 8.320   4.573   -12.361 1.00 45.15 ? 216 HOH A O   1 
HETATM 1273 O O   . HOH B 2 .   ? 0.782   -11.002 6.679   1.00 19.27 ? 217 HOH A O   1 
HETATM 1274 O O   . HOH B 2 .   ? 9.511   -5.316  -1.010  1.00 28.44 ? 218 HOH A O   1 
HETATM 1275 O O   . HOH B 2 .   ? -0.666  10.670  -6.591  1.00 21.87 ? 219 HOH A O   1 
HETATM 1276 O O   . HOH B 2 .   ? 9.165   -7.849  -8.467  1.00 29.32 ? 220 HOH A O   1 
HETATM 1277 O O   . HOH B 2 .   ? 6.285   2.434   -12.137 1.00 19.62 ? 221 HOH A O   1 
HETATM 1278 O O   . HOH B 2 .   ? 14.288  0.522   2.625   1.00 38.23 ? 222 HOH A O   1 
HETATM 1279 O O   . HOH B 2 .   ? 0.793   3.879   -12.973 1.00 19.71 ? 223 HOH A O   1 
HETATM 1280 O O   . HOH B 2 .   ? -15.124 13.533  6.927   1.00 28.00 ? 224 HOH A O   1 
HETATM 1281 O O   . HOH B 2 .   ? -16.997 0.430   -14.898 1.00 40.27 ? 225 HOH A O   1 
HETATM 1282 O O   . HOH B 2 .   ? -1.326  19.017  4.311   1.00 26.12 ? 226 HOH A O   1 
HETATM 1283 O O   . HOH B 2 .   ? 8.637   1.754   7.048   1.00 20.39 ? 227 HOH A O   1 
HETATM 1284 O O   . HOH B 2 .   ? -3.648  11.579  -20.246 1.00 22.58 ? 228 HOH A O   1 
HETATM 1285 O O   . HOH B 2 .   ? 6.511   3.233   5.446   1.00 27.27 ? 229 HOH A O   1 
HETATM 1286 O O   . HOH B 2 .   ? -7.104  4.626   4.898   1.00 17.19 ? 230 HOH A O   1 
HETATM 1287 O O   . HOH B 2 .   ? -15.399 2.738   1.533   1.00 36.08 ? 231 HOH A O   1 
HETATM 1288 O O   . HOH B 2 .   ? -3.153  -16.094 -4.239  1.00 29.80 ? 232 HOH A O   1 
HETATM 1289 O O   . HOH B 2 .   ? -11.370 2.489   -11.764 1.00 22.30 ? 233 HOH A O   1 
HETATM 1290 O O   . HOH B 2 .   ? 16.106  -7.244  11.156  1.00 37.53 ? 234 HOH A O   1 
HETATM 1291 O O   . HOH B 2 .   ? -7.227  -3.555  -13.736 1.00 35.88 ? 235 HOH A O   1 
HETATM 1292 O O   . HOH B 2 .   ? 3.273   -12.948 -0.777  1.00 17.85 ? 236 HOH A O   1 
HETATM 1293 O O   . HOH B 2 .   ? -2.023  -10.560 3.356   1.00 18.81 ? 237 HOH A O   1 
HETATM 1294 O O   . HOH B 2 .   ? -3.076  6.124   -14.012 1.00 21.57 ? 238 HOH A O   1 
HETATM 1295 O O   . HOH B 2 .   ? -15.383 18.673  2.463   1.00 17.85 ? 239 HOH A O   1 
HETATM 1296 O O   . HOH B 2 .   ? 4.275   -1.442  -10.251 1.00 21.39 ? 240 HOH A O   1 
HETATM 1297 O O   . HOH B 2 .   ? -9.224  -0.709  -0.227  1.00 21.82 ? 241 HOH A O   1 
HETATM 1298 O O   . HOH B 2 .   ? 0.629   -13.331 13.298  1.00 30.21 ? 242 HOH A O   1 
HETATM 1299 O O   . HOH B 2 .   ? 12.453  -2.938  9.843   1.00 30.95 ? 243 HOH A O   1 
HETATM 1300 O O   . HOH B 2 .   ? 3.329   3.350   10.276  1.00 24.98 ? 244 HOH A O   1 
HETATM 1301 O O   . HOH B 2 .   ? -2.635  -14.169 -5.486  1.00 31.09 ? 245 HOH A O   1 
HETATM 1302 O O   . HOH B 2 .   ? 6.821   16.504  3.656   1.00 35.04 ? 246 HOH A O   1 
HETATM 1303 O O   . HOH B 2 .   ? -5.680  -2.013  10.787  1.00 46.37 ? 247 HOH A O   1 
HETATM 1304 O O   . HOH B 2 .   ? -5.516  -11.553 9.638   1.00 29.83 ? 248 HOH A O   1 
HETATM 1305 O O   . HOH B 2 .   ? -6.276  2.315   4.222   1.00 21.27 ? 249 HOH A O   1 
HETATM 1306 O O   . HOH B 2 .   ? -5.730  0.865   6.279   1.00 44.50 ? 250 HOH A O   1 
HETATM 1307 O O   . HOH B 2 .   ? -7.561  -10.169 9.253   1.00 33.64 ? 251 HOH A O   1 
HETATM 1308 O O   . HOH B 2 .   ? 4.864   -12.541 1.100   1.00 17.99 ? 252 HOH A O   1 
HETATM 1309 O O   . HOH B 2 .   ? 5.532   6.015   6.577   1.00 35.61 ? 253 HOH A O   1 
HETATM 1310 O O   . HOH B 2 .   ? -19.188 20.108  -2.692  1.00 30.89 ? 254 HOH A O   1 
HETATM 1311 O O   . HOH B 2 .   ? -7.382  -11.329 -0.328  1.00 45.53 ? 255 HOH A O   1 
HETATM 1312 O O   . HOH B 2 .   ? -0.589  -13.193 6.544   1.00 28.78 ? 256 HOH A O   1 
HETATM 1313 O O   . HOH B 2 .   ? -24.421 19.229  -5.023  1.00 28.43 ? 257 HOH A O   1 
# 
